data_4WCZ
#
_entry.id   4WCZ
#
_cell.length_a   81.636
_cell.length_b   128.469
_cell.length_c   84.467
_cell.angle_alpha   90.000
_cell.angle_beta   116.360
_cell.angle_gamma   90.000
#
_symmetry.space_group_name_H-M   'P 1 21 1'
#
loop_
_entity.id
_entity.type
_entity.pdbx_description
1 polymer 'Enoyl-CoA hydratase/isomerase'
2 water water
#
_entity_poly.entity_id   1
_entity_poly.type   'polypeptide(L)'
_entity_poly.pdbx_seq_one_letter_code
;(MSE)HHHHHHSSGVDLGTQDNLYFQS(MSE)SLRLERDGAVARLLIDRADRRNAFSLD(MSE)WQRLPELLAEASGDDA
LRVLVVKSANGGAFCAGADIAELLANKDDAAFHAANQQAINRAQYELARFRLPTVA(MSE)VEGDCIGGGCGIALACD
(MSE)RIAAPAARFGITPAKLGLVYPLHDVKLLVDLVGPGQARRL(MSE)FTGGLIDANEAHRIGLVELLGESEDALVGQ
LATVSSFSTQAIKSFVRRVLDGQVADDADSLRVFASAFEGADFREGTGAFLEKRPPVF
;
_entity_poly.pdbx_strand_id   A,B,C,D,E,F
#
# COMPACT_ATOMS: atom_id res chain seq x y z
N MSE A 24 47.23 -27.06 2.22
CA MSE A 24 46.21 -26.05 2.62
C MSE A 24 44.85 -26.48 2.15
O MSE A 24 44.71 -27.11 1.11
CB MSE A 24 46.51 -24.66 2.03
CG MSE A 24 47.84 -24.07 2.50
SE MSE A 24 47.74 -23.44 4.36
CE MSE A 24 46.78 -21.75 4.08
N SER A 25 43.82 -26.13 2.92
CA SER A 25 42.44 -26.51 2.60
C SER A 25 41.85 -25.74 1.41
N LEU A 26 42.48 -24.62 1.05
CA LEU A 26 42.12 -23.88 -0.15
C LEU A 26 43.42 -23.46 -0.84
N ARG A 27 43.61 -23.87 -2.09
CA ARG A 27 44.86 -23.55 -2.80
C ARG A 27 44.65 -23.26 -4.28
N LEU A 28 45.63 -22.56 -4.86
CA LEU A 28 45.61 -22.19 -6.27
C LEU A 28 46.66 -22.98 -7.02
N GLU A 29 46.26 -23.58 -8.15
CA GLU A 29 47.20 -24.22 -9.07
C GLU A 29 47.18 -23.50 -10.40
N ARG A 30 48.34 -23.06 -10.87
CA ARG A 30 48.44 -22.35 -12.13
C ARG A 30 49.14 -23.22 -13.17
N ASP A 31 48.43 -23.51 -14.26
CA ASP A 31 48.92 -24.40 -15.31
C ASP A 31 48.76 -23.72 -16.67
N GLY A 32 49.53 -22.65 -16.86
CA GLY A 32 49.53 -21.92 -18.13
C GLY A 32 48.28 -21.09 -18.34
N ALA A 33 47.49 -21.46 -19.34
CA ALA A 33 46.25 -20.74 -19.63
C ALA A 33 45.16 -21.02 -18.59
N VAL A 34 45.29 -22.12 -17.86
CA VAL A 34 44.28 -22.52 -16.88
C VAL A 34 44.81 -22.42 -15.46
N ALA A 35 44.00 -21.85 -14.57
CA ALA A 35 44.24 -21.92 -13.13
C ALA A 35 43.09 -22.64 -12.48
N ARG A 36 43.38 -23.31 -11.37
CA ARG A 36 42.38 -24.03 -10.61
C ARG A 36 42.40 -23.55 -9.16
N LEU A 37 41.26 -23.09 -8.68
CA LEU A 37 41.06 -22.82 -7.27
C LEU A 37 40.47 -24.09 -6.66
N LEU A 38 41.26 -24.78 -5.84
CA LEU A 38 40.91 -26.10 -5.33
C LEU A 38 40.48 -26.04 -3.87
N ILE A 39 39.32 -26.64 -3.58
CA ILE A 39 38.82 -26.78 -2.21
C ILE A 39 39.17 -28.20 -1.74
N ASP A 40 39.98 -28.29 -0.68
CA ASP A 40 40.60 -29.55 -0.28
C ASP A 40 40.43 -29.81 1.22
N ARG A 41 39.21 -30.15 1.60
CA ARG A 41 38.88 -30.43 3.00
C ARG A 41 37.85 -31.56 3.05
N ALA A 42 38.22 -32.71 2.51
CA ALA A 42 37.29 -33.82 2.29
C ALA A 42 36.62 -34.35 3.56
N ASP A 43 37.31 -34.29 4.70
CA ASP A 43 36.75 -34.81 5.95
C ASP A 43 35.66 -33.92 6.56
N ARG A 44 35.49 -32.71 6.04
CA ARG A 44 34.36 -31.85 6.42
C ARG A 44 33.50 -31.51 5.20
N ARG A 45 33.53 -32.36 4.18
CA ARG A 45 32.79 -32.18 2.94
C ARG A 45 33.03 -30.79 2.33
N ASN A 46 34.30 -30.37 2.35
CA ASN A 46 34.72 -29.08 1.80
C ASN A 46 34.05 -27.85 2.40
N ALA A 47 33.64 -27.95 3.67
CA ALA A 47 33.02 -26.83 4.37
C ALA A 47 34.04 -25.71 4.60
N PHE A 48 33.58 -24.47 4.45
CA PHE A 48 34.43 -23.29 4.60
C PHE A 48 34.46 -22.80 6.04
N SER A 49 35.67 -22.57 6.53
CA SER A 49 35.89 -21.89 7.79
C SER A 49 36.14 -20.42 7.50
N LEU A 50 36.22 -19.61 8.54
CA LEU A 50 36.48 -18.18 8.39
C LEU A 50 37.81 -17.92 7.70
N ASP A 51 38.85 -18.67 8.08
CA ASP A 51 40.18 -18.45 7.50
C ASP A 51 40.21 -18.72 5.99
N MSE A 52 39.42 -19.69 5.53
CA MSE A 52 39.32 -20.01 4.10
C MSE A 52 38.67 -18.88 3.35
O MSE A 52 39.16 -18.49 2.29
CB MSE A 52 38.56 -21.32 3.90
CG MSE A 52 39.42 -22.48 4.34
SE MSE A 52 38.33 -24.10 4.65
CE MSE A 52 38.00 -24.63 2.79
N TRP A 53 37.57 -18.35 3.87
CA TRP A 53 36.90 -17.18 3.28
C TRP A 53 37.86 -15.99 3.14
N GLN A 54 38.64 -15.74 4.20
CA GLN A 54 39.61 -14.64 4.20
C GLN A 54 40.76 -14.86 3.22
N ARG A 55 41.11 -16.12 2.99
CA ARG A 55 42.18 -16.50 2.08
C ARG A 55 41.80 -16.39 0.59
N LEU A 56 40.52 -16.56 0.28
CA LEU A 56 40.07 -16.65 -1.11
C LEU A 56 40.43 -15.42 -1.97
N PRO A 57 40.19 -14.19 -1.47
CA PRO A 57 40.58 -13.00 -2.24
C PRO A 57 42.09 -12.91 -2.56
N GLU A 58 42.94 -13.40 -1.65
CA GLU A 58 44.39 -13.38 -1.84
C GLU A 58 44.77 -14.29 -3.02
N LEU A 59 44.11 -15.44 -3.08
CA LEU A 59 44.35 -16.40 -4.16
C LEU A 59 43.84 -15.86 -5.49
N LEU A 60 42.70 -15.18 -5.47
CA LEU A 60 42.19 -14.51 -6.68
C LEU A 60 43.16 -13.45 -7.21
N ALA A 61 43.76 -12.69 -6.30
CA ALA A 61 44.74 -11.68 -6.66
C ALA A 61 45.98 -12.30 -7.30
N GLU A 62 46.45 -13.41 -6.73
CA GLU A 62 47.58 -14.16 -7.30
C GLU A 62 47.27 -14.62 -8.72
N ALA A 63 46.09 -15.20 -8.92
CA ALA A 63 45.68 -15.68 -10.24
C ALA A 63 45.54 -14.52 -11.22
N SER A 64 44.93 -13.43 -10.77
CA SER A 64 44.67 -12.29 -11.64
C SER A 64 45.95 -11.62 -12.15
N GLY A 65 47.03 -11.68 -11.35
CA GLY A 65 48.32 -11.11 -11.75
C GLY A 65 49.08 -11.86 -12.84
N ASP A 66 48.59 -13.05 -13.21
CA ASP A 66 49.22 -13.87 -14.26
C ASP A 66 48.67 -13.54 -15.65
N ASP A 67 49.50 -12.89 -16.48
CA ASP A 67 49.11 -12.48 -17.84
C ASP A 67 48.77 -13.64 -18.77
N ALA A 68 49.32 -14.82 -18.50
CA ALA A 68 49.08 -16.01 -19.32
C ALA A 68 47.70 -16.64 -19.08
N LEU A 69 47.07 -16.32 -17.95
CA LEU A 69 45.81 -16.94 -17.59
C LEU A 69 44.69 -16.60 -18.59
N ARG A 70 43.85 -17.60 -18.87
CA ARG A 70 42.67 -17.43 -19.73
C ARG A 70 41.36 -17.85 -19.04
N VAL A 71 41.44 -18.73 -18.05
CA VAL A 71 40.25 -19.24 -17.39
C VAL A 71 40.60 -19.77 -16.00
N LEU A 72 39.71 -19.51 -15.05
CA LEU A 72 39.84 -20.00 -13.68
C LEU A 72 38.75 -21.03 -13.42
N VAL A 73 39.17 -22.22 -12.99
CA VAL A 73 38.24 -23.29 -12.63
C VAL A 73 38.18 -23.41 -11.11
N VAL A 74 36.97 -23.41 -10.57
CA VAL A 74 36.74 -23.62 -9.15
C VAL A 74 36.19 -25.03 -8.99
N LYS A 75 36.83 -25.84 -8.16
CA LYS A 75 36.44 -27.25 -8.01
C LYS A 75 36.96 -27.86 -6.72
N SER A 76 36.43 -29.02 -6.39
CA SER A 76 36.95 -29.82 -5.31
C SER A 76 38.28 -30.44 -5.73
N ALA A 77 39.23 -30.50 -4.79
CA ALA A 77 40.51 -31.16 -5.05
C ALA A 77 40.35 -32.68 -5.20
N ASN A 78 39.31 -33.25 -4.59
CA ASN A 78 39.13 -34.70 -4.50
C ASN A 78 37.78 -35.20 -5.01
N GLY A 79 37.17 -34.48 -5.96
CA GLY A 79 35.81 -34.81 -6.38
C GLY A 79 34.85 -34.75 -5.20
N GLY A 80 33.78 -35.54 -5.27
CA GLY A 80 32.80 -35.60 -4.19
C GLY A 80 32.14 -34.24 -3.98
N ALA A 81 31.85 -33.92 -2.72
CA ALA A 81 31.18 -32.67 -2.37
C ALA A 81 31.97 -31.45 -2.86
N PHE A 82 31.26 -30.50 -3.44
CA PHE A 82 31.86 -29.25 -3.88
C PHE A 82 32.15 -28.39 -2.65
N CYS A 83 31.10 -28.13 -1.86
CA CYS A 83 31.23 -27.36 -0.64
C CYS A 83 29.92 -27.49 0.12
N ALA A 84 29.98 -28.12 1.29
CA ALA A 84 28.79 -28.36 2.12
C ALA A 84 28.33 -27.11 2.87
N GLY A 85 29.02 -25.98 2.68
CA GLY A 85 28.60 -24.71 3.25
C GLY A 85 29.44 -24.33 4.45
N ALA A 86 28.76 -23.93 5.53
CA ALA A 86 29.43 -23.44 6.72
C ALA A 86 30.02 -24.58 7.54
N ASP A 87 31.20 -24.33 8.08
CA ASP A 87 31.84 -25.21 9.04
C ASP A 87 30.95 -25.26 10.29
N ILE A 88 30.27 -26.39 10.50
CA ILE A 88 29.25 -26.48 11.56
C ILE A 88 29.84 -26.37 12.97
N ALA A 89 31.00 -26.98 13.20
CA ALA A 89 31.69 -26.87 14.48
C ALA A 89 32.05 -25.40 14.79
N GLU A 90 32.48 -24.68 13.76
CA GLU A 90 32.78 -23.26 13.89
C GLU A 90 31.52 -22.44 14.15
N LEU A 91 30.44 -22.74 13.43
CA LEU A 91 29.16 -22.06 13.63
C LEU A 91 28.67 -22.20 15.08
N LEU A 92 28.67 -23.43 15.59
CA LEU A 92 28.15 -23.70 16.92
C LEU A 92 29.04 -23.13 18.03
N ALA A 93 30.36 -23.23 17.86
CA ALA A 93 31.30 -22.67 18.84
C ALA A 93 31.15 -21.15 18.98
N ASN A 94 30.76 -20.48 17.90
CA ASN A 94 30.67 -19.02 17.87
C ASN A 94 29.25 -18.47 17.83
N LYS A 95 28.26 -19.30 18.15
CA LYS A 95 26.85 -18.91 18.02
C LYS A 95 26.45 -17.70 18.88
N ASP A 96 27.21 -17.42 19.95
CA ASP A 96 26.96 -16.24 20.79
C ASP A 96 28.05 -15.16 20.66
N ASP A 97 28.83 -15.21 19.58
CA ASP A 97 29.99 -14.32 19.42
C ASP A 97 29.74 -13.28 18.32
N ALA A 98 29.30 -12.08 18.71
CA ALA A 98 28.94 -11.03 17.77
C ALA A 98 30.12 -10.60 16.89
N ALA A 99 31.33 -10.60 17.46
CA ALA A 99 32.54 -10.24 16.71
C ALA A 99 32.81 -11.23 15.58
N PHE A 100 32.64 -12.53 15.86
CA PHE A 100 32.80 -13.55 14.84
C PHE A 100 31.76 -13.39 13.72
N HIS A 101 30.51 -13.15 14.09
CA HIS A 101 29.45 -13.02 13.08
C HIS A 101 29.72 -11.85 12.14
N ALA A 102 30.17 -10.72 12.69
CA ALA A 102 30.50 -9.55 11.87
C ALA A 102 31.68 -9.84 10.93
N ALA A 103 32.73 -10.46 11.47
CA ALA A 103 33.92 -10.82 10.69
C ALA A 103 33.58 -11.82 9.58
N ASN A 104 32.75 -12.81 9.92
CA ASN A 104 32.35 -13.83 8.98
C ASN A 104 31.50 -13.25 7.84
N GLN A 105 30.55 -12.38 8.21
CA GLN A 105 29.70 -11.68 7.22
C GLN A 105 30.55 -10.92 6.21
N GLN A 106 31.49 -10.12 6.72
CA GLN A 106 32.37 -9.33 5.86
C GLN A 106 33.27 -10.19 4.96
N ALA A 107 33.82 -11.27 5.51
CA ALA A 107 34.71 -12.14 4.75
C ALA A 107 33.99 -12.83 3.60
N ILE A 108 32.80 -13.34 3.87
CA ILE A 108 32.00 -14.00 2.84
C ILE A 108 31.60 -13.00 1.76
N ASN A 109 31.12 -11.83 2.17
CA ASN A 109 30.71 -10.80 1.22
C ASN A 109 31.86 -10.32 0.33
N ARG A 110 33.04 -10.14 0.92
CA ARG A 110 34.22 -9.77 0.14
C ARG A 110 34.56 -10.85 -0.88
N ALA A 111 34.59 -12.11 -0.43
CA ALA A 111 34.95 -13.23 -1.31
C ALA A 111 33.98 -13.36 -2.47
N GLN A 112 32.70 -13.29 -2.15
CA GLN A 112 31.64 -13.41 -3.15
C GLN A 112 31.69 -12.28 -4.16
N TYR A 113 31.89 -11.06 -3.67
CA TYR A 113 31.97 -9.89 -4.52
C TYR A 113 33.13 -10.01 -5.52
N GLU A 114 34.30 -10.42 -5.02
CA GLU A 114 35.50 -10.46 -5.84
C GLU A 114 35.48 -11.62 -6.84
N LEU A 115 35.02 -12.78 -6.40
CA LEU A 115 34.92 -13.92 -7.31
C LEU A 115 34.00 -13.63 -8.49
N ALA A 116 32.86 -13.02 -8.22
CA ALA A 116 31.87 -12.71 -9.27
C ALA A 116 32.38 -11.69 -10.30
N ARG A 117 33.38 -10.89 -9.92
CA ARG A 117 33.95 -9.87 -10.78
C ARG A 117 35.40 -10.18 -11.18
N PHE A 118 35.81 -11.44 -11.09
CA PHE A 118 37.13 -11.86 -11.54
C PHE A 118 37.28 -11.48 -13.01
N ARG A 119 38.46 -10.98 -13.41
CA ARG A 119 38.60 -10.37 -14.73
C ARG A 119 38.37 -11.35 -15.90
N LEU A 120 38.73 -12.62 -15.70
CA LEU A 120 38.62 -13.65 -16.74
C LEU A 120 37.42 -14.58 -16.53
N PRO A 121 37.09 -15.37 -17.56
CA PRO A 121 36.06 -16.40 -17.39
C PRO A 121 36.34 -17.34 -16.23
N THR A 122 35.29 -17.68 -15.49
CA THR A 122 35.37 -18.60 -14.37
C THR A 122 34.31 -19.71 -14.52
N VAL A 123 34.68 -20.92 -14.13
CA VAL A 123 33.81 -22.08 -14.24
C VAL A 123 33.81 -22.85 -12.94
N ALA A 124 32.62 -23.16 -12.42
CA ALA A 124 32.48 -24.06 -11.27
C ALA A 124 32.20 -25.47 -11.78
N MSE A 125 33.04 -26.44 -11.37
CA MSE A 125 32.84 -27.86 -11.70
C MSE A 125 32.29 -28.52 -10.47
O MSE A 125 33.02 -28.73 -9.50
CB MSE A 125 34.16 -28.49 -12.13
CG MSE A 125 34.11 -30.00 -12.38
SE MSE A 125 33.05 -30.40 -14.00
CE MSE A 125 31.57 -31.37 -13.13
N VAL A 126 31.00 -28.84 -10.47
CA VAL A 126 30.30 -29.34 -9.28
C VAL A 126 30.02 -30.85 -9.42
N GLU A 127 30.58 -31.65 -8.52
CA GLU A 127 30.50 -33.11 -8.60
C GLU A 127 29.76 -33.74 -7.42
N GLY A 128 29.23 -32.92 -6.53
CA GLY A 128 28.55 -33.41 -5.34
C GLY A 128 27.78 -32.29 -4.69
N ASP A 129 27.61 -32.40 -3.37
CA ASP A 129 26.85 -31.40 -2.62
C ASP A 129 27.44 -30.00 -2.75
N CYS A 130 26.55 -29.05 -3.04
CA CYS A 130 26.89 -27.65 -3.20
C CYS A 130 25.82 -26.87 -2.43
N ILE A 131 26.09 -26.62 -1.15
CA ILE A 131 25.07 -26.18 -0.20
C ILE A 131 25.42 -24.84 0.45
N GLY A 132 24.42 -23.95 0.50
CA GLY A 132 24.52 -22.70 1.25
C GLY A 132 25.59 -21.77 0.73
N GLY A 133 26.62 -21.54 1.55
CA GLY A 133 27.79 -20.78 1.14
C GLY A 133 28.54 -21.40 -0.02
N GLY A 134 28.48 -22.72 -0.12
CA GLY A 134 29.02 -23.43 -1.28
C GLY A 134 28.27 -23.05 -2.54
N CYS A 135 26.95 -22.94 -2.45
CA CYS A 135 26.13 -22.54 -3.57
C CYS A 135 26.44 -21.11 -3.98
N GLY A 136 26.71 -20.25 -2.98
CA GLY A 136 27.17 -18.89 -3.24
C GLY A 136 28.44 -18.83 -4.08
N ILE A 137 29.41 -19.68 -3.77
CA ILE A 137 30.65 -19.76 -4.55
C ILE A 137 30.34 -20.12 -6.01
N ALA A 138 29.53 -21.16 -6.20
CA ALA A 138 29.13 -21.60 -7.53
C ALA A 138 28.38 -20.51 -8.29
N LEU A 139 27.49 -19.81 -7.59
CA LEU A 139 26.71 -18.71 -8.18
C LEU A 139 27.57 -17.54 -8.62
N ALA A 140 28.69 -17.35 -7.94
CA ALA A 140 29.61 -16.26 -8.24
C ALA A 140 30.47 -16.54 -9.48
N CYS A 141 30.57 -17.80 -9.91
CA CYS A 141 31.27 -18.12 -11.16
C CYS A 141 30.42 -17.75 -12.38
N ASP A 142 31.06 -17.60 -13.54
CA ASP A 142 30.37 -17.21 -14.76
C ASP A 142 29.44 -18.30 -15.28
N MSE A 143 29.83 -19.55 -15.08
CA MSE A 143 29.01 -20.68 -15.48
C MSE A 143 29.33 -21.87 -14.62
O MSE A 143 30.38 -21.92 -13.96
CB MSE A 143 29.17 -20.97 -16.99
CG MSE A 143 30.59 -21.36 -17.41
SE MSE A 143 30.89 -20.86 -19.30
CE MSE A 143 31.40 -18.98 -19.01
N ARG A 144 28.42 -22.85 -14.62
CA ARG A 144 28.54 -24.03 -13.79
C ARG A 144 28.31 -25.28 -14.63
N ILE A 145 29.11 -26.31 -14.38
CA ILE A 145 28.91 -27.64 -14.94
C ILE A 145 28.57 -28.57 -13.77
N ALA A 146 27.52 -29.36 -13.94
CA ALA A 146 27.09 -30.31 -12.91
C ALA A 146 27.25 -31.74 -13.38
N ALA A 147 28.00 -32.52 -12.60
CA ALA A 147 28.10 -33.96 -12.81
C ALA A 147 26.86 -34.65 -12.20
N PRO A 148 26.64 -35.95 -12.52
CA PRO A 148 25.38 -36.58 -12.13
C PRO A 148 25.06 -36.60 -10.63
N ALA A 149 26.08 -36.60 -9.77
CA ALA A 149 25.85 -36.59 -8.32
C ALA A 149 25.67 -35.20 -7.71
N ALA A 150 25.77 -34.14 -8.52
CA ALA A 150 25.67 -32.78 -8.01
C ALA A 150 24.31 -32.52 -7.36
N ARG A 151 24.32 -31.85 -6.22
CA ARG A 151 23.09 -31.41 -5.56
C ARG A 151 23.26 -29.98 -5.05
N PHE A 152 22.18 -29.21 -5.14
CA PHE A 152 22.21 -27.78 -4.82
C PHE A 152 21.12 -27.41 -3.84
N GLY A 153 21.47 -26.54 -2.91
CA GLY A 153 20.50 -26.01 -1.96
C GLY A 153 21.04 -24.80 -1.25
N ILE A 154 20.11 -23.96 -0.80
CA ILE A 154 20.42 -22.76 -0.05
C ILE A 154 19.54 -22.82 1.20
N THR A 155 20.17 -22.98 2.36
CA THR A 155 19.48 -23.48 3.55
C THR A 155 19.38 -22.55 4.78
N PRO A 156 19.56 -21.22 4.62
CA PRO A 156 19.49 -20.38 5.83
C PRO A 156 18.14 -20.41 6.56
N ALA A 157 17.04 -20.61 5.84
CA ALA A 157 15.71 -20.66 6.46
C ALA A 157 15.55 -21.81 7.45
N LYS A 158 16.42 -22.82 7.35
CA LYS A 158 16.38 -23.94 8.30
C LYS A 158 17.09 -23.62 9.62
N LEU A 159 17.81 -22.49 9.68
CA LEU A 159 18.44 -22.03 10.92
C LEU A 159 17.98 -20.63 11.36
N GLY A 160 16.96 -20.07 10.73
CA GLY A 160 16.50 -18.72 11.08
C GLY A 160 17.46 -17.63 10.64
N LEU A 161 18.22 -17.89 9.58
CA LEU A 161 19.15 -16.90 9.04
C LEU A 161 18.65 -16.38 7.70
N VAL A 162 19.37 -15.40 7.16
CA VAL A 162 19.03 -14.76 5.89
C VAL A 162 20.17 -15.02 4.90
N TYR A 163 19.93 -14.77 3.62
CA TYR A 163 20.95 -14.87 2.58
C TYR A 163 21.38 -13.43 2.18
N PRO A 164 22.67 -13.19 1.93
CA PRO A 164 23.07 -11.82 1.55
C PRO A 164 22.38 -11.36 0.26
N LEU A 165 22.00 -10.09 0.20
CA LEU A 165 21.30 -9.56 -0.96
C LEU A 165 22.12 -9.73 -2.24
N HIS A 166 23.44 -9.51 -2.15
CA HIS A 166 24.34 -9.74 -3.28
C HIS A 166 24.11 -11.13 -3.90
N ASP A 167 23.95 -12.13 -3.05
CA ASP A 167 23.79 -13.50 -3.50
C ASP A 167 22.35 -13.85 -3.88
N VAL A 168 21.38 -13.20 -3.25
CA VAL A 168 20.00 -13.29 -3.71
C VAL A 168 19.94 -12.81 -5.18
N LYS A 169 20.64 -11.72 -5.47
CA LYS A 169 20.65 -11.19 -6.82
C LYS A 169 21.32 -12.16 -7.82
N LEU A 170 22.46 -12.75 -7.45
CA LEU A 170 23.11 -13.76 -8.29
C LEU A 170 22.16 -14.92 -8.63
N LEU A 171 21.36 -15.32 -7.63
CA LEU A 171 20.44 -16.42 -7.81
C LEU A 171 19.28 -16.01 -8.71
N VAL A 172 18.68 -14.85 -8.43
CA VAL A 172 17.52 -14.39 -9.20
C VAL A 172 17.92 -14.14 -10.67
N ASP A 173 19.13 -13.60 -10.87
CA ASP A 173 19.70 -13.40 -12.21
C ASP A 173 19.60 -14.67 -13.07
N LEU A 174 19.85 -15.83 -12.45
CA LEU A 174 19.91 -17.09 -13.17
C LEU A 174 18.58 -17.81 -13.30
N VAL A 175 17.82 -17.87 -12.21
CA VAL A 175 16.65 -18.74 -12.16
C VAL A 175 15.31 -18.02 -12.04
N GLY A 176 15.34 -16.69 -11.90
CA GLY A 176 14.14 -15.90 -11.70
C GLY A 176 13.61 -15.97 -10.26
N PRO A 177 12.63 -15.12 -9.94
CA PRO A 177 12.16 -14.99 -8.55
C PRO A 177 11.34 -16.16 -8.04
N GLY A 178 10.62 -16.86 -8.93
CA GLY A 178 9.81 -18.01 -8.54
C GLY A 178 10.66 -19.15 -8.00
N GLN A 179 11.68 -19.55 -8.78
CA GLN A 179 12.58 -20.62 -8.36
C GLN A 179 13.48 -20.17 -7.21
N ALA A 180 13.89 -18.92 -7.23
CA ALA A 180 14.71 -18.38 -6.14
C ALA A 180 13.99 -18.53 -4.81
N ARG A 181 12.72 -18.13 -4.77
CA ARG A 181 11.91 -18.26 -3.56
C ARG A 181 11.62 -19.73 -3.21
N ARG A 182 11.36 -20.56 -4.21
CA ARG A 182 11.18 -22.01 -3.98
C ARG A 182 12.38 -22.58 -3.23
N LEU A 183 13.59 -22.26 -3.70
CA LEU A 183 14.81 -22.80 -3.10
C LEU A 183 15.08 -22.21 -1.72
N MSE A 184 14.98 -20.89 -1.61
CA MSE A 184 15.35 -20.18 -0.38
C MSE A 184 14.32 -20.30 0.71
O MSE A 184 14.69 -20.33 1.89
CB MSE A 184 15.66 -18.72 -0.67
CG MSE A 184 16.95 -18.61 -1.48
SE MSE A 184 17.56 -16.74 -1.60
CE MSE A 184 16.06 -16.04 -2.67
N PHE A 185 13.03 -20.37 0.38
CA PHE A 185 12.01 -20.55 1.41
C PHE A 185 12.02 -21.97 2.00
N THR A 186 12.26 -22.99 1.17
CA THR A 186 12.20 -24.37 1.65
C THR A 186 13.54 -24.87 2.18
N GLY A 187 14.63 -24.38 1.62
CA GLY A 187 15.94 -24.94 1.92
C GLY A 187 16.10 -26.37 1.43
N GLY A 188 15.26 -26.77 0.48
CA GLY A 188 15.26 -28.14 -0.04
C GLY A 188 16.30 -28.29 -1.13
N LEU A 189 16.92 -29.47 -1.21
CA LEU A 189 17.92 -29.73 -2.23
C LEU A 189 17.27 -30.07 -3.55
N ILE A 190 17.94 -29.74 -4.64
CA ILE A 190 17.52 -30.19 -5.97
C ILE A 190 18.69 -30.91 -6.62
N ASP A 191 18.40 -31.85 -7.52
CA ASP A 191 19.44 -32.66 -8.16
C ASP A 191 20.00 -31.98 -9.42
N ALA A 192 20.98 -32.62 -10.04
CA ALA A 192 21.67 -32.05 -11.19
C ALA A 192 20.73 -31.72 -12.34
N ASN A 193 19.83 -32.65 -12.67
CA ASN A 193 18.89 -32.44 -13.77
C ASN A 193 17.92 -31.29 -13.54
N GLU A 194 17.43 -31.15 -12.31
CA GLU A 194 16.53 -30.03 -11.99
C GLU A 194 17.29 -28.69 -12.02
N ALA A 195 18.52 -28.68 -11.52
CA ALA A 195 19.35 -27.48 -11.56
C ALA A 195 19.63 -27.05 -13.00
N HIS A 196 19.86 -28.03 -13.88
CA HIS A 196 20.03 -27.78 -15.31
C HIS A 196 18.72 -27.24 -15.93
N ARG A 197 17.59 -27.86 -15.56
CA ARG A 197 16.29 -27.47 -16.10
C ARG A 197 15.91 -26.03 -15.78
N ILE A 198 16.20 -25.58 -14.56
CA ILE A 198 15.77 -24.24 -14.11
C ILE A 198 16.81 -23.14 -14.37
N GLY A 199 17.95 -23.50 -14.95
CA GLY A 199 18.98 -22.52 -15.30
C GLY A 199 19.98 -22.22 -14.20
N LEU A 200 20.02 -23.04 -13.16
CA LEU A 200 21.00 -22.85 -12.10
C LEU A 200 22.40 -23.28 -12.55
N VAL A 201 22.47 -24.31 -13.39
CA VAL A 201 23.70 -24.70 -14.06
C VAL A 201 23.46 -24.71 -15.56
N GLU A 202 24.50 -24.36 -16.32
CA GLU A 202 24.38 -24.19 -17.77
C GLU A 202 24.62 -25.49 -18.51
N LEU A 203 25.39 -26.40 -17.90
CA LEU A 203 25.88 -27.60 -18.58
C LEU A 203 25.85 -28.80 -17.66
N LEU A 204 25.52 -29.97 -18.22
CA LEU A 204 25.71 -31.25 -17.56
C LEU A 204 26.93 -31.94 -18.17
N GLY A 205 27.76 -32.53 -17.31
CA GLY A 205 28.94 -33.25 -17.79
C GLY A 205 29.81 -33.73 -16.65
N GLU A 206 30.72 -34.66 -16.97
CA GLU A 206 31.59 -35.26 -15.96
C GLU A 206 32.88 -34.47 -15.75
N SER A 207 33.23 -33.61 -16.72
CA SER A 207 34.52 -32.94 -16.72
C SER A 207 34.43 -31.54 -17.32
N GLU A 208 35.28 -30.64 -16.84
CA GLU A 208 35.36 -29.27 -17.38
C GLU A 208 36.29 -29.17 -18.62
N ASP A 209 36.98 -30.26 -18.95
CA ASP A 209 38.05 -30.24 -19.96
C ASP A 209 37.66 -29.65 -21.31
N ALA A 210 36.51 -30.08 -21.83
CA ALA A 210 36.06 -29.62 -23.15
C ALA A 210 35.75 -28.13 -23.14
N LEU A 211 35.02 -27.68 -22.13
CA LEU A 211 34.67 -26.26 -22.04
C LEU A 211 35.91 -25.40 -21.85
N VAL A 212 36.80 -25.83 -20.95
CA VAL A 212 38.04 -25.11 -20.67
C VAL A 212 38.92 -24.99 -21.90
N GLY A 213 38.95 -26.07 -22.69
CA GLY A 213 39.64 -26.05 -23.98
C GLY A 213 39.11 -24.95 -24.89
N GLN A 214 37.79 -24.81 -24.95
CA GLN A 214 37.18 -23.79 -25.81
C GLN A 214 37.49 -22.39 -25.30
N LEU A 215 37.33 -22.19 -24.00
CA LEU A 215 37.57 -20.89 -23.37
C LEU A 215 39.02 -20.44 -23.49
N ALA A 216 39.95 -21.39 -23.41
CA ALA A 216 41.39 -21.09 -23.40
C ALA A 216 41.92 -20.61 -24.76
N THR A 217 41.22 -20.94 -25.85
CA THR A 217 41.70 -20.65 -27.21
C THR A 217 41.13 -19.38 -27.85
N VAL A 218 40.13 -18.75 -27.25
CA VAL A 218 39.56 -17.50 -27.80
C VAL A 218 40.34 -16.28 -27.30
N SER A 219 40.02 -15.10 -27.84
CA SER A 219 40.68 -13.86 -27.44
C SER A 219 40.37 -13.46 -25.99
N SER A 220 41.43 -13.28 -25.19
CA SER A 220 41.27 -12.82 -23.80
C SER A 220 40.96 -11.32 -23.72
N PHE A 221 41.24 -10.56 -24.78
CA PHE A 221 40.71 -9.21 -24.89
C PHE A 221 39.18 -9.29 -24.93
N SER A 222 38.67 -10.12 -25.82
CA SER A 222 37.23 -10.28 -26.01
C SER A 222 36.50 -10.74 -24.74
N THR A 223 36.99 -11.82 -24.12
CA THR A 223 36.28 -12.38 -22.96
C THR A 223 36.22 -11.39 -21.81
N GLN A 224 37.31 -10.69 -21.56
CA GLN A 224 37.36 -9.75 -20.45
C GLN A 224 36.42 -8.57 -20.68
N ALA A 225 36.40 -8.04 -21.90
CA ALA A 225 35.53 -6.92 -22.26
C ALA A 225 34.05 -7.32 -22.26
N ILE A 226 33.73 -8.49 -22.82
CA ILE A 226 32.37 -8.99 -22.83
C ILE A 226 31.90 -9.27 -21.40
N LYS A 227 32.77 -9.86 -20.59
CA LYS A 227 32.43 -10.09 -19.19
C LYS A 227 32.03 -8.80 -18.48
N SER A 228 32.80 -7.73 -18.70
CA SER A 228 32.46 -6.42 -18.13
C SER A 228 31.13 -5.86 -18.66
N PHE A 229 30.85 -6.05 -19.95
CA PHE A 229 29.55 -5.66 -20.51
C PHE A 229 28.37 -6.38 -19.85
N VAL A 230 28.52 -7.69 -19.62
CA VAL A 230 27.47 -8.46 -18.96
C VAL A 230 27.24 -7.93 -17.54
N ARG A 231 28.32 -7.62 -16.84
CA ARG A 231 28.24 -7.06 -15.50
C ARG A 231 27.53 -5.69 -15.53
N ARG A 232 27.84 -4.86 -16.52
CA ARG A 232 27.14 -3.57 -16.67
C ARG A 232 25.62 -3.77 -16.81
N VAL A 233 25.22 -4.73 -17.64
CA VAL A 233 23.82 -5.07 -17.85
C VAL A 233 23.18 -5.56 -16.55
N LEU A 234 23.88 -6.44 -15.84
CA LEU A 234 23.39 -6.94 -14.56
C LEU A 234 23.28 -5.84 -13.50
N ASP A 235 24.12 -4.83 -13.60
CA ASP A 235 24.09 -3.68 -12.70
C ASP A 235 23.09 -2.59 -13.15
N GLY A 236 22.35 -2.84 -14.23
CA GLY A 236 21.22 -1.97 -14.60
C GLY A 236 21.41 -1.13 -15.85
N GLN A 237 22.53 -1.28 -16.55
CA GLN A 237 22.74 -0.51 -17.78
C GLN A 237 21.81 -1.01 -18.86
N VAL A 238 21.07 -0.09 -19.47
CA VAL A 238 20.02 -0.41 -20.44
C VAL A 238 20.47 -0.19 -21.88
N ALA A 239 21.16 0.90 -22.16
CA ALA A 239 21.58 1.25 -23.52
C ALA A 239 23.09 1.39 -23.62
N ASP A 240 23.62 1.34 -24.85
CA ASP A 240 25.00 1.71 -25.10
C ASP A 240 25.19 3.19 -24.69
N ASP A 241 26.36 3.51 -24.15
CA ASP A 241 26.74 4.90 -23.86
C ASP A 241 28.12 5.17 -24.43
N ALA A 242 28.66 6.37 -24.24
CA ALA A 242 29.95 6.72 -24.86
C ALA A 242 31.04 5.72 -24.52
N ASP A 243 31.07 5.24 -23.29
CA ASP A 243 32.10 4.30 -22.88
C ASP A 243 31.97 2.93 -23.55
N SER A 244 30.76 2.38 -23.63
CA SER A 244 30.59 1.05 -24.24
C SER A 244 30.83 1.10 -25.75
N LEU A 245 30.52 2.23 -26.39
CA LEU A 245 30.82 2.40 -27.80
C LEU A 245 32.33 2.47 -28.02
N ARG A 246 33.02 3.14 -27.10
CA ARG A 246 34.48 3.27 -27.16
C ARG A 246 35.18 1.93 -26.98
N VAL A 247 34.71 1.13 -26.01
CA VAL A 247 35.26 -0.20 -25.76
C VAL A 247 35.15 -1.05 -27.02
N PHE A 248 33.97 -1.05 -27.63
CA PHE A 248 33.72 -1.77 -28.86
C PHE A 248 34.71 -1.35 -29.94
N ALA A 249 34.81 -0.04 -30.16
CA ALA A 249 35.71 0.50 -31.19
C ALA A 249 37.18 0.19 -30.90
N SER A 250 37.56 0.14 -29.62
CA SER A 250 38.96 -0.11 -29.23
C SER A 250 39.46 -1.49 -29.66
N ALA A 251 38.55 -2.43 -29.88
CA ALA A 251 38.93 -3.78 -30.33
C ALA A 251 39.70 -3.76 -31.64
N PHE A 252 39.33 -2.85 -32.54
CA PHE A 252 39.95 -2.78 -33.88
C PHE A 252 41.38 -2.26 -33.85
N GLU A 253 41.77 -1.63 -32.76
CA GLU A 253 43.14 -1.15 -32.56
C GLU A 253 44.02 -2.19 -31.84
N GLY A 254 43.44 -3.34 -31.50
CA GLY A 254 44.08 -4.31 -30.63
C GLY A 254 44.84 -5.42 -31.35
N ALA A 255 45.83 -5.96 -30.67
CA ALA A 255 46.65 -7.05 -31.19
C ALA A 255 45.84 -8.31 -31.52
N ASP A 256 44.80 -8.60 -30.74
CA ASP A 256 44.01 -9.80 -30.99
C ASP A 256 43.27 -9.71 -32.32
N PHE A 257 42.67 -8.54 -32.62
CA PHE A 257 42.02 -8.34 -33.91
C PHE A 257 43.01 -8.51 -35.07
N ARG A 258 44.23 -7.99 -34.90
CA ARG A 258 45.25 -8.14 -35.94
C ARG A 258 45.63 -9.62 -36.14
N GLU A 259 45.72 -10.38 -35.05
CA GLU A 259 45.98 -11.82 -35.15
C GLU A 259 44.80 -12.56 -35.80
N GLY A 260 43.58 -12.15 -35.47
CA GLY A 260 42.38 -12.74 -36.06
C GLY A 260 42.29 -12.56 -37.55
N THR A 261 42.52 -11.34 -38.02
CA THR A 261 42.43 -11.04 -39.45
C THR A 261 43.62 -11.64 -40.22
N GLY A 262 44.81 -11.58 -39.63
CA GLY A 262 46.00 -12.19 -40.22
C GLY A 262 45.83 -13.69 -40.40
N ALA A 263 45.38 -14.36 -39.34
CA ALA A 263 45.07 -15.78 -39.38
C ALA A 263 44.01 -16.11 -40.42
N PHE A 264 42.98 -15.27 -40.51
CA PHE A 264 41.91 -15.51 -41.49
C PHE A 264 42.44 -15.46 -42.93
N LEU A 265 43.28 -14.48 -43.23
CA LEU A 265 43.88 -14.35 -44.56
C LEU A 265 44.77 -15.55 -44.91
N GLU A 266 45.48 -16.08 -43.91
CA GLU A 266 46.37 -17.23 -44.11
C GLU A 266 45.65 -18.58 -43.98
N LYS A 267 44.35 -18.55 -43.70
CA LYS A 267 43.53 -19.74 -43.55
C LYS A 267 44.08 -20.69 -42.49
N ARG A 268 44.45 -20.12 -41.34
CA ARG A 268 44.93 -20.87 -40.20
C ARG A 268 44.17 -20.42 -38.97
N PRO A 269 44.17 -21.25 -37.90
CA PRO A 269 43.51 -20.82 -36.67
C PRO A 269 44.27 -19.69 -36.00
N PRO A 270 43.55 -18.70 -35.44
CA PRO A 270 44.27 -17.65 -34.73
C PRO A 270 44.88 -18.21 -33.44
N VAL A 271 46.04 -17.69 -33.06
CA VAL A 271 46.69 -18.04 -31.82
C VAL A 271 46.68 -16.80 -30.93
N PHE A 272 45.76 -16.78 -29.97
CA PHE A 272 45.64 -15.66 -29.04
C PHE A 272 46.43 -15.99 -27.77
N MSE B 24 19.13 -5.29 -54.05
CA MSE B 24 18.11 -6.32 -53.67
C MSE B 24 18.62 -7.49 -52.82
O MSE B 24 17.94 -8.51 -52.73
CB MSE B 24 17.42 -6.85 -54.93
CG MSE B 24 16.84 -5.77 -55.86
SE MSE B 24 15.67 -4.50 -54.90
CE MSE B 24 14.04 -5.61 -54.88
N SER B 25 19.77 -7.33 -52.18
CA SER B 25 20.26 -8.30 -51.20
C SER B 25 19.35 -8.34 -49.96
N LEU B 26 18.72 -7.21 -49.69
CA LEU B 26 17.74 -7.09 -48.61
C LEU B 26 16.50 -6.45 -49.19
N ARG B 27 15.34 -7.09 -49.04
CA ARG B 27 14.12 -6.54 -49.61
C ARG B 27 12.86 -6.79 -48.77
N LEU B 28 11.85 -6.00 -49.05
CA LEU B 28 10.61 -5.99 -48.29
C LEU B 28 9.46 -6.38 -49.20
N GLU B 29 8.69 -7.38 -48.77
CA GLU B 29 7.45 -7.72 -49.43
C GLU B 29 6.31 -7.34 -48.51
N ARG B 30 5.34 -6.60 -49.05
CA ARG B 30 4.15 -6.22 -48.29
C ARG B 30 2.94 -6.92 -48.87
N ASP B 31 2.29 -7.72 -48.01
CA ASP B 31 1.20 -8.60 -48.42
C ASP B 31 0.03 -8.42 -47.45
N GLY B 32 -0.53 -7.22 -47.46
CA GLY B 32 -1.66 -6.87 -46.59
C GLY B 32 -1.29 -6.75 -45.12
N ALA B 33 -1.77 -7.70 -44.32
CA ALA B 33 -1.52 -7.71 -42.88
C ALA B 33 -0.10 -8.18 -42.54
N VAL B 34 0.54 -8.88 -43.46
CA VAL B 34 1.86 -9.46 -43.24
C VAL B 34 2.88 -8.83 -44.17
N ALA B 35 4.03 -8.46 -43.61
CA ALA B 35 5.15 -8.00 -44.39
C ALA B 35 6.32 -8.92 -44.11
N ARG B 36 7.19 -9.10 -45.11
CA ARG B 36 8.36 -9.93 -44.97
C ARG B 36 9.62 -9.15 -45.32
N LEU B 37 10.54 -9.10 -44.36
CA LEU B 37 11.87 -8.57 -44.59
C LEU B 37 12.74 -9.76 -44.97
N LEU B 38 13.14 -9.83 -46.24
CA LEU B 38 13.80 -11.01 -46.79
C LEU B 38 15.28 -10.75 -47.02
N ILE B 39 16.10 -11.64 -46.47
CA ILE B 39 17.54 -11.60 -46.69
C ILE B 39 17.83 -12.53 -47.88
N ASP B 40 18.37 -11.95 -48.94
CA ASP B 40 18.47 -12.63 -50.24
C ASP B 40 19.88 -12.51 -50.80
N ARG B 41 20.83 -13.18 -50.14
CA ARG B 41 22.21 -13.21 -50.58
C ARG B 41 22.81 -14.60 -50.31
N ALA B 42 22.19 -15.60 -50.93
CA ALA B 42 22.53 -17.01 -50.69
C ALA B 42 24.00 -17.36 -50.96
N ASP B 43 24.63 -16.69 -51.93
CA ASP B 43 26.02 -17.02 -52.29
C ASP B 43 27.06 -16.56 -51.25
N ARG B 44 26.63 -15.76 -50.27
CA ARG B 44 27.47 -15.44 -49.13
C ARG B 44 26.79 -15.84 -47.82
N ARG B 45 25.88 -16.82 -47.91
CA ARG B 45 25.12 -17.33 -46.77
C ARG B 45 24.43 -16.20 -45.99
N ASN B 46 23.87 -15.27 -46.75
CA ASN B 46 23.12 -14.13 -46.22
C ASN B 46 23.95 -13.21 -45.31
N ALA B 47 25.26 -13.17 -45.52
CA ALA B 47 26.13 -12.26 -44.77
C ALA B 47 25.77 -10.81 -45.11
N PHE B 48 25.86 -9.96 -44.09
CA PHE B 48 25.47 -8.54 -44.21
C PHE B 48 26.68 -7.66 -44.52
N SER B 49 26.53 -6.82 -45.53
CA SER B 49 27.50 -5.77 -45.83
C SER B 49 27.00 -4.46 -45.21
N LEU B 50 27.85 -3.45 -45.25
CA LEU B 50 27.51 -2.14 -44.72
C LEU B 50 26.23 -1.59 -45.35
N ASP B 51 26.11 -1.70 -46.67
CA ASP B 51 24.96 -1.12 -47.36
C ASP B 51 23.65 -1.84 -47.04
N MSE B 52 23.72 -3.12 -46.69
CA MSE B 52 22.54 -3.85 -46.22
C MSE B 52 22.13 -3.36 -44.86
O MSE B 52 20.94 -3.20 -44.59
CB MSE B 52 22.80 -5.35 -46.20
CG MSE B 52 22.83 -5.90 -47.62
SE MSE B 52 23.68 -7.67 -47.60
CE MSE B 52 22.24 -8.65 -46.70
N TRP B 53 23.11 -3.12 -43.99
CA TRP B 53 22.82 -2.55 -42.66
C TRP B 53 22.18 -1.16 -42.76
N GLN B 54 22.67 -0.35 -43.69
CA GLN B 54 22.12 0.99 -43.95
C GLN B 54 20.73 0.95 -44.59
N ARG B 55 20.48 -0.07 -45.40
CA ARG B 55 19.19 -0.24 -46.07
C ARG B 55 18.08 -0.65 -45.08
N LEU B 56 18.44 -1.40 -44.05
CA LEU B 56 17.46 -2.02 -43.17
C LEU B 56 16.47 -1.03 -42.51
N PRO B 57 16.97 0.05 -41.88
CA PRO B 57 16.01 1.02 -41.30
C PRO B 57 15.12 1.72 -42.34
N GLU B 58 15.59 1.84 -43.58
CA GLU B 58 14.79 2.42 -44.65
C GLU B 58 13.60 1.49 -44.95
N LEU B 59 13.85 0.19 -44.99
CA LEU B 59 12.78 -0.78 -45.22
C LEU B 59 11.83 -0.86 -44.02
N LEU B 60 12.36 -0.72 -42.81
CA LEU B 60 11.49 -0.66 -41.62
C LEU B 60 10.57 0.55 -41.69
N ALA B 61 11.09 1.70 -42.08
CA ALA B 61 10.28 2.91 -42.22
C ALA B 61 9.15 2.71 -43.24
N GLU B 62 9.45 2.06 -44.36
CA GLU B 62 8.44 1.75 -45.37
C GLU B 62 7.36 0.83 -44.83
N ALA B 63 7.77 -0.22 -44.13
CA ALA B 63 6.81 -1.15 -43.52
C ALA B 63 5.94 -0.45 -42.48
N SER B 64 6.57 0.36 -41.63
CA SER B 64 5.87 1.02 -40.53
C SER B 64 4.80 2.02 -41.01
N GLY B 65 5.02 2.62 -42.16
CA GLY B 65 4.05 3.56 -42.75
C GLY B 65 2.77 2.93 -43.25
N ASP B 66 2.76 1.61 -43.41
CA ASP B 66 1.59 0.86 -43.87
C ASP B 66 0.62 0.59 -42.71
N ASP B 67 -0.53 1.26 -42.73
CA ASP B 67 -1.55 1.12 -41.68
C ASP B 67 -2.24 -0.26 -41.66
N ALA B 68 -2.19 -0.99 -42.77
CA ALA B 68 -2.78 -2.32 -42.84
C ALA B 68 -1.91 -3.42 -42.20
N LEU B 69 -0.65 -3.12 -41.95
CA LEU B 69 0.29 -4.11 -41.42
C LEU B 69 -0.07 -4.54 -39.99
N ARG B 70 0.13 -5.83 -39.73
CA ARG B 70 -0.08 -6.39 -38.39
C ARG B 70 1.13 -7.15 -37.83
N VAL B 71 1.97 -7.69 -38.70
CA VAL B 71 3.16 -8.42 -38.28
C VAL B 71 4.25 -8.35 -39.35
N LEU B 72 5.50 -8.26 -38.90
CA LEU B 72 6.67 -8.29 -39.78
C LEU B 72 7.45 -9.56 -39.52
N VAL B 73 7.70 -10.32 -40.57
CA VAL B 73 8.47 -11.55 -40.49
C VAL B 73 9.85 -11.30 -41.09
N VAL B 74 10.89 -11.67 -40.36
CA VAL B 74 12.26 -11.57 -40.85
C VAL B 74 12.74 -12.98 -41.16
N LYS B 75 13.18 -13.20 -42.40
CA LYS B 75 13.60 -14.54 -42.81
C LYS B 75 14.50 -14.51 -44.05
N SER B 76 15.12 -15.65 -44.32
CA SER B 76 15.87 -15.84 -45.55
C SER B 76 14.88 -15.95 -46.70
N ALA B 77 15.23 -15.36 -47.84
CA ALA B 77 14.43 -15.47 -49.05
C ALA B 77 14.49 -16.89 -49.64
N ASN B 78 15.54 -17.63 -49.33
CA ASN B 78 15.84 -18.91 -49.99
C ASN B 78 16.07 -20.06 -49.01
N GLY B 79 15.48 -19.97 -47.82
CA GLY B 79 15.78 -20.94 -46.76
C GLY B 79 17.27 -20.96 -46.45
N GLY B 80 17.78 -22.10 -46.01
CA GLY B 80 19.18 -22.25 -45.67
C GLY B 80 19.58 -21.33 -44.51
N ALA B 81 20.81 -20.84 -44.56
CA ALA B 81 21.32 -19.99 -43.48
C ALA B 81 20.49 -18.71 -43.35
N PHE B 82 20.16 -18.36 -42.12
CA PHE B 82 19.44 -17.12 -41.83
C PHE B 82 20.38 -15.96 -42.13
N CYS B 83 21.53 -15.97 -41.47
CA CYS B 83 22.58 -14.98 -41.70
C CYS B 83 23.87 -15.46 -41.04
N ALA B 84 24.90 -15.69 -41.86
CA ALA B 84 26.19 -16.20 -41.39
C ALA B 84 27.05 -15.14 -40.69
N GLY B 85 26.57 -13.89 -40.69
CA GLY B 85 27.23 -12.83 -39.94
C GLY B 85 27.76 -11.75 -40.86
N ALA B 86 28.98 -11.29 -40.58
CA ALA B 86 29.59 -10.20 -41.32
C ALA B 86 30.13 -10.67 -42.67
N ASP B 87 29.98 -9.80 -43.66
CA ASP B 87 30.62 -9.96 -44.96
C ASP B 87 32.14 -10.00 -44.71
N ILE B 88 32.74 -11.17 -44.91
CA ILE B 88 34.14 -11.38 -44.51
C ILE B 88 35.11 -10.64 -45.43
N ALA B 89 34.87 -10.68 -46.73
CA ALA B 89 35.69 -9.95 -47.69
C ALA B 89 35.72 -8.46 -47.34
N GLU B 90 34.55 -7.92 -47.00
CA GLU B 90 34.43 -6.51 -46.62
C GLU B 90 35.22 -6.22 -45.35
N LEU B 91 35.09 -7.11 -44.36
CA LEU B 91 35.77 -6.95 -43.07
C LEU B 91 37.28 -6.93 -43.25
N LEU B 92 37.81 -7.86 -44.04
CA LEU B 92 39.24 -7.96 -44.26
C LEU B 92 39.77 -6.79 -45.09
N ALA B 93 39.03 -6.40 -46.12
CA ALA B 93 39.42 -5.29 -46.99
C ALA B 93 39.50 -3.96 -46.21
N ASN B 94 38.68 -3.84 -45.16
CA ASN B 94 38.63 -2.62 -44.35
C ASN B 94 39.25 -2.75 -42.97
N LYS B 95 40.08 -3.76 -42.77
CA LYS B 95 40.63 -4.05 -41.43
C LYS B 95 41.44 -2.90 -40.82
N ASP B 96 41.99 -2.01 -41.65
CA ASP B 96 42.76 -0.84 -41.18
C ASP B 96 42.07 0.49 -41.53
N ASP B 97 40.77 0.46 -41.79
CA ASP B 97 40.01 1.64 -42.22
C ASP B 97 39.10 2.14 -41.09
N ALA B 98 39.56 3.16 -40.36
CA ALA B 98 38.84 3.69 -39.21
C ALA B 98 37.46 4.26 -39.55
N ALA B 99 37.35 4.92 -40.69
CA ALA B 99 36.07 5.47 -41.15
C ALA B 99 35.04 4.37 -41.41
N PHE B 100 35.49 3.28 -42.02
CA PHE B 100 34.59 2.14 -42.23
C PHE B 100 34.11 1.57 -40.90
N HIS B 101 35.01 1.37 -39.95
CA HIS B 101 34.62 0.81 -38.65
C HIS B 101 33.60 1.67 -37.93
N ALA B 102 33.77 2.99 -37.98
CA ALA B 102 32.81 3.91 -37.38
C ALA B 102 31.45 3.84 -38.06
N ALA B 103 31.44 3.82 -39.39
CA ALA B 103 30.20 3.75 -40.16
C ALA B 103 29.48 2.43 -39.95
N ASN B 104 30.26 1.34 -39.88
CA ASN B 104 29.70 0.01 -39.68
C ASN B 104 29.11 -0.13 -38.28
N GLN B 105 29.83 0.36 -37.27
CA GLN B 105 29.34 0.35 -35.90
C GLN B 105 28.03 1.12 -35.79
N GLN B 106 27.99 2.32 -36.39
CA GLN B 106 26.80 3.16 -36.35
C GLN B 106 25.61 2.52 -37.08
N ALA B 107 25.86 1.95 -38.26
CA ALA B 107 24.79 1.32 -39.05
C ALA B 107 24.21 0.07 -38.36
N ILE B 108 25.09 -0.78 -37.84
CA ILE B 108 24.64 -1.99 -37.14
C ILE B 108 23.79 -1.62 -35.92
N ASN B 109 24.31 -0.71 -35.09
CA ASN B 109 23.61 -0.29 -33.88
C ASN B 109 22.26 0.36 -34.18
N ARG B 110 22.21 1.18 -35.22
CA ARG B 110 20.94 1.79 -35.62
C ARG B 110 19.92 0.74 -36.10
N ALA B 111 20.38 -0.20 -36.93
CA ALA B 111 19.52 -1.25 -37.45
C ALA B 111 18.94 -2.10 -36.32
N GLN B 112 19.80 -2.48 -35.38
CA GLN B 112 19.41 -3.30 -34.24
C GLN B 112 18.44 -2.57 -33.33
N TYR B 113 18.74 -1.31 -33.03
CA TYR B 113 17.90 -0.48 -32.18
C TYR B 113 16.49 -0.34 -32.76
N GLU B 114 16.41 -0.02 -34.05
CA GLU B 114 15.13 0.20 -34.71
C GLU B 114 14.32 -1.08 -34.91
N LEU B 115 14.98 -2.19 -35.24
CA LEU B 115 14.27 -3.46 -35.38
C LEU B 115 13.66 -3.89 -34.05
N ALA B 116 14.42 -3.76 -32.96
CA ALA B 116 13.95 -4.17 -31.64
C ALA B 116 12.75 -3.33 -31.14
N ARG B 117 12.63 -2.11 -31.67
CA ARG B 117 11.55 -1.19 -31.30
C ARG B 117 10.51 -0.96 -32.42
N PHE B 118 10.48 -1.82 -33.42
CA PHE B 118 9.47 -1.74 -34.47
C PHE B 118 8.08 -1.74 -33.82
N ARG B 119 7.17 -0.89 -34.31
CA ARG B 119 5.90 -0.68 -33.60
C ARG B 119 5.02 -1.93 -33.46
N LEU B 120 5.11 -2.85 -34.44
CA LEU B 120 4.29 -4.06 -34.49
C LEU B 120 5.08 -5.32 -34.11
N PRO B 121 4.38 -6.43 -33.84
CA PRO B 121 5.03 -7.73 -33.61
C PRO B 121 5.98 -8.14 -34.75
N THR B 122 7.14 -8.65 -34.37
CA THR B 122 8.12 -9.15 -35.33
C THR B 122 8.47 -10.59 -34.99
N VAL B 123 8.65 -11.41 -36.02
CA VAL B 123 9.00 -12.81 -35.87
C VAL B 123 10.20 -13.12 -36.75
N ALA B 124 11.22 -13.76 -36.17
CA ALA B 124 12.33 -14.30 -36.94
C ALA B 124 12.10 -15.79 -37.21
N MSE B 125 12.17 -16.18 -38.49
CA MSE B 125 12.04 -17.58 -38.89
C MSE B 125 13.42 -18.03 -39.28
O MSE B 125 13.93 -17.62 -40.31
CB MSE B 125 11.09 -17.69 -40.08
CG MSE B 125 10.99 -19.10 -40.67
SE MSE B 125 10.06 -20.31 -39.43
CE MSE B 125 11.47 -21.66 -39.22
N VAL B 126 14.03 -18.89 -38.45
CA VAL B 126 15.42 -19.33 -38.62
C VAL B 126 15.47 -20.79 -39.07
N GLU B 127 15.99 -21.01 -40.27
CA GLU B 127 16.01 -22.33 -40.91
C GLU B 127 17.41 -22.91 -41.09
N GLY B 128 18.43 -22.18 -40.66
CA GLY B 128 19.81 -22.59 -40.83
C GLY B 128 20.70 -21.81 -39.88
N ASP B 129 21.97 -21.68 -40.23
CA ASP B 129 22.93 -21.00 -39.37
C ASP B 129 22.57 -19.54 -39.13
N CYS B 130 22.69 -19.12 -37.88
CA CYS B 130 22.37 -17.78 -37.45
C CYS B 130 23.51 -17.33 -36.55
N ILE B 131 24.47 -16.61 -37.12
CA ILE B 131 25.76 -16.39 -36.47
C ILE B 131 26.13 -14.91 -36.39
N GLY B 132 26.60 -14.50 -35.22
CA GLY B 132 27.17 -13.16 -35.01
C GLY B 132 26.15 -12.04 -35.14
N GLY B 133 26.37 -11.19 -36.15
CA GLY B 133 25.41 -10.14 -36.50
C GLY B 133 24.05 -10.71 -36.91
N GLY B 134 24.06 -11.91 -37.47
CA GLY B 134 22.82 -12.62 -37.81
C GLY B 134 22.00 -12.94 -36.57
N CYS B 135 22.70 -13.40 -35.53
CA CYS B 135 22.07 -13.67 -34.25
C CYS B 135 21.55 -12.37 -33.62
N GLY B 136 22.26 -11.27 -33.88
CA GLY B 136 21.81 -9.95 -33.47
C GLY B 136 20.45 -9.60 -34.06
N ILE B 137 20.30 -9.80 -35.37
CA ILE B 137 19.02 -9.55 -36.04
C ILE B 137 17.92 -10.40 -35.42
N ALA B 138 18.18 -11.69 -35.26
CA ALA B 138 17.20 -12.59 -34.64
C ALA B 138 16.83 -12.14 -33.23
N LEU B 139 17.82 -11.74 -32.43
CA LEU B 139 17.60 -11.27 -31.05
C LEU B 139 16.76 -10.00 -30.95
N ALA B 140 16.81 -9.18 -32.00
CA ALA B 140 16.06 -7.92 -32.03
C ALA B 140 14.59 -8.12 -32.42
N CYS B 141 14.22 -9.31 -32.87
CA CYS B 141 12.81 -9.62 -33.10
C CYS B 141 12.11 -9.95 -31.77
N ASP B 142 10.79 -9.86 -31.75
CA ASP B 142 10.01 -10.13 -30.55
C ASP B 142 10.04 -11.60 -30.16
N MSE B 143 10.04 -12.47 -31.17
CA MSE B 143 10.13 -13.91 -30.94
C MSE B 143 10.80 -14.58 -32.11
O MSE B 143 10.92 -14.00 -33.18
CB MSE B 143 8.75 -14.50 -30.66
CG MSE B 143 7.74 -14.27 -31.78
SE MSE B 143 5.90 -14.30 -31.04
CE MSE B 143 5.87 -12.41 -30.54
N ARG B 144 11.27 -15.81 -31.87
CA ARG B 144 12.01 -16.58 -32.86
C ARG B 144 11.43 -17.98 -32.97
N ILE B 145 11.29 -18.47 -34.20
CA ILE B 145 10.97 -19.87 -34.47
C ILE B 145 12.19 -20.51 -35.10
N ALA B 146 12.58 -21.68 -34.61
CA ALA B 146 13.71 -22.41 -35.19
C ALA B 146 13.26 -23.72 -35.83
N ALA B 147 13.62 -23.92 -37.10
CA ALA B 147 13.43 -25.19 -37.78
C ALA B 147 14.56 -26.15 -37.38
N PRO B 148 14.41 -27.46 -37.66
CA PRO B 148 15.34 -28.45 -37.10
C PRO B 148 16.83 -28.23 -37.41
N ALA B 149 17.15 -27.63 -38.55
CA ALA B 149 18.54 -27.41 -38.94
C ALA B 149 19.13 -26.09 -38.43
N ALA B 150 18.34 -25.29 -37.71
CA ALA B 150 18.82 -24.00 -37.22
C ALA B 150 19.98 -24.19 -36.24
N ARG B 151 20.99 -23.34 -36.34
CA ARG B 151 22.09 -23.31 -35.38
C ARG B 151 22.40 -21.86 -35.03
N PHE B 152 22.84 -21.64 -33.81
CA PHE B 152 23.02 -20.30 -33.27
C PHE B 152 24.40 -20.15 -32.62
N GLY B 153 25.03 -19.01 -32.86
CA GLY B 153 26.32 -18.71 -32.25
C GLY B 153 26.64 -17.23 -32.28
N ILE B 154 27.40 -16.78 -31.30
CA ILE B 154 27.88 -15.40 -31.26
C ILE B 154 29.40 -15.45 -31.15
N THR B 155 30.11 -15.00 -32.20
CA THR B 155 31.52 -15.37 -32.38
C THR B 155 32.59 -14.25 -32.36
N PRO B 156 32.31 -13.07 -31.78
CA PRO B 156 33.37 -12.04 -31.80
C PRO B 156 34.66 -12.41 -31.08
N ALA B 157 34.59 -13.27 -30.06
CA ALA B 157 35.77 -13.70 -29.32
C ALA B 157 36.75 -14.50 -30.19
N LYS B 158 36.28 -15.07 -31.29
CA LYS B 158 37.17 -15.73 -32.25
C LYS B 158 37.95 -14.77 -33.15
N LEU B 159 37.63 -13.48 -33.12
CA LEU B 159 38.35 -12.47 -33.91
C LEU B 159 38.92 -11.32 -33.07
N GLY B 160 38.87 -11.41 -31.75
CA GLY B 160 39.36 -10.34 -30.89
C GLY B 160 38.47 -9.11 -30.85
N LEU B 161 37.17 -9.30 -31.07
CA LEU B 161 36.22 -8.21 -31.07
C LEU B 161 35.26 -8.32 -29.88
N VAL B 162 34.43 -7.29 -29.71
CA VAL B 162 33.45 -7.22 -28.62
C VAL B 162 32.06 -7.35 -29.25
N TYR B 163 31.06 -7.65 -28.44
CA TYR B 163 29.66 -7.61 -28.89
C TYR B 163 29.05 -6.33 -28.35
N PRO B 164 28.22 -5.63 -29.16
CA PRO B 164 27.64 -4.36 -28.68
C PRO B 164 26.81 -4.55 -27.42
N LEU B 165 26.86 -3.59 -26.50
CA LEU B 165 26.16 -3.72 -25.21
C LEU B 165 24.64 -3.86 -25.39
N HIS B 166 24.07 -3.15 -26.36
CA HIS B 166 22.65 -3.29 -26.68
C HIS B 166 22.29 -4.76 -26.96
N ASP B 167 23.14 -5.45 -27.71
CA ASP B 167 22.89 -6.84 -28.10
C ASP B 167 23.28 -7.82 -26.99
N VAL B 168 24.26 -7.46 -26.16
CA VAL B 168 24.52 -8.21 -24.93
C VAL B 168 23.25 -8.24 -24.06
N LYS B 169 22.62 -7.08 -23.92
CA LYS B 169 21.38 -6.97 -23.15
C LYS B 169 20.24 -7.77 -23.77
N LEU B 170 20.10 -7.74 -25.08
CA LEU B 170 19.06 -8.53 -25.76
C LEU B 170 19.22 -10.01 -25.42
N LEU B 171 20.46 -10.48 -25.42
CA LEU B 171 20.77 -11.88 -25.11
C LEU B 171 20.52 -12.24 -23.65
N VAL B 172 21.06 -11.43 -22.74
CA VAL B 172 20.90 -11.67 -21.30
C VAL B 172 19.41 -11.64 -20.93
N ASP B 173 18.63 -10.73 -21.53
CA ASP B 173 17.18 -10.66 -21.34
C ASP B 173 16.52 -12.04 -21.59
N LEU B 174 16.98 -12.77 -22.59
CA LEU B 174 16.38 -14.06 -22.97
C LEU B 174 16.93 -15.26 -22.22
N VAL B 175 18.26 -15.36 -22.12
CA VAL B 175 18.89 -16.60 -21.62
C VAL B 175 19.57 -16.46 -20.26
N GLY B 176 19.69 -15.24 -19.76
CA GLY B 176 20.39 -14.98 -18.50
C GLY B 176 21.90 -14.91 -18.68
N PRO B 177 22.61 -14.49 -17.62
CA PRO B 177 24.04 -14.22 -17.76
C PRO B 177 24.92 -15.46 -17.91
N GLY B 178 24.48 -16.60 -17.36
CA GLY B 178 25.25 -17.83 -17.46
C GLY B 178 25.37 -18.32 -18.89
N GLN B 179 24.21 -18.49 -19.53
CA GLN B 179 24.17 -18.94 -20.92
C GLN B 179 24.73 -17.88 -21.87
N ALA B 180 24.48 -16.61 -21.58
CA ALA B 180 25.02 -15.53 -22.40
C ALA B 180 26.54 -15.61 -22.44
N ARG B 181 27.17 -15.78 -21.28
CA ARG B 181 28.62 -15.89 -21.22
C ARG B 181 29.14 -17.20 -21.82
N ARG B 182 28.42 -18.30 -21.60
CA ARG B 182 28.78 -19.55 -22.26
C ARG B 182 28.89 -19.34 -23.78
N LEU B 183 27.85 -18.74 -24.37
CA LEU B 183 27.82 -18.53 -25.81
C LEU B 183 28.89 -17.53 -26.28
N MSE B 184 28.97 -16.39 -25.61
CA MSE B 184 29.85 -15.31 -26.07
C MSE B 184 31.32 -15.56 -25.76
O MSE B 184 32.17 -15.13 -26.54
CB MSE B 184 29.40 -13.97 -25.47
CG MSE B 184 28.04 -13.57 -26.04
SE MSE B 184 27.63 -11.68 -25.59
CE MSE B 184 27.45 -11.93 -23.65
N PHE B 185 31.63 -16.25 -24.67
CA PHE B 185 33.03 -16.57 -24.36
C PHE B 185 33.60 -17.65 -25.30
N THR B 186 32.80 -18.65 -25.66
CA THR B 186 33.31 -19.77 -26.47
C THR B 186 33.17 -19.54 -27.98
N GLY B 187 32.14 -18.80 -28.38
CA GLY B 187 31.80 -18.69 -29.79
C GLY B 187 31.34 -20.01 -30.40
N GLY B 188 30.95 -20.96 -29.55
CA GLY B 188 30.52 -22.28 -30.00
C GLY B 188 29.06 -22.25 -30.43
N LEU B 189 28.72 -23.00 -31.46
CA LEU B 189 27.34 -23.06 -31.94
C LEU B 189 26.49 -24.00 -31.08
N ILE B 190 25.21 -23.67 -30.97
CA ILE B 190 24.25 -24.57 -30.35
C ILE B 190 23.16 -24.88 -31.36
N ASP B 191 22.56 -26.05 -31.24
CA ASP B 191 21.51 -26.49 -32.17
C ASP B 191 20.13 -25.98 -31.77
N ALA B 192 19.13 -26.28 -32.60
CA ALA B 192 17.77 -25.77 -32.40
C ALA B 192 17.17 -26.17 -31.06
N ASN B 193 17.34 -27.43 -30.68
CA ASN B 193 16.79 -27.93 -29.41
C ASN B 193 17.39 -27.27 -28.18
N GLU B 194 18.71 -27.05 -28.18
CA GLU B 194 19.37 -26.36 -27.07
C GLU B 194 18.96 -24.88 -27.02
N ALA B 195 18.87 -24.23 -28.17
CA ALA B 195 18.39 -22.83 -28.25
C ALA B 195 16.98 -22.73 -27.65
N HIS B 196 16.13 -23.69 -27.99
CA HIS B 196 14.79 -23.79 -27.43
C HIS B 196 14.85 -24.03 -25.92
N ARG B 197 15.70 -24.95 -25.47
CA ARG B 197 15.81 -25.28 -24.04
C ARG B 197 16.24 -24.06 -23.20
N ILE B 198 17.19 -23.28 -23.68
CA ILE B 198 17.71 -22.15 -22.90
C ILE B 198 16.93 -20.84 -23.07
N GLY B 199 15.93 -20.84 -23.95
CA GLY B 199 15.07 -19.68 -24.14
C GLY B 199 15.58 -18.70 -25.18
N LEU B 200 16.54 -19.11 -25.99
CA LEU B 200 17.00 -18.28 -27.09
C LEU B 200 15.93 -18.20 -28.19
N VAL B 201 15.20 -19.29 -28.39
CA VAL B 201 14.07 -19.29 -29.30
C VAL B 201 12.83 -19.75 -28.54
N GLU B 202 11.68 -19.19 -28.91
CA GLU B 202 10.44 -19.43 -28.18
C GLU B 202 9.72 -20.68 -28.69
N LEU B 203 9.90 -20.98 -29.98
CA LEU B 203 9.13 -22.01 -30.67
C LEU B 203 9.99 -22.85 -31.60
N LEU B 204 9.64 -24.13 -31.72
CA LEU B 204 10.22 -25.01 -32.73
C LEU B 204 9.17 -25.28 -33.80
N GLY B 205 9.57 -25.23 -35.07
CA GLY B 205 8.63 -25.42 -36.17
C GLY B 205 9.25 -25.22 -37.52
N GLU B 206 8.59 -25.75 -38.56
CA GLU B 206 9.08 -25.66 -39.94
C GLU B 206 8.63 -24.38 -40.62
N SER B 207 7.58 -23.76 -40.10
CA SER B 207 6.92 -22.65 -40.78
C SER B 207 6.37 -21.63 -39.79
N GLU B 208 6.41 -20.36 -40.17
CA GLU B 208 5.84 -19.28 -39.37
C GLU B 208 4.34 -19.06 -39.60
N ASP B 209 3.74 -19.80 -40.53
CA ASP B 209 2.38 -19.51 -40.98
C ASP B 209 1.32 -19.55 -39.88
N ALA B 210 1.38 -20.54 -39.00
CA ALA B 210 0.39 -20.65 -37.91
C ALA B 210 0.50 -19.47 -36.93
N LEU B 211 1.72 -19.18 -36.48
CA LEU B 211 1.94 -18.04 -35.59
C LEU B 211 1.53 -16.72 -36.24
N VAL B 212 1.93 -16.52 -37.49
CA VAL B 212 1.61 -15.30 -38.22
C VAL B 212 0.09 -15.14 -38.35
N GLY B 213 -0.60 -16.24 -38.64
CA GLY B 213 -2.06 -16.25 -38.68
C GLY B 213 -2.69 -15.76 -37.39
N GLN B 214 -2.14 -16.22 -36.27
CA GLN B 214 -2.63 -15.81 -34.94
C GLN B 214 -2.37 -14.33 -34.67
N LEU B 215 -1.14 -13.88 -34.98
CA LEU B 215 -0.73 -12.50 -34.74
C LEU B 215 -1.48 -11.50 -35.62
N ALA B 216 -1.83 -11.92 -36.83
CA ALA B 216 -2.46 -11.02 -37.80
C ALA B 216 -3.94 -10.76 -37.50
N THR B 217 -4.56 -11.60 -36.66
CA THR B 217 -6.00 -11.51 -36.39
C THR B 217 -6.38 -10.92 -35.02
N VAL B 218 -5.41 -10.67 -34.15
CA VAL B 218 -5.67 -9.99 -32.87
C VAL B 218 -5.66 -8.47 -33.06
N SER B 219 -6.06 -7.74 -32.02
CA SER B 219 -6.07 -6.29 -32.04
C SER B 219 -4.67 -5.69 -32.18
N SER B 220 -4.46 -4.87 -33.22
CA SER B 220 -3.19 -4.18 -33.38
C SER B 220 -3.05 -2.99 -32.41
N PHE B 221 -4.16 -2.50 -31.86
CA PHE B 221 -4.08 -1.55 -30.76
C PHE B 221 -3.41 -2.23 -29.57
N SER B 222 -3.85 -3.45 -29.27
CA SER B 222 -3.32 -4.21 -28.13
C SER B 222 -1.85 -4.59 -28.30
N THR B 223 -1.48 -5.14 -29.46
CA THR B 223 -0.11 -5.63 -29.64
C THR B 223 0.90 -4.49 -29.56
N GLN B 224 0.57 -3.36 -30.18
CA GLN B 224 1.46 -2.19 -30.15
C GLN B 224 1.61 -1.63 -28.74
N ALA B 225 0.50 -1.53 -28.00
CA ALA B 225 0.53 -1.03 -26.64
C ALA B 225 1.31 -1.96 -25.72
N ILE B 226 1.05 -3.25 -25.85
CA ILE B 226 1.70 -4.27 -25.01
C ILE B 226 3.20 -4.32 -25.33
N LYS B 227 3.56 -4.21 -26.60
CA LYS B 227 4.96 -4.21 -26.98
C LYS B 227 5.69 -3.06 -26.30
N SER B 228 5.08 -1.88 -26.28
CA SER B 228 5.66 -0.72 -25.60
C SER B 228 5.80 -0.92 -24.08
N PHE B 229 4.82 -1.54 -23.45
CA PHE B 229 4.92 -1.89 -22.01
C PHE B 229 6.09 -2.85 -21.73
N VAL B 230 6.25 -3.88 -22.56
CA VAL B 230 7.36 -4.81 -22.39
C VAL B 230 8.70 -4.07 -22.50
N ARG B 231 8.79 -3.15 -23.47
CA ARG B 231 9.99 -2.34 -23.64
C ARG B 231 10.26 -1.44 -22.43
N ARG B 232 9.21 -0.83 -21.86
CA ARG B 232 9.38 -0.04 -20.64
C ARG B 232 9.95 -0.88 -19.50
N VAL B 233 9.44 -2.11 -19.37
CA VAL B 233 9.92 -3.04 -18.35
C VAL B 233 11.39 -3.42 -18.61
N LEU B 234 11.74 -3.70 -19.86
CA LEU B 234 13.13 -4.02 -20.20
C LEU B 234 14.08 -2.82 -19.97
N ASP B 235 13.54 -1.61 -20.10
CA ASP B 235 14.28 -0.37 -19.84
C ASP B 235 14.32 0.03 -18.35
N GLY B 236 13.77 -0.81 -17.47
CA GLY B 236 13.88 -0.63 -16.02
C GLY B 236 12.66 -0.06 -15.30
N GLN B 237 11.52 0.06 -15.97
CA GLN B 237 10.31 0.52 -15.28
C GLN B 237 9.80 -0.57 -14.35
N VAL B 238 9.61 -0.24 -13.07
CA VAL B 238 9.20 -1.24 -12.08
C VAL B 238 7.71 -1.15 -11.71
N ALA B 239 7.11 0.02 -11.81
CA ALA B 239 5.72 0.20 -11.37
C ALA B 239 4.93 0.91 -12.46
N ASP B 240 3.61 0.73 -12.41
CA ASP B 240 2.71 1.53 -13.23
C ASP B 240 2.91 3.00 -12.85
N ASP B 241 2.79 3.88 -13.83
CA ASP B 241 2.75 5.32 -13.54
C ASP B 241 1.57 5.94 -14.29
N ALA B 242 1.40 7.25 -14.17
CA ALA B 242 0.25 7.91 -14.80
C ALA B 242 0.16 7.55 -16.28
N ASP B 243 1.30 7.53 -16.98
CA ASP B 243 1.28 7.26 -18.41
C ASP B 243 0.78 5.86 -18.74
N SER B 244 1.26 4.86 -18.02
CA SER B 244 0.88 3.46 -18.29
C SER B 244 -0.56 3.21 -17.84
N LEU B 245 -1.01 3.87 -16.77
CA LEU B 245 -2.41 3.78 -16.35
C LEU B 245 -3.32 4.41 -17.40
N ARG B 246 -2.87 5.53 -17.96
CA ARG B 246 -3.58 6.21 -19.01
C ARG B 246 -3.68 5.38 -20.30
N VAL B 247 -2.59 4.75 -20.70
CA VAL B 247 -2.59 3.88 -21.88
C VAL B 247 -3.58 2.74 -21.70
N PHE B 248 -3.57 2.12 -20.52
CA PHE B 248 -4.50 1.05 -20.22
C PHE B 248 -5.95 1.53 -20.33
N ALA B 249 -6.26 2.64 -19.68
CA ALA B 249 -7.62 3.19 -19.68
C ALA B 249 -8.08 3.64 -21.07
N SER B 250 -7.13 4.07 -21.90
CA SER B 250 -7.45 4.53 -23.26
C SER B 250 -8.02 3.43 -24.16
N ALA B 251 -7.75 2.17 -23.83
CA ALA B 251 -8.24 1.03 -24.62
C ALA B 251 -9.76 1.00 -24.73
N PHE B 252 -10.44 1.39 -23.66
CA PHE B 252 -11.90 1.31 -23.60
C PHE B 252 -12.61 2.33 -24.49
N GLU B 253 -11.90 3.39 -24.89
CA GLU B 253 -12.43 4.38 -25.84
C GLU B 253 -12.11 4.04 -27.30
N GLY B 254 -11.37 2.96 -27.52
CA GLY B 254 -10.87 2.62 -28.86
C GLY B 254 -11.81 1.80 -29.71
N ALA B 255 -11.64 1.91 -31.02
CA ALA B 255 -12.44 1.17 -31.98
C ALA B 255 -12.27 -0.34 -31.88
N ASP B 256 -11.06 -0.82 -31.52
CA ASP B 256 -10.85 -2.27 -31.38
C ASP B 256 -11.68 -2.87 -30.24
N PHE B 257 -11.74 -2.19 -29.10
CA PHE B 257 -12.60 -2.64 -28.00
C PHE B 257 -14.08 -2.69 -28.39
N ARG B 258 -14.53 -1.68 -29.14
CA ARG B 258 -15.92 -1.67 -29.62
C ARG B 258 -16.19 -2.84 -30.58
N GLU B 259 -15.22 -3.14 -31.44
CA GLU B 259 -15.36 -4.28 -32.36
C GLU B 259 -15.30 -5.60 -31.60
N GLY B 260 -14.43 -5.69 -30.60
CA GLY B 260 -14.30 -6.88 -29.79
C GLY B 260 -15.58 -7.25 -29.06
N THR B 261 -16.19 -6.27 -28.41
CA THR B 261 -17.44 -6.48 -27.67
C THR B 261 -18.64 -6.65 -28.61
N GLY B 262 -18.70 -5.87 -29.68
CA GLY B 262 -19.78 -5.96 -30.66
C GLY B 262 -19.81 -7.33 -31.36
N ALA B 263 -18.63 -7.80 -31.74
CA ALA B 263 -18.51 -9.12 -32.37
C ALA B 263 -18.93 -10.24 -31.41
N PHE B 264 -18.54 -10.12 -30.15
CA PHE B 264 -18.91 -11.12 -29.14
C PHE B 264 -20.44 -11.19 -28.99
N LEU B 265 -21.07 -10.03 -28.88
CA LEU B 265 -22.52 -9.95 -28.76
C LEU B 265 -23.24 -10.51 -29.99
N GLU B 266 -22.67 -10.29 -31.18
CA GLU B 266 -23.24 -10.80 -32.42
C GLU B 266 -22.81 -12.24 -32.74
N LYS B 267 -22.03 -12.84 -31.84
CA LYS B 267 -21.53 -14.20 -31.98
C LYS B 267 -20.83 -14.44 -33.32
N ARG B 268 -19.90 -13.55 -33.64
CA ARG B 268 -19.09 -13.66 -34.86
C ARG B 268 -17.63 -13.35 -34.52
N PRO B 269 -16.69 -13.77 -35.39
CA PRO B 269 -15.30 -13.42 -35.12
C PRO B 269 -15.07 -11.90 -35.27
N PRO B 270 -14.23 -11.31 -34.40
CA PRO B 270 -13.93 -9.88 -34.58
C PRO B 270 -13.04 -9.64 -35.79
N VAL B 271 -13.26 -8.53 -36.47
CA VAL B 271 -12.41 -8.11 -37.59
C VAL B 271 -11.68 -6.83 -37.17
N PHE B 272 -10.46 -7.00 -36.66
CA PHE B 272 -9.68 -5.86 -36.18
C PHE B 272 -8.92 -5.17 -37.32
N SER C 23 -21.17 -12.21 0.65
CA SER C 23 -20.88 -13.04 -0.57
C SER C 23 -19.65 -13.91 -0.34
N MSE C 24 -19.80 -15.21 -0.56
CA MSE C 24 -18.73 -16.17 -0.26
C MSE C 24 -18.09 -16.73 -1.51
O MSE C 24 -17.52 -17.83 -1.48
CB MSE C 24 -19.33 -17.30 0.59
CG MSE C 24 -19.99 -16.79 1.87
SE MSE C 24 -18.76 -15.69 2.96
CE MSE C 24 -17.67 -17.14 3.73
N SER C 25 -18.12 -15.99 -2.61
CA SER C 25 -17.45 -16.42 -3.85
C SER C 25 -15.92 -16.34 -3.73
N LEU C 26 -15.43 -15.56 -2.77
CA LEU C 26 -14.02 -15.56 -2.39
C LEU C 26 -13.99 -15.64 -0.87
N ARG C 27 -13.25 -16.60 -0.32
CA ARG C 27 -13.22 -16.76 1.13
C ARG C 27 -11.90 -17.26 1.67
N LEU C 28 -11.67 -17.00 2.95
CA LEU C 28 -10.41 -17.32 3.60
C LEU C 28 -10.64 -18.39 4.66
N GLU C 29 -9.87 -19.47 4.59
CA GLU C 29 -9.83 -20.48 5.65
C GLU C 29 -8.49 -20.40 6.34
N ARG C 30 -8.51 -20.18 7.66
CA ARG C 30 -7.28 -20.15 8.45
C ARG C 30 -7.18 -21.40 9.31
N ASP C 31 -6.08 -22.13 9.16
CA ASP C 31 -5.90 -23.46 9.75
C ASP C 31 -4.50 -23.55 10.39
N GLY C 32 -4.28 -22.72 11.41
CA GLY C 32 -3.01 -22.66 12.11
C GLY C 32 -1.92 -22.02 11.25
N ALA C 33 -0.92 -22.81 10.88
CA ALA C 33 0.21 -22.32 10.08
C ALA C 33 -0.16 -22.06 8.61
N VAL C 34 -1.27 -22.62 8.15
CA VAL C 34 -1.66 -22.52 6.75
C VAL C 34 -2.99 -21.80 6.63
N ALA C 35 -3.06 -20.86 5.70
CA ALA C 35 -4.31 -20.23 5.32
C ALA C 35 -4.55 -20.49 3.85
N ARG C 36 -5.82 -20.58 3.48
CA ARG C 36 -6.22 -20.81 2.10
C ARG C 36 -7.18 -19.73 1.62
N LEU C 37 -6.79 -19.03 0.56
CA LEU C 37 -7.65 -18.09 -0.12
C LEU C 37 -8.36 -18.84 -1.23
N LEU C 38 -9.65 -19.11 -1.03
CA LEU C 38 -10.42 -20.00 -1.88
C LEU C 38 -11.32 -19.24 -2.87
N ILE C 39 -11.20 -19.56 -4.15
CA ILE C 39 -12.05 -18.99 -5.18
C ILE C 39 -13.20 -19.97 -5.39
N ASP C 40 -14.43 -19.51 -5.15
CA ASP C 40 -15.58 -20.40 -5.03
C ASP C 40 -16.76 -19.87 -5.86
N ARG C 41 -16.62 -19.94 -7.18
CA ARG C 41 -17.66 -19.50 -8.11
C ARG C 41 -17.68 -20.42 -9.33
N ALA C 42 -17.91 -21.70 -9.07
CA ALA C 42 -17.81 -22.75 -10.09
C ALA C 42 -18.75 -22.53 -11.28
N ASP C 43 -19.93 -21.97 -11.05
CA ASP C 43 -20.90 -21.73 -12.13
C ASP C 43 -20.47 -20.66 -13.16
N ARG C 44 -19.43 -19.89 -12.86
CA ARG C 44 -18.83 -18.97 -13.84
C ARG C 44 -17.34 -19.29 -14.05
N ARG C 45 -16.95 -20.53 -13.78
CA ARG C 45 -15.58 -21.00 -13.91
C ARG C 45 -14.59 -20.09 -13.17
N ASN C 46 -15.02 -19.67 -11.97
CA ASN C 46 -14.24 -18.83 -11.07
C ASN C 46 -13.85 -17.48 -11.64
N ALA C 47 -14.65 -16.96 -12.57
CA ALA C 47 -14.43 -15.62 -13.11
C ALA C 47 -14.62 -14.57 -12.02
N PHE C 48 -13.78 -13.53 -12.07
CA PHE C 48 -13.80 -12.46 -11.07
C PHE C 48 -14.72 -11.32 -11.48
N SER C 49 -15.52 -10.87 -10.53
CA SER C 49 -16.33 -9.67 -10.66
C SER C 49 -15.66 -8.56 -9.84
N LEU C 50 -16.15 -7.34 -9.97
CA LEU C 50 -15.55 -6.19 -9.27
C LEU C 50 -15.61 -6.35 -7.75
N ASP C 51 -16.72 -6.89 -7.24
CA ASP C 51 -16.84 -7.12 -5.79
C ASP C 51 -15.80 -8.13 -5.26
N MSE C 52 -15.39 -9.08 -6.08
CA MSE C 52 -14.38 -10.06 -5.67
C MSE C 52 -13.02 -9.42 -5.62
O MSE C 52 -12.23 -9.70 -4.71
CB MSE C 52 -14.38 -11.29 -6.56
CG MSE C 52 -15.63 -12.13 -6.31
SE MSE C 52 -15.98 -13.28 -7.87
CE MSE C 52 -14.60 -14.64 -7.49
N TRP C 53 -12.72 -8.55 -6.59
CA TRP C 53 -11.48 -7.79 -6.57
C TRP C 53 -11.40 -6.88 -5.35
N GLN C 54 -12.52 -6.29 -4.96
CA GLN C 54 -12.60 -5.47 -3.75
C GLN C 54 -12.36 -6.31 -2.50
N ARG C 55 -12.95 -7.49 -2.49
CA ARG C 55 -12.86 -8.41 -1.35
C ARG C 55 -11.44 -8.95 -1.11
N LEU C 56 -10.66 -9.13 -2.18
CA LEU C 56 -9.37 -9.83 -2.08
C LEU C 56 -8.41 -9.19 -1.07
N PRO C 57 -8.14 -7.86 -1.18
CA PRO C 57 -7.23 -7.26 -0.20
C PRO C 57 -7.77 -7.24 1.24
N GLU C 58 -9.08 -7.23 1.40
CA GLU C 58 -9.69 -7.36 2.73
C GLU C 58 -9.32 -8.71 3.35
N LEU C 59 -9.37 -9.77 2.55
CA LEU C 59 -9.01 -11.11 3.06
C LEU C 59 -7.52 -11.23 3.34
N LEU C 60 -6.69 -10.60 2.50
CA LEU C 60 -5.25 -10.56 2.75
C LEU C 60 -4.93 -9.90 4.10
N ALA C 61 -5.61 -8.79 4.40
CA ALA C 61 -5.40 -8.08 5.67
C ALA C 61 -5.74 -8.99 6.85
N GLU C 62 -6.83 -9.73 6.75
CA GLU C 62 -7.22 -10.67 7.78
C GLU C 62 -6.14 -11.74 7.98
N ALA C 63 -5.70 -12.35 6.87
CA ALA C 63 -4.67 -13.38 6.92
C ALA C 63 -3.37 -12.84 7.51
N SER C 64 -2.97 -11.65 7.07
CA SER C 64 -1.71 -11.04 7.51
C SER C 64 -1.69 -10.71 9.00
N GLY C 65 -2.86 -10.42 9.58
CA GLY C 65 -2.97 -10.09 11.00
C GLY C 65 -2.74 -11.29 11.93
N ASP C 66 -2.72 -12.49 11.36
CA ASP C 66 -2.53 -13.73 12.14
C ASP C 66 -1.05 -14.03 12.34
N ASP C 67 -0.59 -13.94 13.58
CA ASP C 67 0.81 -14.19 13.93
C ASP C 67 1.23 -15.65 13.73
N ALA C 68 0.28 -16.57 13.78
CA ALA C 68 0.58 -18.00 13.64
C ALA C 68 0.78 -18.43 12.18
N LEU C 69 0.39 -17.58 11.23
CA LEU C 69 0.45 -17.94 9.82
C LEU C 69 1.90 -18.11 9.33
N ARG C 70 2.10 -19.10 8.45
CA ARG C 70 3.40 -19.33 7.81
C ARG C 70 3.33 -19.34 6.29
N VAL C 71 2.17 -19.68 5.72
CA VAL C 71 2.02 -19.76 4.27
C VAL C 71 0.58 -19.54 3.87
N LEU C 72 0.39 -18.82 2.75
CA LEU C 72 -0.92 -18.61 2.16
C LEU C 72 -1.04 -19.37 0.84
N VAL C 73 -2.07 -20.19 0.72
CA VAL C 73 -2.33 -20.93 -0.51
C VAL C 73 -3.52 -20.31 -1.23
N VAL C 74 -3.36 -20.03 -2.51
CA VAL C 74 -4.45 -19.51 -3.34
C VAL C 74 -4.86 -20.62 -4.30
N LYS C 75 -6.15 -20.97 -4.29
CA LYS C 75 -6.64 -22.12 -5.06
C LYS C 75 -8.15 -22.05 -5.27
N SER C 76 -8.63 -22.91 -6.16
CA SER C 76 -10.07 -23.08 -6.34
C SER C 76 -10.63 -23.87 -5.16
N ALA C 77 -11.83 -23.50 -4.72
CA ALA C 77 -12.50 -24.24 -3.66
C ALA C 77 -12.95 -25.62 -4.13
N ASN C 78 -13.16 -25.77 -5.44
CA ASN C 78 -13.78 -26.96 -6.02
C ASN C 78 -12.94 -27.62 -7.10
N GLY C 79 -11.62 -27.39 -7.08
CA GLY C 79 -10.75 -27.83 -8.17
C GLY C 79 -11.19 -27.22 -9.49
N GLY C 80 -10.90 -27.92 -10.58
CA GLY C 80 -11.24 -27.41 -11.91
C GLY C 80 -10.56 -26.08 -12.20
N ALA C 81 -11.25 -25.23 -12.94
CA ALA C 81 -10.71 -23.93 -13.32
C ALA C 81 -10.24 -23.13 -12.11
N PHE C 82 -9.04 -22.55 -12.22
CA PHE C 82 -8.51 -21.66 -11.21
C PHE C 82 -9.26 -20.35 -11.29
N CYS C 83 -9.25 -19.76 -12.48
CA CYS C 83 -9.96 -18.52 -12.75
C CYS C 83 -10.00 -18.28 -14.27
N ALA C 84 -11.19 -18.35 -14.85
CA ALA C 84 -11.36 -18.22 -16.31
C ALA C 84 -11.30 -16.77 -16.81
N GLY C 85 -10.98 -15.82 -15.93
CA GLY C 85 -10.74 -14.43 -16.35
C GLY C 85 -11.79 -13.48 -15.81
N ALA C 86 -12.13 -12.48 -16.62
CA ALA C 86 -13.13 -11.48 -16.25
C ALA C 86 -14.55 -12.04 -16.41
N ASP C 87 -15.41 -11.69 -15.46
CA ASP C 87 -16.86 -11.90 -15.56
C ASP C 87 -17.35 -11.27 -16.87
N ILE C 88 -17.70 -12.11 -17.86
CA ILE C 88 -18.04 -11.62 -19.21
C ILE C 88 -19.36 -10.83 -19.24
N ALA C 89 -20.34 -11.26 -18.45
CA ALA C 89 -21.62 -10.54 -18.35
C ALA C 89 -21.39 -9.13 -17.82
N GLU C 90 -20.55 -9.01 -16.80
CA GLU C 90 -20.19 -7.72 -16.22
C GLU C 90 -19.48 -6.85 -17.25
N LEU C 91 -18.51 -7.43 -17.95
CA LEU C 91 -17.74 -6.73 -18.97
C LEU C 91 -18.66 -6.13 -20.03
N LEU C 92 -19.58 -6.94 -20.56
CA LEU C 92 -20.47 -6.50 -21.63
C LEU C 92 -21.50 -5.48 -21.14
N ALA C 93 -22.05 -5.70 -19.96
CA ALA C 93 -23.02 -4.77 -19.38
C ALA C 93 -22.43 -3.40 -19.13
N ASN C 94 -21.14 -3.35 -18.83
CA ASN C 94 -20.46 -2.09 -18.52
C ASN C 94 -19.55 -1.57 -19.63
N LYS C 95 -19.72 -2.08 -20.85
CA LYS C 95 -18.80 -1.75 -21.94
C LYS C 95 -18.78 -0.26 -22.31
N ASP C 96 -19.86 0.46 -22.03
CA ASP C 96 -19.93 1.91 -22.30
C ASP C 96 -19.84 2.76 -21.01
N ASP C 97 -19.40 2.14 -19.91
CA ASP C 97 -19.43 2.77 -18.58
C ASP C 97 -18.01 3.12 -18.13
N ALA C 98 -17.60 4.35 -18.42
CA ALA C 98 -16.25 4.81 -18.09
C ALA C 98 -15.96 4.75 -16.58
N ALA C 99 -16.97 5.03 -15.76
CA ALA C 99 -16.79 5.00 -14.31
C ALA C 99 -16.48 3.59 -13.80
N PHE C 100 -17.19 2.59 -14.32
CA PHE C 100 -16.89 1.20 -14.00
C PHE C 100 -15.45 0.83 -14.37
N HIS C 101 -15.04 1.20 -15.58
CA HIS C 101 -13.69 0.87 -16.05
C HIS C 101 -12.61 1.48 -15.17
N ALA C 102 -12.82 2.72 -14.73
CA ALA C 102 -11.89 3.38 -13.81
C ALA C 102 -11.78 2.65 -12.49
N ALA C 103 -12.92 2.31 -11.88
CA ALA C 103 -12.94 1.61 -10.59
C ALA C 103 -12.37 0.22 -10.67
N ASN C 104 -12.70 -0.48 -11.76
CA ASN C 104 -12.23 -1.84 -11.99
C ASN C 104 -10.71 -1.88 -12.17
N GLN C 105 -10.17 -0.93 -12.93
CA GLN C 105 -8.73 -0.81 -13.12
C GLN C 105 -8.01 -0.63 -11.79
N GLN C 106 -8.51 0.30 -10.97
CA GLN C 106 -7.88 0.59 -9.68
C GLN C 106 -8.01 -0.57 -8.68
N ALA C 107 -9.18 -1.23 -8.66
CA ALA C 107 -9.40 -2.36 -7.77
C ALA C 107 -8.51 -3.55 -8.11
N ILE C 108 -8.42 -3.89 -9.39
CA ILE C 108 -7.54 -4.98 -9.83
C ILE C 108 -6.09 -4.68 -9.49
N ASN C 109 -5.63 -3.48 -9.82
CA ASN C 109 -4.25 -3.08 -9.56
C ASN C 109 -3.90 -3.13 -8.07
N ARG C 110 -4.86 -2.75 -7.22
CA ARG C 110 -4.63 -2.83 -5.78
C ARG C 110 -4.49 -4.28 -5.32
N ALA C 111 -5.40 -5.14 -5.79
CA ALA C 111 -5.38 -6.56 -5.40
C ALA C 111 -4.08 -7.24 -5.81
N GLN C 112 -3.65 -6.99 -7.04
CA GLN C 112 -2.41 -7.54 -7.59
C GLN C 112 -1.17 -7.08 -6.82
N TYR C 113 -1.10 -5.79 -6.57
CA TYR C 113 0.00 -5.17 -5.85
C TYR C 113 0.12 -5.77 -4.45
N GLU C 114 -1.01 -5.86 -3.76
CA GLU C 114 -1.03 -6.37 -2.39
C GLU C 114 -0.73 -7.87 -2.31
N LEU C 115 -1.28 -8.66 -3.23
CA LEU C 115 -1.01 -10.09 -3.23
C LEU C 115 0.48 -10.35 -3.47
N ALA C 116 1.06 -9.64 -4.43
CA ALA C 116 2.47 -9.81 -4.77
C ALA C 116 3.43 -9.45 -3.63
N ARG C 117 2.96 -8.62 -2.70
CA ARG C 117 3.76 -8.16 -1.57
C ARG C 117 3.27 -8.67 -0.21
N PHE C 118 2.43 -9.70 -0.20
CA PHE C 118 2.02 -10.36 1.03
C PHE C 118 3.27 -10.75 1.84
N ARG C 119 3.24 -10.56 3.16
CA ARG C 119 4.47 -10.68 3.95
C ARG C 119 5.07 -12.10 3.99
N LEU C 120 4.21 -13.12 3.90
CA LEU C 120 4.64 -14.51 3.99
C LEU C 120 4.64 -15.20 2.62
N PRO C 121 5.28 -16.36 2.53
CA PRO C 121 5.22 -17.18 1.31
C PRO C 121 3.78 -17.43 0.82
N THR C 122 3.58 -17.32 -0.49
CA THR C 122 2.29 -17.59 -1.11
C THR C 122 2.48 -18.59 -2.25
N VAL C 123 1.53 -19.50 -2.38
CA VAL C 123 1.57 -20.56 -3.37
C VAL C 123 0.23 -20.58 -4.11
N ALA C 124 0.28 -20.58 -5.44
CA ALA C 124 -0.91 -20.77 -6.25
C ALA C 124 -0.98 -22.23 -6.71
N MSE C 125 -2.09 -22.89 -6.40
CA MSE C 125 -2.31 -24.29 -6.80
C MSE C 125 -3.27 -24.23 -7.94
O MSE C 125 -4.46 -23.96 -7.74
CB MSE C 125 -2.84 -25.09 -5.61
CG MSE C 125 -3.30 -26.50 -5.98
SE MSE C 125 -1.74 -27.63 -6.42
CE MSE C 125 -2.16 -27.98 -8.31
N VAL C 126 -2.78 -24.46 -9.15
CA VAL C 126 -3.58 -24.32 -10.37
C VAL C 126 -3.96 -25.68 -10.93
N GLU C 127 -5.25 -25.96 -11.00
CA GLU C 127 -5.76 -27.28 -11.42
C GLU C 127 -6.57 -27.25 -12.71
N GLY C 128 -6.63 -26.09 -13.37
CA GLY C 128 -7.42 -25.94 -14.58
C GLY C 128 -7.09 -24.62 -15.23
N ASP C 129 -8.06 -24.07 -15.97
CA ASP C 129 -7.82 -22.84 -16.70
C ASP C 129 -7.51 -21.67 -15.79
N CYS C 130 -6.48 -20.94 -16.18
CA CYS C 130 -5.99 -19.79 -15.45
C CYS C 130 -5.77 -18.69 -16.50
N ILE C 131 -6.77 -17.84 -16.68
CA ILE C 131 -6.84 -16.92 -17.82
C ILE C 131 -6.91 -15.46 -17.38
N GLY C 132 -6.17 -14.60 -18.08
CA GLY C 132 -6.29 -13.14 -17.94
C GLY C 132 -5.98 -12.63 -16.55
N GLY C 133 -6.99 -12.04 -15.90
CA GLY C 133 -6.88 -11.63 -14.50
C GLY C 133 -6.60 -12.80 -13.57
N GLY C 134 -7.08 -13.97 -13.95
CA GLY C 134 -6.77 -15.20 -13.21
C GLY C 134 -5.29 -15.53 -13.27
N CYS C 135 -4.69 -15.30 -14.44
CA CYS C 135 -3.26 -15.49 -14.61
C CYS C 135 -2.52 -14.43 -13.79
N GLY C 136 -3.07 -13.22 -13.74
CA GLY C 136 -2.55 -12.16 -12.90
C GLY C 136 -2.43 -12.58 -11.44
N ILE C 137 -3.48 -13.18 -10.92
CA ILE C 137 -3.47 -13.66 -9.53
C ILE C 137 -2.36 -14.68 -9.31
N ALA C 138 -2.25 -15.65 -10.22
CA ALA C 138 -1.24 -16.70 -10.12
C ALA C 138 0.18 -16.13 -10.19
N LEU C 139 0.36 -15.15 -11.08
CA LEU C 139 1.64 -14.45 -11.24
C LEU C 139 2.05 -13.64 -10.01
N ALA C 140 1.07 -13.19 -9.24
CA ALA C 140 1.32 -12.38 -8.05
C ALA C 140 1.73 -13.24 -6.84
N CYS C 141 1.56 -14.56 -6.94
CA CYS C 141 2.07 -15.47 -5.91
C CYS C 141 3.56 -15.71 -6.06
N ASP C 142 4.20 -16.16 -4.99
CA ASP C 142 5.64 -16.41 -4.99
C ASP C 142 6.03 -17.59 -5.86
N MSE C 143 5.16 -18.60 -5.89
CA MSE C 143 5.37 -19.77 -6.73
C MSE C 143 4.06 -20.38 -7.10
O MSE C 143 3.03 -20.14 -6.45
CB MSE C 143 6.30 -20.78 -6.05
CG MSE C 143 5.78 -21.33 -4.73
SE MSE C 143 7.33 -21.86 -3.61
CE MSE C 143 7.84 -20.07 -2.95
N ARG C 144 4.10 -21.18 -8.16
CA ARG C 144 2.92 -21.81 -8.73
C ARG C 144 3.16 -23.31 -8.90
N ILE C 145 2.17 -24.12 -8.54
CA ILE C 145 2.15 -25.54 -8.86
C ILE C 145 1.05 -25.78 -9.87
N ALA C 146 1.34 -26.52 -10.93
CA ALA C 146 0.33 -26.85 -11.94
C ALA C 146 0.03 -28.35 -11.96
N ALA C 147 -1.26 -28.68 -11.84
CA ALA C 147 -1.74 -30.04 -12.05
C ALA C 147 -1.86 -30.30 -13.56
N PRO C 148 -1.98 -31.59 -13.97
CA PRO C 148 -1.97 -31.93 -15.40
C PRO C 148 -2.97 -31.19 -16.30
N ALA C 149 -4.12 -30.78 -15.77
CA ALA C 149 -5.15 -30.10 -16.57
C ALA C 149 -5.03 -28.57 -16.59
N ALA C 150 -4.04 -28.03 -15.88
CA ALA C 150 -3.82 -26.58 -15.85
C ALA C 150 -3.52 -26.03 -17.24
N ARG C 151 -4.13 -24.91 -17.58
CA ARG C 151 -3.83 -24.17 -18.81
C ARG C 151 -3.73 -22.70 -18.48
N PHE C 152 -2.87 -21.99 -19.21
CA PHE C 152 -2.59 -20.58 -18.94
C PHE C 152 -2.72 -19.73 -20.20
N GLY C 153 -3.27 -18.54 -20.04
CA GLY C 153 -3.41 -17.61 -21.16
C GLY C 153 -3.63 -16.18 -20.70
N ILE C 154 -3.16 -15.22 -21.49
CA ILE C 154 -3.38 -13.80 -21.23
C ILE C 154 -3.98 -13.25 -22.52
N THR C 155 -5.26 -12.87 -22.46
CA THR C 155 -6.06 -12.69 -23.68
C THR C 155 -6.58 -11.27 -23.99
N PRO C 156 -5.97 -10.19 -23.43
CA PRO C 156 -6.53 -8.86 -23.75
C PRO C 156 -6.50 -8.47 -25.23
N ALA C 157 -5.54 -8.98 -26.01
CA ALA C 157 -5.43 -8.66 -27.43
C ALA C 157 -6.62 -9.18 -28.26
N LYS C 158 -7.36 -10.14 -27.72
CA LYS C 158 -8.58 -10.63 -28.37
C LYS C 158 -9.78 -9.68 -28.23
N LEU C 159 -9.70 -8.71 -27.33
CA LEU C 159 -10.75 -7.70 -27.15
C LEU C 159 -10.28 -6.24 -27.33
N GLY C 160 -9.07 -6.02 -27.81
CA GLY C 160 -8.57 -4.65 -27.98
C GLY C 160 -8.16 -3.98 -26.68
N LEU C 161 -7.82 -4.78 -25.68
CA LEU C 161 -7.39 -4.26 -24.38
C LEU C 161 -5.88 -4.39 -24.18
N VAL C 162 -5.41 -3.80 -23.09
CA VAL C 162 -4.01 -3.82 -22.70
C VAL C 162 -3.91 -4.61 -21.39
N TYR C 163 -2.71 -5.06 -21.04
CA TYR C 163 -2.46 -5.72 -19.76
C TYR C 163 -1.71 -4.72 -18.85
N PRO C 164 -2.02 -4.69 -17.54
CA PRO C 164 -1.37 -3.68 -16.69
C PRO C 164 0.14 -3.83 -16.65
N LEU C 165 0.88 -2.72 -16.61
CA LEU C 165 2.34 -2.80 -16.65
C LEU C 165 2.91 -3.58 -15.47
N HIS C 166 2.29 -3.45 -14.30
CA HIS C 166 2.67 -4.21 -13.11
C HIS C 166 2.67 -5.71 -13.40
N ASP C 167 1.64 -6.16 -14.12
CA ASP C 167 1.48 -7.58 -14.41
C ASP C 167 2.35 -8.03 -15.58
N VAL C 168 2.59 -7.14 -16.54
CA VAL C 168 3.59 -7.38 -17.59
C VAL C 168 4.94 -7.67 -16.94
N LYS C 169 5.30 -6.88 -15.94
CA LYS C 169 6.56 -7.09 -15.25
C LYS C 169 6.61 -8.44 -14.51
N LEU C 170 5.55 -8.79 -13.80
CA LEU C 170 5.48 -10.09 -13.12
C LEU C 170 5.73 -11.21 -14.12
N LEU C 171 5.15 -11.09 -15.32
CA LEU C 171 5.31 -12.11 -16.35
C LEU C 171 6.73 -12.15 -16.91
N VAL C 172 7.26 -10.98 -17.29
CA VAL C 172 8.61 -10.89 -17.85
C VAL C 172 9.66 -11.39 -16.85
N ASP C 173 9.47 -11.11 -15.55
CA ASP C 173 10.35 -11.61 -14.48
C ASP C 173 10.50 -13.14 -14.53
N LEU C 174 9.42 -13.84 -14.84
CA LEU C 174 9.41 -15.30 -14.86
C LEU C 174 9.85 -15.91 -16.18
N VAL C 175 9.32 -15.41 -17.29
CA VAL C 175 9.48 -16.10 -18.58
C VAL C 175 10.30 -15.34 -19.62
N GLY C 176 10.66 -14.10 -19.32
CA GLY C 176 11.43 -13.27 -20.26
C GLY C 176 10.52 -12.65 -21.30
N PRO C 177 11.06 -11.70 -22.08
CA PRO C 177 10.25 -10.90 -22.99
C PRO C 177 9.76 -11.64 -24.23
N GLY C 178 10.51 -12.64 -24.70
CA GLY C 178 10.09 -13.41 -25.87
C GLY C 178 8.81 -14.19 -25.63
N GLN C 179 8.82 -14.99 -24.56
CA GLN C 179 7.65 -15.76 -24.17
C GLN C 179 6.52 -14.85 -23.70
N ALA C 180 6.86 -13.76 -23.02
CA ALA C 180 5.83 -12.81 -22.58
C ALA C 180 5.07 -12.26 -23.78
N ARG C 181 5.81 -11.87 -24.83
CA ARG C 181 5.19 -11.35 -26.05
C ARG C 181 4.45 -12.44 -26.84
N ARG C 182 5.02 -13.64 -26.91
CA ARG C 182 4.31 -14.78 -27.53
C ARG C 182 2.92 -14.94 -26.94
N LEU C 183 2.84 -14.98 -25.61
CA LEU C 183 1.57 -15.19 -24.93
C LEU C 183 0.61 -14.00 -25.06
N MSE C 184 1.10 -12.80 -24.81
CA MSE C 184 0.26 -11.61 -24.79
C MSE C 184 -0.14 -11.12 -26.16
O MSE C 184 -1.21 -10.54 -26.30
CB MSE C 184 0.92 -10.47 -24.01
CG MSE C 184 1.00 -10.81 -22.53
SE MSE C 184 1.59 -9.26 -21.46
CE MSE C 184 3.41 -9.09 -22.19
N PHE C 185 0.72 -11.29 -27.17
CA PHE C 185 0.34 -10.89 -28.53
C PHE C 185 -0.71 -11.83 -29.15
N THR C 186 -0.61 -13.14 -28.89
CA THR C 186 -1.52 -14.11 -29.52
C THR C 186 -2.78 -14.38 -28.71
N GLY C 187 -2.70 -14.26 -27.38
CA GLY C 187 -3.80 -14.65 -26.52
C GLY C 187 -4.04 -16.15 -26.51
N GLY C 188 -3.07 -16.92 -26.98
CA GLY C 188 -3.20 -18.37 -27.08
C GLY C 188 -2.88 -19.05 -25.76
N LEU C 189 -3.53 -20.18 -25.50
CA LEU C 189 -3.31 -20.92 -24.27
C LEU C 189 -2.11 -21.84 -24.38
N ILE C 190 -1.44 -22.08 -23.25
CA ILE C 190 -0.41 -23.12 -23.16
C ILE C 190 -0.80 -24.10 -22.06
N ASP C 191 -0.38 -25.34 -22.20
CA ASP C 191 -0.70 -26.38 -21.21
C ASP C 191 0.32 -26.41 -20.06
N ALA C 192 0.07 -27.26 -19.08
CA ALA C 192 0.88 -27.34 -17.86
C ALA C 192 2.35 -27.60 -18.15
N ASN C 193 2.64 -28.56 -19.02
CA ASN C 193 4.02 -28.90 -19.36
C ASN C 193 4.79 -27.74 -20.03
N GLU C 194 4.14 -26.99 -20.91
CA GLU C 194 4.79 -25.85 -21.56
C GLU C 194 4.99 -24.71 -20.55
N ALA C 195 4.01 -24.47 -19.67
CA ALA C 195 4.15 -23.49 -18.59
C ALA C 195 5.34 -23.83 -17.68
N HIS C 196 5.49 -25.11 -17.37
CA HIS C 196 6.61 -25.59 -16.58
C HIS C 196 7.95 -25.39 -17.33
N ARG C 197 7.95 -25.71 -18.62
CA ARG C 197 9.16 -25.57 -19.44
C ARG C 197 9.66 -24.13 -19.57
N ILE C 198 8.74 -23.18 -19.78
CA ILE C 198 9.12 -21.76 -19.96
C ILE C 198 9.30 -20.98 -18.65
N GLY C 199 9.02 -21.62 -17.52
CA GLY C 199 9.23 -21.02 -16.21
C GLY C 199 8.04 -20.23 -15.66
N LEU C 200 6.86 -20.41 -16.26
CA LEU C 200 5.66 -19.75 -15.75
C LEU C 200 5.20 -20.40 -14.45
N VAL C 201 5.42 -21.70 -14.32
CA VAL C 201 5.16 -22.42 -13.06
C VAL C 201 6.44 -23.14 -12.64
N GLU C 202 6.64 -23.24 -11.33
CA GLU C 202 7.88 -23.76 -10.77
C GLU C 202 7.83 -25.28 -10.60
N LEU C 203 6.63 -25.82 -10.37
CA LEU C 203 6.45 -27.24 -10.04
C LEU C 203 5.23 -27.81 -10.75
N LEU C 204 5.32 -29.10 -11.07
CA LEU C 204 4.16 -29.90 -11.51
C LEU C 204 3.76 -30.83 -10.37
N GLY C 205 2.46 -30.97 -10.15
CA GLY C 205 1.95 -31.81 -9.07
C GLY C 205 0.45 -31.73 -8.92
N GLU C 206 -0.13 -32.75 -8.29
CA GLU C 206 -1.58 -32.83 -8.07
C GLU C 206 -2.02 -32.06 -6.82
N SER C 207 -1.07 -31.79 -5.92
CA SER C 207 -1.40 -31.26 -4.60
C SER C 207 -0.28 -30.38 -4.04
N GLU C 208 -0.67 -29.37 -3.29
CA GLU C 208 0.26 -28.45 -2.64
C GLU C 208 0.78 -28.93 -1.27
N ASP C 209 0.27 -30.06 -0.79
CA ASP C 209 0.51 -30.48 0.59
C ASP C 209 1.99 -30.65 0.94
N ALA C 210 2.75 -31.27 0.03
CA ALA C 210 4.18 -31.49 0.28
C ALA C 210 4.93 -30.17 0.42
N LEU C 211 4.74 -29.27 -0.55
CA LEU C 211 5.40 -27.96 -0.52
C LEU C 211 4.97 -27.15 0.69
N VAL C 212 3.67 -27.11 0.97
CA VAL C 212 3.13 -26.35 2.08
C VAL C 212 3.72 -26.84 3.40
N GLY C 213 3.84 -28.16 3.55
CA GLY C 213 4.50 -28.76 4.70
C GLY C 213 5.94 -28.28 4.90
N GLN C 214 6.69 -28.19 3.81
CA GLN C 214 8.06 -27.67 3.85
C GLN C 214 8.07 -26.19 4.25
N LEU C 215 7.22 -25.40 3.61
CA LEU C 215 7.16 -23.95 3.88
C LEU C 215 6.65 -23.63 5.29
N ALA C 216 5.80 -24.48 5.84
CA ALA C 216 5.22 -24.24 7.16
C ALA C 216 6.22 -24.47 8.31
N THR C 217 7.26 -25.28 8.07
CA THR C 217 8.18 -25.71 9.13
C THR C 217 9.54 -25.00 9.17
N VAL C 218 9.86 -24.17 8.17
CA VAL C 218 11.07 -23.35 8.21
C VAL C 218 10.82 -22.07 9.04
N SER C 219 11.89 -21.32 9.28
CA SER C 219 11.81 -20.05 10.02
C SER C 219 11.02 -18.98 9.27
N SER C 220 9.99 -18.45 9.93
CA SER C 220 9.18 -17.36 9.37
C SER C 220 9.91 -16.01 9.44
N PHE C 221 10.88 -15.89 10.33
CA PHE C 221 11.78 -14.74 10.29
C PHE C 221 12.53 -14.77 8.96
N SER C 222 13.09 -15.93 8.62
CA SER C 222 13.87 -16.10 7.38
C SER C 222 13.06 -15.87 6.12
N THR C 223 11.90 -16.51 6.02
CA THR C 223 11.08 -16.41 4.81
C THR C 223 10.63 -14.98 4.54
N GLN C 224 10.23 -14.27 5.59
CA GLN C 224 9.76 -12.89 5.43
C GLN C 224 10.90 -11.95 5.02
N ALA C 225 12.07 -12.12 5.62
CA ALA C 225 13.24 -11.29 5.31
C ALA C 225 13.74 -11.56 3.89
N ILE C 226 13.81 -12.84 3.54
CA ILE C 226 14.26 -13.25 2.20
C ILE C 226 13.27 -12.78 1.13
N LYS C 227 11.97 -12.89 1.41
CA LYS C 227 10.97 -12.40 0.46
C LYS C 227 11.15 -10.90 0.19
N SER C 228 11.42 -10.13 1.25
CA SER C 228 11.70 -8.71 1.09
C SER C 228 12.96 -8.43 0.28
N PHE C 229 14.02 -9.22 0.48
CA PHE C 229 15.24 -9.11 -0.33
C PHE C 229 14.97 -9.37 -1.82
N VAL C 230 14.23 -10.43 -2.11
CA VAL C 230 13.87 -10.75 -3.50
C VAL C 230 13.09 -9.57 -4.12
N ARG C 231 12.15 -9.01 -3.37
CA ARG C 231 11.39 -7.84 -3.85
C ARG C 231 12.29 -6.62 -4.09
N ARG C 232 13.24 -6.36 -3.20
CA ARG C 232 14.22 -5.28 -3.43
C ARG C 232 14.99 -5.49 -4.75
N VAL C 233 15.42 -6.73 -5.00
CA VAL C 233 16.13 -7.08 -6.24
C VAL C 233 15.22 -6.85 -7.47
N LEU C 234 13.98 -7.34 -7.40
CA LEU C 234 13.02 -7.11 -8.49
C LEU C 234 12.71 -5.63 -8.71
N ASP C 235 12.79 -4.82 -7.65
CA ASP C 235 12.60 -3.38 -7.73
C ASP C 235 13.86 -2.61 -8.15
N GLY C 236 14.93 -3.33 -8.48
CA GLY C 236 16.13 -2.72 -9.06
C GLY C 236 17.34 -2.59 -8.15
N GLN C 237 17.26 -3.10 -6.91
CA GLN C 237 18.41 -3.01 -6.00
C GLN C 237 19.53 -3.95 -6.48
N VAL C 238 20.73 -3.39 -6.63
CA VAL C 238 21.86 -4.13 -7.20
C VAL C 238 22.82 -4.66 -6.13
N ALA C 239 23.11 -3.84 -5.11
CA ALA C 239 24.11 -4.18 -4.10
C ALA C 239 23.51 -4.20 -2.71
N ASP C 240 24.20 -4.87 -1.78
CA ASP C 240 23.88 -4.76 -0.36
C ASP C 240 24.06 -3.30 0.06
N ASP C 241 23.25 -2.85 1.02
CA ASP C 241 23.43 -1.54 1.64
C ASP C 241 23.32 -1.67 3.15
N ALA C 242 23.43 -0.55 3.87
CA ALA C 242 23.39 -0.56 5.33
C ALA C 242 22.20 -1.36 5.85
N ASP C 243 21.03 -1.14 5.26
CA ASP C 243 19.83 -1.84 5.71
C ASP C 243 19.90 -3.36 5.48
N SER C 244 20.32 -3.79 4.29
CA SER C 244 20.35 -5.22 3.99
C SER C 244 21.43 -5.93 4.82
N LEU C 245 22.54 -5.24 5.10
CA LEU C 245 23.57 -5.79 5.97
C LEU C 245 23.08 -5.90 7.42
N ARG C 246 22.30 -4.92 7.86
CA ARG C 246 21.68 -4.94 9.19
C ARG C 246 20.67 -6.08 9.33
N VAL C 247 19.82 -6.25 8.33
CA VAL C 247 18.81 -7.33 8.37
C VAL C 247 19.51 -8.68 8.54
N PHE C 248 20.55 -8.92 7.74
CA PHE C 248 21.33 -10.15 7.81
C PHE C 248 21.91 -10.34 9.21
N ALA C 249 22.54 -9.30 9.74
CA ALA C 249 23.17 -9.37 11.07
C ALA C 249 22.14 -9.58 12.19
N SER C 250 20.95 -9.02 12.02
CA SER C 250 19.89 -9.12 13.04
C SER C 250 19.42 -10.55 13.27
N ALA C 251 19.58 -11.41 12.27
CA ALA C 251 19.17 -12.81 12.37
C ALA C 251 19.84 -13.52 13.55
N PHE C 252 21.11 -13.20 13.79
CA PHE C 252 21.87 -13.85 14.85
C PHE C 252 21.42 -13.46 16.26
N GLU C 253 20.70 -12.35 16.38
CA GLU C 253 20.12 -11.91 17.65
C GLU C 253 18.74 -12.52 17.89
N GLY C 254 18.19 -13.21 16.89
CA GLY C 254 16.81 -13.67 16.92
C GLY C 254 16.56 -15.00 17.60
N ALA C 255 15.33 -15.19 18.07
CA ALA C 255 14.91 -16.41 18.72
C ALA C 255 14.94 -17.61 17.76
N ASP C 256 14.69 -17.39 16.47
CA ASP C 256 14.69 -18.51 15.51
C ASP C 256 16.09 -19.11 15.37
N PHE C 257 17.12 -18.27 15.31
CA PHE C 257 18.50 -18.76 15.27
C PHE C 257 18.86 -19.58 16.52
N ARG C 258 18.42 -19.12 17.68
CA ARG C 258 18.65 -19.86 18.93
C ARG C 258 17.93 -21.21 18.93
N GLU C 259 16.70 -21.25 18.44
CA GLU C 259 15.97 -22.51 18.28
C GLU C 259 16.67 -23.43 17.27
N GLY C 260 17.15 -22.83 16.17
CA GLY C 260 17.85 -23.57 15.12
C GLY C 260 19.09 -24.28 15.61
N THR C 261 19.93 -23.57 16.35
CA THR C 261 21.17 -24.15 16.85
C THR C 261 20.90 -25.13 17.99
N GLY C 262 19.95 -24.78 18.86
CA GLY C 262 19.55 -25.65 19.96
C GLY C 262 18.99 -26.97 19.47
N ALA C 263 18.11 -26.92 18.47
CA ALA C 263 17.55 -28.13 17.87
C ALA C 263 18.65 -28.95 17.18
N PHE C 264 19.59 -28.28 16.50
CA PHE C 264 20.68 -28.99 15.85
C PHE C 264 21.50 -29.78 16.86
N LEU C 265 21.88 -29.16 17.97
CA LEU C 265 22.65 -29.83 19.01
C LEU C 265 21.89 -31.01 19.63
N GLU C 266 20.58 -30.88 19.77
CA GLU C 266 19.76 -31.93 20.35
C GLU C 266 19.26 -32.96 19.32
N LYS C 267 19.70 -32.80 18.07
CA LYS C 267 19.34 -33.72 16.97
C LYS C 267 17.83 -33.92 16.86
N ARG C 268 17.10 -32.82 16.91
CA ARG C 268 15.65 -32.82 16.76
C ARG C 268 15.28 -31.77 15.72
N PRO C 269 14.06 -31.87 15.14
CA PRO C 269 13.65 -30.84 14.20
C PRO C 269 13.41 -29.51 14.92
N PRO C 270 13.82 -28.38 14.32
CA PRO C 270 13.47 -27.11 14.96
C PRO C 270 11.97 -26.86 14.93
N VAL C 271 11.45 -26.24 16.00
CA VAL C 271 10.06 -25.78 16.06
C VAL C 271 10.09 -24.25 16.05
N PHE C 272 9.91 -23.67 14.87
CA PHE C 272 9.98 -22.22 14.70
C PHE C 272 8.62 -21.57 14.95
N SER D 25 -50.99 19.96 11.21
CA SER D 25 -49.97 20.22 12.27
C SER D 25 -48.51 19.95 11.82
N LEU D 26 -48.35 19.14 10.77
CA LEU D 26 -47.08 18.99 10.07
C LEU D 26 -47.39 19.03 8.57
N ARG D 27 -46.80 19.96 7.84
CA ARG D 27 -47.08 20.10 6.41
C ARG D 27 -45.83 20.44 5.61
N LEU D 28 -45.93 20.20 4.31
CA LEU D 28 -44.85 20.44 3.37
C LEU D 28 -45.25 21.55 2.41
N GLU D 29 -44.39 22.55 2.28
CA GLU D 29 -44.55 23.59 1.26
C GLU D 29 -43.43 23.42 0.24
N ARG D 30 -43.78 23.21 -1.03
CA ARG D 30 -42.78 23.07 -2.08
C ARG D 30 -42.72 24.33 -2.92
N ASP D 31 -41.51 24.86 -3.08
CA ASP D 31 -41.29 26.17 -3.69
C ASP D 31 -40.12 26.08 -4.69
N GLY D 32 -40.28 25.20 -5.67
CA GLY D 32 -39.22 24.94 -6.66
C GLY D 32 -37.99 24.30 -6.05
N ALA D 33 -36.89 25.04 -5.99
CA ALA D 33 -35.62 24.52 -5.47
C ALA D 33 -35.65 24.28 -3.96
N VAL D 34 -36.53 24.97 -3.26
CA VAL D 34 -36.60 24.89 -1.80
C VAL D 34 -37.93 24.29 -1.39
N ALA D 35 -37.89 23.38 -0.43
CA ALA D 35 -39.09 22.86 0.21
C ALA D 35 -38.97 23.09 1.71
N ARG D 36 -40.10 23.27 2.36
CA ARG D 36 -40.12 23.50 3.80
C ARG D 36 -41.04 22.51 4.49
N LEU D 37 -40.49 21.79 5.45
CA LEU D 37 -41.26 20.92 6.32
C LEU D 37 -41.58 21.74 7.56
N LEU D 38 -42.86 22.06 7.75
CA LEU D 38 -43.28 23.02 8.76
C LEU D 38 -43.99 22.33 9.92
N ILE D 39 -43.49 22.57 11.12
CA ILE D 39 -44.13 22.09 12.35
C ILE D 39 -45.08 23.20 12.81
N ASP D 40 -46.38 22.89 12.88
CA ASP D 40 -47.44 23.89 13.06
C ASP D 40 -48.44 23.48 14.15
N ARG D 41 -47.98 23.49 15.39
CA ARG D 41 -48.83 23.13 16.53
C ARG D 41 -48.50 24.05 17.72
N ALA D 42 -48.73 25.35 17.51
CA ALA D 42 -48.36 26.39 18.47
C ALA D 42 -48.95 26.19 19.87
N ASP D 43 -50.18 25.70 19.96
CA ASP D 43 -50.85 25.54 21.27
C ASP D 43 -50.26 24.44 22.16
N ARG D 44 -49.39 23.59 21.60
CA ARG D 44 -48.63 22.62 22.38
C ARG D 44 -47.12 22.80 22.17
N ARG D 45 -46.72 24.02 21.80
CA ARG D 45 -45.31 24.35 21.56
C ARG D 45 -44.65 23.32 20.61
N ASN D 46 -45.37 22.99 19.55
CA ASN D 46 -44.89 22.07 18.51
C ASN D 46 -44.53 20.66 18.98
N ALA D 47 -45.17 20.20 20.06
CA ALA D 47 -44.95 18.83 20.54
C ALA D 47 -45.49 17.84 19.51
N PHE D 48 -44.76 16.75 19.32
CA PHE D 48 -45.12 15.72 18.33
C PHE D 48 -46.05 14.67 18.94
N SER D 49 -47.09 14.33 18.19
CA SER D 49 -47.98 13.23 18.49
C SER D 49 -47.65 12.07 17.56
N LEU D 50 -48.21 10.89 17.84
CA LEU D 50 -47.98 9.72 17.00
C LEU D 50 -48.33 9.97 15.54
N ASP D 51 -49.48 10.61 15.29
CA ASP D 51 -49.89 10.86 13.90
C ASP D 51 -48.91 11.75 13.14
N MSE D 52 -48.28 12.69 13.82
CA MSE D 52 -47.26 13.56 13.22
C MSE D 52 -46.01 12.76 12.87
O MSE D 52 -45.45 12.94 11.79
CB MSE D 52 -46.90 14.74 14.14
CG MSE D 52 -48.07 15.74 14.20
SE MSE D 52 -47.85 17.00 15.71
CE MSE D 52 -46.28 18.00 15.06
N TRP D 53 -45.57 11.88 13.76
CA TRP D 53 -44.43 11.01 13.44
C TRP D 53 -44.74 10.11 12.23
N GLN D 54 -45.96 9.58 12.17
CA GLN D 54 -46.39 8.74 11.04
C GLN D 54 -46.49 9.51 9.73
N ARG D 55 -46.88 10.78 9.80
CA ARG D 55 -46.99 11.64 8.62
C ARG D 55 -45.61 12.02 8.02
N LEU D 56 -44.61 12.16 8.89
CA LEU D 56 -43.32 12.73 8.48
C LEU D 56 -42.68 12.02 7.27
N PRO D 57 -42.51 10.69 7.32
CA PRO D 57 -41.91 10.01 6.14
C PRO D 57 -42.74 10.10 4.85
N GLU D 58 -44.06 10.25 4.97
CA GLU D 58 -44.91 10.45 3.79
C GLU D 58 -44.62 11.79 3.14
N LEU D 59 -44.39 12.82 3.96
CA LEU D 59 -44.03 14.14 3.46
C LEU D 59 -42.62 14.16 2.86
N LEU D 60 -41.70 13.40 3.45
CA LEU D 60 -40.35 13.28 2.88
C LEU D 60 -40.39 12.61 1.51
N ALA D 61 -41.21 11.56 1.39
CA ALA D 61 -41.41 10.89 0.10
C ALA D 61 -41.96 11.86 -0.96
N GLU D 62 -42.94 12.68 -0.58
CA GLU D 62 -43.49 13.70 -1.47
C GLU D 62 -42.40 14.69 -1.90
N ALA D 63 -41.63 15.18 -0.93
CA ALA D 63 -40.53 16.10 -1.22
C ALA D 63 -39.49 15.47 -2.14
N SER D 64 -39.12 14.24 -1.83
CA SER D 64 -38.07 13.54 -2.58
C SER D 64 -38.43 13.25 -4.05
N GLY D 65 -39.72 13.13 -4.34
CA GLY D 65 -40.19 12.89 -5.70
C GLY D 65 -40.11 14.08 -6.65
N ASP D 66 -39.87 15.27 -6.10
CA ASP D 66 -39.76 16.50 -6.89
C ASP D 66 -38.34 16.67 -7.42
N ASP D 67 -38.17 16.50 -8.74
CA ASP D 67 -36.85 16.63 -9.37
C ASP D 67 -36.26 18.04 -9.30
N ALA D 68 -37.12 19.04 -9.12
CA ALA D 68 -36.68 20.43 -9.01
C ALA D 68 -36.05 20.75 -7.65
N LEU D 69 -36.27 19.90 -6.65
CA LEU D 69 -35.83 20.19 -5.29
C LEU D 69 -34.31 20.19 -5.15
N ARG D 70 -33.80 21.11 -4.32
CA ARG D 70 -32.38 21.22 -4.04
C ARG D 70 -32.04 21.21 -2.54
N VAL D 71 -32.98 21.66 -1.71
CA VAL D 71 -32.76 21.70 -0.27
C VAL D 71 -34.09 21.62 0.47
N LEU D 72 -34.09 20.92 1.60
CA LEU D 72 -35.25 20.83 2.46
C LEU D 72 -34.96 21.56 3.77
N VAL D 73 -35.86 22.48 4.14
CA VAL D 73 -35.73 23.22 5.38
C VAL D 73 -36.77 22.71 6.38
N VAL D 74 -36.32 22.37 7.58
CA VAL D 74 -37.22 21.98 8.68
C VAL D 74 -37.28 23.11 9.69
N LYS D 75 -38.48 23.60 9.97
CA LYS D 75 -38.66 24.72 10.87
C LYS D 75 -40.07 24.80 11.42
N SER D 76 -40.24 25.64 12.44
CA SER D 76 -41.56 25.97 12.97
C SER D 76 -42.29 26.84 11.96
N ALA D 77 -43.59 26.60 11.79
CA ALA D 77 -44.44 27.45 10.96
C ALA D 77 -44.65 28.83 11.58
N ASN D 78 -44.51 28.91 12.91
CA ASN D 78 -44.88 30.11 13.65
C ASN D 78 -43.75 30.69 14.48
N GLY D 79 -42.50 30.39 14.09
CA GLY D 79 -41.35 30.75 14.89
C GLY D 79 -41.47 30.14 16.28
N GLY D 80 -40.85 30.79 17.27
CA GLY D 80 -40.90 30.34 18.64
C GLY D 80 -40.30 28.95 18.80
N ALA D 81 -40.95 28.11 19.60
CA ALA D 81 -40.48 26.77 19.88
C ALA D 81 -40.35 25.95 18.60
N PHE D 82 -39.22 25.27 18.44
CA PHE D 82 -39.00 24.37 17.32
C PHE D 82 -39.86 23.13 17.54
N CYS D 83 -39.64 22.50 18.68
CA CYS D 83 -40.41 21.33 19.09
C CYS D 83 -40.07 21.05 20.53
N ALA D 84 -41.08 21.18 21.40
CA ALA D 84 -40.91 20.98 22.84
C ALA D 84 -40.77 19.51 23.25
N GLY D 85 -40.86 18.60 22.28
CA GLY D 85 -40.62 17.18 22.53
C GLY D 85 -41.89 16.34 22.43
N ALA D 86 -42.06 15.43 23.39
CA ALA D 86 -43.20 14.54 23.41
C ALA D 86 -44.47 15.25 23.86
N ASP D 87 -45.58 14.88 23.23
CA ASP D 87 -46.91 15.31 23.65
C ASP D 87 -47.17 14.69 25.02
N ILE D 88 -47.10 15.51 26.06
CA ILE D 88 -47.17 15.01 27.45
C ILE D 88 -48.55 14.45 27.78
N ALA D 89 -49.61 15.04 27.24
CA ALA D 89 -50.96 14.53 27.41
C ALA D 89 -51.09 13.14 26.79
N GLU D 90 -50.56 12.98 25.58
CA GLU D 90 -50.59 11.69 24.87
C GLU D 90 -49.80 10.64 25.65
N LEU D 91 -48.64 11.04 26.16
CA LEU D 91 -47.76 10.15 26.90
C LEU D 91 -48.43 9.64 28.18
N LEU D 92 -49.07 10.54 28.91
CA LEU D 92 -49.76 10.18 30.15
C LEU D 92 -51.03 9.37 29.89
N ALA D 93 -51.78 9.75 28.84
CA ALA D 93 -52.99 9.03 28.47
C ALA D 93 -52.71 7.59 28.01
N ASN D 94 -51.52 7.35 27.45
CA ASN D 94 -51.16 6.03 26.92
C ASN D 94 -50.09 5.32 27.72
N LYS D 95 -49.88 5.73 28.98
CA LYS D 95 -48.73 5.26 29.75
C LYS D 95 -48.72 3.74 30.04
N ASP D 96 -49.89 3.09 29.94
CA ASP D 96 -49.99 1.63 30.13
C ASP D 96 -50.34 0.88 28.84
N ASP D 97 -50.38 1.57 27.71
CA ASP D 97 -50.82 0.99 26.43
C ASP D 97 -49.60 0.49 25.66
N ALA D 98 -49.34 -0.82 25.73
CA ALA D 98 -48.14 -1.41 25.12
C ALA D 98 -48.13 -1.34 23.59
N ALA D 99 -49.31 -1.48 22.98
CA ALA D 99 -49.43 -1.36 21.53
C ALA D 99 -49.08 0.06 21.06
N PHE D 100 -49.55 1.06 21.81
CA PHE D 100 -49.21 2.45 21.51
C PHE D 100 -47.70 2.68 21.60
N HIS D 101 -47.07 2.18 22.66
CA HIS D 101 -45.62 2.34 22.84
C HIS D 101 -44.85 1.70 21.69
N ALA D 102 -45.28 0.51 21.26
CA ALA D 102 -44.66 -0.16 20.12
C ALA D 102 -44.82 0.68 18.85
N ALA D 103 -46.04 1.18 18.62
CA ALA D 103 -46.32 1.97 17.43
C ALA D 103 -45.53 3.27 17.43
N ASN D 104 -45.44 3.88 18.61
CA ASN D 104 -44.73 5.15 18.77
C ASN D 104 -43.22 5.00 18.56
N GLN D 105 -42.63 3.97 19.19
CA GLN D 105 -41.21 3.64 19.02
C GLN D 105 -40.86 3.41 17.55
N GLN D 106 -41.70 2.64 16.85
CA GLN D 106 -41.46 2.36 15.44
C GLN D 106 -41.57 3.61 14.58
N ALA D 107 -42.62 4.40 14.80
CA ALA D 107 -42.85 5.61 14.01
C ALA D 107 -41.73 6.63 14.21
N ILE D 108 -41.30 6.83 15.45
CA ILE D 108 -40.20 7.74 15.74
C ILE D 108 -38.90 7.28 15.07
N ASN D 109 -38.56 6.02 15.24
CA ASN D 109 -37.33 5.47 14.66
C ASN D 109 -37.33 5.55 13.13
N ARG D 110 -38.47 5.25 12.51
CA ARG D 110 -38.59 5.37 11.07
C ARG D 110 -38.41 6.83 10.61
N ALA D 111 -39.06 7.75 11.31
CA ALA D 111 -39.01 9.17 10.95
C ALA D 111 -37.58 9.72 11.03
N GLN D 112 -36.91 9.42 12.13
CA GLN D 112 -35.53 9.83 12.35
C GLN D 112 -34.58 9.24 11.31
N TYR D 113 -34.73 7.94 11.06
CA TYR D 113 -33.90 7.22 10.12
C TYR D 113 -34.01 7.81 8.72
N GLU D 114 -35.25 8.05 8.29
CA GLU D 114 -35.50 8.55 6.94
C GLU D 114 -35.10 10.01 6.76
N LEU D 115 -35.35 10.83 7.78
CA LEU D 115 -34.94 12.25 7.72
C LEU D 115 -33.42 12.37 7.60
N ALA D 116 -32.71 11.59 8.41
CA ALA D 116 -31.25 11.61 8.40
C ALA D 116 -30.65 11.17 7.06
N ARG D 117 -31.39 10.36 6.31
CA ARG D 117 -30.94 9.83 5.03
C ARG D 117 -31.67 10.43 3.81
N PHE D 118 -32.33 11.57 4.02
CA PHE D 118 -32.97 12.28 2.92
C PHE D 118 -31.92 12.55 1.83
N ARG D 119 -32.29 12.33 0.57
CA ARG D 119 -31.29 12.36 -0.51
C ARG D 119 -30.59 13.71 -0.66
N LEU D 120 -31.29 14.80 -0.37
CA LEU D 120 -30.76 16.15 -0.55
C LEU D 120 -30.35 16.81 0.77
N PRO D 121 -29.58 17.92 0.68
CA PRO D 121 -29.26 18.69 1.87
C PRO D 121 -30.49 19.11 2.65
N THR D 122 -30.39 19.02 3.98
CA THR D 122 -31.45 19.42 4.89
C THR D 122 -30.90 20.39 5.94
N VAL D 123 -31.71 21.39 6.28
CA VAL D 123 -31.33 22.44 7.24
C VAL D 123 -32.42 22.60 8.28
N ALA D 124 -32.06 22.52 9.56
CA ALA D 124 -32.97 22.84 10.65
C ALA D 124 -32.75 24.30 11.11
N MSE D 125 -33.81 25.10 11.05
CA MSE D 125 -33.78 26.48 11.54
C MSE D 125 -34.43 26.47 12.90
O MSE D 125 -35.63 26.28 13.02
CB MSE D 125 -34.49 27.41 10.56
CG MSE D 125 -34.63 28.85 11.06
SE MSE D 125 -32.91 29.83 10.97
CE MSE D 125 -32.78 30.27 12.88
N VAL D 126 -33.63 26.69 13.94
CA VAL D 126 -34.09 26.60 15.32
C VAL D 126 -34.15 28.00 15.94
N GLU D 127 -35.36 28.44 16.30
CA GLU D 127 -35.58 29.79 16.83
C GLU D 127 -36.00 29.83 18.30
N GLY D 128 -36.15 28.66 18.91
CA GLY D 128 -36.64 28.58 20.28
C GLY D 128 -36.33 27.22 20.88
N ASP D 129 -37.18 26.78 21.80
CA ASP D 129 -36.97 25.52 22.49
C ASP D 129 -36.94 24.32 21.54
N CYS D 130 -35.91 23.52 21.69
CA CYS D 130 -35.71 22.31 20.91
C CYS D 130 -35.35 21.20 21.89
N ILE D 131 -36.37 20.46 22.35
CA ILE D 131 -36.24 19.54 23.47
C ILE D 131 -36.59 18.08 23.10
N GLY D 132 -35.74 17.15 23.54
CA GLY D 132 -36.03 15.71 23.47
C GLY D 132 -36.18 15.17 22.05
N GLY D 133 -37.43 14.91 21.66
CA GLY D 133 -37.74 14.42 20.32
C GLY D 133 -37.51 15.48 19.26
N GLY D 134 -37.80 16.73 19.60
CA GLY D 134 -37.53 17.85 18.72
C GLY D 134 -36.04 17.97 18.44
N CYS D 135 -35.23 17.72 19.47
CA CYS D 135 -33.79 17.71 19.32
C CYS D 135 -33.38 16.59 18.38
N GLY D 136 -34.09 15.46 18.48
CA GLY D 136 -33.91 14.35 17.55
C GLY D 136 -34.10 14.78 16.10
N ILE D 137 -35.19 15.49 15.84
CA ILE D 137 -35.46 15.97 14.48
C ILE D 137 -34.32 16.89 14.02
N ALA D 138 -33.93 17.83 14.86
CA ALA D 138 -32.83 18.76 14.50
C ALA D 138 -31.52 18.00 14.24
N LEU D 139 -31.25 16.99 15.06
CA LEU D 139 -30.04 16.19 14.96
C LEU D 139 -29.99 15.35 13.67
N ALA D 140 -31.15 14.99 13.15
CA ALA D 140 -31.24 14.22 11.92
C ALA D 140 -31.08 15.08 10.66
N CYS D 141 -31.08 16.41 10.79
CA CYS D 141 -30.80 17.26 9.63
C CYS D 141 -29.29 17.34 9.40
N ASP D 142 -28.89 17.75 8.20
CA ASP D 142 -27.46 17.82 7.86
C ASP D 142 -26.75 18.91 8.63
N MSE D 143 -27.46 20.00 8.89
CA MSE D 143 -26.90 21.14 9.61
C MSE D 143 -28.00 21.90 10.29
O MSE D 143 -29.18 21.77 9.92
CB MSE D 143 -26.07 22.04 8.69
CG MSE D 143 -26.85 22.62 7.52
SE MSE D 143 -25.56 23.16 6.10
CE MSE D 143 -25.28 21.37 5.31
N ARG D 144 -27.63 22.68 11.30
CA ARG D 144 -28.56 23.45 12.11
C ARG D 144 -28.10 24.90 12.21
N ILE D 145 -29.07 25.82 12.14
CA ILE D 145 -28.85 27.23 12.43
C ILE D 145 -29.64 27.56 13.69
N ALA D 146 -29.00 28.26 14.62
CA ALA D 146 -29.66 28.65 15.87
C ALA D 146 -29.78 30.16 15.95
N ALA D 147 -31.01 30.64 16.15
CA ALA D 147 -31.23 32.06 16.44
C ALA D 147 -30.99 32.30 17.94
N PRO D 148 -30.90 33.58 18.36
CA PRO D 148 -30.45 33.84 19.75
C PRO D 148 -31.30 33.22 20.86
N ALA D 149 -32.59 32.99 20.63
CA ALA D 149 -33.46 32.42 21.68
C ALA D 149 -33.50 30.88 21.69
N ALA D 150 -32.80 30.24 20.77
CA ALA D 150 -32.80 28.77 20.70
C ALA D 150 -32.23 28.14 21.98
N ARG D 151 -32.87 27.08 22.45
CA ARG D 151 -32.38 26.31 23.59
C ARG D 151 -32.51 24.82 23.26
N PHE D 152 -31.58 24.02 23.77
CA PHE D 152 -31.50 22.61 23.42
C PHE D 152 -31.38 21.75 24.66
N GLY D 153 -32.09 20.63 24.67
CA GLY D 153 -31.99 19.66 25.76
C GLY D 153 -32.53 18.30 25.35
N ILE D 154 -31.97 17.25 25.93
CA ILE D 154 -32.47 15.89 25.72
C ILE D 154 -32.79 15.34 27.10
N THR D 155 -34.08 15.10 27.35
CA THR D 155 -34.60 14.98 28.71
C THR D 155 -35.21 13.62 29.15
N PRO D 156 -34.85 12.51 28.48
CA PRO D 156 -35.48 11.26 28.91
C PRO D 156 -35.08 10.79 30.32
N ALA D 157 -33.93 11.24 30.81
CA ALA D 157 -33.48 10.90 32.16
C ALA D 157 -34.38 11.47 33.27
N LYS D 158 -35.16 12.49 32.92
CA LYS D 158 -36.11 13.07 33.85
C LYS D 158 -37.43 12.28 33.98
N LEU D 159 -37.61 11.28 33.12
CA LEU D 159 -38.81 10.42 33.15
C LEU D 159 -38.49 8.92 33.24
N GLY D 160 -37.24 8.57 33.52
CA GLY D 160 -36.85 7.16 33.56
C GLY D 160 -36.89 6.46 32.22
N LEU D 161 -36.70 7.21 31.13
CA LEU D 161 -36.68 6.66 29.79
C LEU D 161 -35.26 6.67 29.19
N VAL D 162 -35.11 5.98 28.07
CA VAL D 162 -33.83 5.89 27.36
C VAL D 162 -33.95 6.70 26.06
N TYR D 163 -32.82 7.02 25.46
CA TYR D 163 -32.78 7.68 24.16
C TYR D 163 -32.41 6.61 23.12
N PRO D 164 -33.06 6.63 21.93
CA PRO D 164 -32.74 5.56 20.96
C PRO D 164 -31.28 5.60 20.53
N LEU D 165 -30.69 4.42 20.28
CA LEU D 165 -29.25 4.35 19.99
C LEU D 165 -28.92 5.12 18.71
N HIS D 166 -29.82 5.07 17.74
CA HIS D 166 -29.67 5.81 16.50
C HIS D 166 -29.46 7.31 16.78
N ASP D 167 -30.24 7.85 17.70
CA ASP D 167 -30.15 9.28 18.03
C ASP D 167 -29.01 9.60 18.99
N VAL D 168 -28.65 8.65 19.86
CA VAL D 168 -27.40 8.75 20.63
C VAL D 168 -26.22 8.90 19.66
N LYS D 169 -26.19 8.08 18.60
CA LYS D 169 -25.12 8.18 17.62
C LYS D 169 -25.10 9.52 16.90
N LEU D 170 -26.27 10.02 16.51
CA LEU D 170 -26.34 11.34 15.87
C LEU D 170 -25.73 12.41 16.75
N LEU D 171 -26.00 12.34 18.05
CA LEU D 171 -25.48 13.30 19.00
C LEU D 171 -23.97 13.16 19.20
N VAL D 172 -23.52 11.93 19.43
CA VAL D 172 -22.09 11.68 19.66
C VAL D 172 -21.27 12.09 18.43
N ASP D 173 -21.82 11.86 17.22
CA ASP D 173 -21.19 12.28 15.95
C ASP D 173 -20.86 13.78 15.93
N LEU D 174 -21.76 14.60 16.47
CA LEU D 174 -21.60 16.06 16.45
C LEU D 174 -20.80 16.61 17.61
N VAL D 175 -21.06 16.15 18.83
CA VAL D 175 -20.49 16.79 20.02
C VAL D 175 -19.50 15.94 20.82
N GLY D 176 -19.34 14.67 20.43
CA GLY D 176 -18.46 13.75 21.14
C GLY D 176 -19.10 13.18 22.39
N PRO D 177 -18.45 12.18 23.02
CA PRO D 177 -19.09 11.46 24.13
C PRO D 177 -19.22 12.24 25.44
N GLY D 178 -18.25 13.12 25.71
CA GLY D 178 -18.30 13.94 26.93
C GLY D 178 -19.52 14.85 26.98
N GLN D 179 -19.72 15.63 25.92
CA GLN D 179 -20.86 16.54 25.84
C GLN D 179 -22.18 15.79 25.72
N ALA D 180 -22.18 14.71 24.95
CA ALA D 180 -23.38 13.88 24.81
C ALA D 180 -23.85 13.36 26.17
N ARG D 181 -22.93 12.85 26.97
CA ARG D 181 -23.26 12.38 28.31
C ARG D 181 -23.63 13.53 29.25
N ARG D 182 -23.00 14.69 29.10
CA ARG D 182 -23.37 15.88 29.90
C ARG D 182 -24.84 16.22 29.67
N LEU D 183 -25.25 16.28 28.41
CA LEU D 183 -26.61 16.65 28.06
C LEU D 183 -27.63 15.57 28.43
N MSE D 184 -27.32 14.31 28.11
CA MSE D 184 -28.28 13.21 28.31
C MSE D 184 -28.39 12.73 29.74
O MSE D 184 -29.47 12.29 30.14
CB MSE D 184 -27.91 12.04 27.41
CG MSE D 184 -28.17 12.45 25.96
SE MSE D 184 -28.02 10.89 24.79
CE MSE D 184 -26.14 10.43 25.16
N PHE D 185 -27.31 12.81 30.52
CA PHE D 185 -27.39 12.46 31.94
C PHE D 185 -28.15 13.51 32.76
N THR D 186 -27.92 14.80 32.47
CA THR D 186 -28.53 15.86 33.27
C THR D 186 -29.93 16.25 32.81
N GLY D 187 -30.21 16.13 31.51
CA GLY D 187 -31.45 16.65 30.94
C GLY D 187 -31.55 18.17 30.99
N GLY D 188 -30.43 18.85 31.26
CA GLY D 188 -30.42 20.30 31.41
C GLY D 188 -30.33 20.99 30.05
N LEU D 189 -30.87 22.19 29.98
CA LEU D 189 -30.90 22.94 28.72
C LEU D 189 -29.62 23.72 28.52
N ILE D 190 -29.23 23.89 27.25
CA ILE D 190 -28.13 24.80 26.91
C ILE D 190 -28.61 25.85 25.93
N ASP D 191 -27.97 27.01 25.94
CA ASP D 191 -28.38 28.12 25.09
C ASP D 191 -27.70 28.07 23.73
N ALA D 192 -28.08 28.99 22.84
CA ALA D 192 -27.61 29.01 21.46
C ALA D 192 -26.09 29.11 21.34
N ASN D 193 -25.47 29.98 22.13
CA ASN D 193 -24.02 30.14 22.07
C ASN D 193 -23.26 28.88 22.51
N GLU D 194 -23.75 28.21 23.54
CA GLU D 194 -23.11 26.97 24.00
C GLU D 194 -23.31 25.84 22.99
N ALA D 195 -24.51 25.73 22.43
CA ALA D 195 -24.79 24.77 21.36
C ALA D 195 -23.82 24.96 20.20
N HIS D 196 -23.57 26.21 19.84
CA HIS D 196 -22.62 26.57 18.78
C HIS D 196 -21.17 26.23 19.18
N ARG D 197 -20.81 26.52 20.43
CA ARG D 197 -19.47 26.24 20.93
C ARG D 197 -19.13 24.74 20.90
N ILE D 198 -20.08 23.89 21.29
CA ILE D 198 -19.82 22.44 21.39
C ILE D 198 -20.07 21.68 20.08
N GLY D 199 -20.57 22.36 19.06
CA GLY D 199 -20.79 21.75 17.75
C GLY D 199 -22.18 21.15 17.55
N LEU D 200 -23.12 21.44 18.45
CA LEU D 200 -24.47 20.96 18.27
C LEU D 200 -25.14 21.67 17.09
N VAL D 201 -24.84 22.95 16.91
CA VAL D 201 -25.28 23.71 15.74
C VAL D 201 -24.07 24.29 15.02
N GLU D 202 -24.18 24.36 13.70
CA GLU D 202 -23.07 24.76 12.86
C GLU D 202 -22.99 26.28 12.70
N LEU D 203 -24.15 26.95 12.76
CA LEU D 203 -24.24 28.38 12.48
C LEU D 203 -25.16 29.09 13.47
N LEU D 204 -24.81 30.33 13.78
CA LEU D 204 -25.72 31.23 14.51
C LEU D 204 -26.25 32.24 13.52
N GLY D 205 -27.56 32.49 13.54
CA GLY D 205 -28.17 33.43 12.61
C GLY D 205 -29.65 33.55 12.81
N GLU D 206 -30.22 34.63 12.28
CA GLU D 206 -31.66 34.90 12.39
C GLU D 206 -32.46 34.16 11.32
N SER D 207 -31.84 33.82 10.21
CA SER D 207 -32.55 33.25 9.07
C SER D 207 -31.70 32.28 8.27
N GLU D 208 -32.38 31.32 7.65
CA GLU D 208 -31.72 30.33 6.80
C GLU D 208 -31.56 30.82 5.35
N ASP D 209 -32.11 32.00 5.04
CA ASP D 209 -32.18 32.49 3.65
C ASP D 209 -30.85 32.45 2.88
N ALA D 210 -29.79 32.95 3.51
CA ALA D 210 -28.49 33.03 2.87
C ALA D 210 -27.93 31.65 2.56
N LEU D 211 -27.91 30.79 3.58
CA LEU D 211 -27.42 29.42 3.40
C LEU D 211 -28.21 28.66 2.34
N VAL D 212 -29.54 28.71 2.44
CA VAL D 212 -30.42 28.04 1.48
C VAL D 212 -30.15 28.53 0.05
N GLY D 213 -29.93 29.83 -0.11
CA GLY D 213 -29.53 30.39 -1.41
C GLY D 213 -28.26 29.77 -1.98
N GLN D 214 -27.26 29.59 -1.14
CA GLN D 214 -26.02 28.95 -1.56
C GLN D 214 -26.24 27.49 -1.93
N LEU D 215 -26.99 26.78 -1.07
CA LEU D 215 -27.27 25.36 -1.29
C LEU D 215 -28.10 25.12 -2.55
N ALA D 216 -29.01 26.04 -2.85
CA ALA D 216 -29.91 25.89 -4.00
C ALA D 216 -29.22 26.02 -5.36
N THR D 217 -28.04 26.63 -5.39
CA THR D 217 -27.38 26.97 -6.65
C THR D 217 -26.17 26.10 -7.02
N VAL D 218 -25.72 25.22 -6.11
CA VAL D 218 -24.64 24.28 -6.46
C VAL D 218 -25.21 23.04 -7.17
N SER D 219 -24.33 22.16 -7.63
CA SER D 219 -24.75 20.91 -8.29
C SER D 219 -25.45 19.95 -7.33
N SER D 220 -26.65 19.51 -7.71
CA SER D 220 -27.38 18.51 -6.91
C SER D 220 -26.83 17.11 -7.11
N PHE D 221 -26.13 16.86 -8.22
CA PHE D 221 -25.37 15.62 -8.36
C PHE D 221 -24.32 15.54 -7.25
N SER D 222 -23.59 16.64 -7.07
CA SER D 222 -22.53 16.72 -6.06
C SER D 222 -23.06 16.59 -4.64
N THR D 223 -24.10 17.35 -4.29
CA THR D 223 -24.61 17.32 -2.92
C THR D 223 -25.11 15.94 -2.54
N GLN D 224 -25.82 15.29 -3.44
CA GLN D 224 -26.36 13.96 -3.14
C GLN D 224 -25.27 12.91 -3.00
N ALA D 225 -24.28 12.94 -3.88
CA ALA D 225 -23.17 12.00 -3.84
C ALA D 225 -22.34 12.22 -2.58
N ILE D 226 -22.04 13.48 -2.28
CA ILE D 226 -21.25 13.81 -1.10
C ILE D 226 -22.01 13.46 0.17
N LYS D 227 -23.31 13.72 0.20
CA LYS D 227 -24.10 13.34 1.37
C LYS D 227 -24.00 11.85 1.65
N SER D 228 -24.10 11.02 0.61
CA SER D 228 -23.96 9.57 0.79
C SER D 228 -22.56 9.16 1.27
N PHE D 229 -21.52 9.81 0.76
CA PHE D 229 -20.14 9.56 1.25
C PHE D 229 -20.01 9.85 2.76
N VAL D 230 -20.57 10.96 3.21
CA VAL D 230 -20.54 11.30 4.65
C VAL D 230 -21.24 10.21 5.48
N ARG D 231 -22.40 9.75 5.00
CA ARG D 231 -23.13 8.66 5.67
C ARG D 231 -22.29 7.36 5.72
N ARG D 232 -21.61 7.03 4.63
CA ARG D 232 -20.74 5.85 4.60
C ARG D 232 -19.64 5.94 5.66
N VAL D 233 -19.03 7.13 5.77
CA VAL D 233 -18.02 7.39 6.79
C VAL D 233 -18.59 7.25 8.19
N LEU D 234 -19.76 7.84 8.42
CA LEU D 234 -20.44 7.72 9.72
C LEU D 234 -20.82 6.26 10.05
N ASP D 235 -21.07 5.47 9.01
CA ASP D 235 -21.39 4.05 9.17
C ASP D 235 -20.15 3.14 9.26
N GLY D 236 -18.96 3.72 9.26
CA GLY D 236 -17.72 2.99 9.53
C GLY D 236 -16.80 2.72 8.35
N GLN D 237 -17.12 3.26 7.17
CA GLN D 237 -16.20 3.10 6.04
C GLN D 237 -14.94 3.96 6.25
N VAL D 238 -13.79 3.32 6.12
CA VAL D 238 -12.51 3.89 6.53
C VAL D 238 -11.62 4.25 5.32
N ALA D 239 -11.93 3.68 4.15
CA ALA D 239 -11.11 3.89 2.96
C ALA D 239 -12.00 3.86 1.75
N ASP D 240 -11.51 4.41 0.63
CA ASP D 240 -12.23 4.29 -0.63
C ASP D 240 -12.32 2.81 -0.99
N ASP D 241 -13.46 2.41 -1.55
CA ASP D 241 -13.61 1.06 -2.09
C ASP D 241 -14.04 1.18 -3.55
N ALA D 242 -14.16 0.06 -4.23
CA ALA D 242 -14.54 0.07 -5.64
C ALA D 242 -15.77 0.95 -5.90
N ASP D 243 -16.80 0.84 -5.05
CA ASP D 243 -18.00 1.64 -5.29
C ASP D 243 -17.80 3.15 -5.10
N SER D 244 -17.04 3.57 -4.10
CA SER D 244 -16.80 5.01 -3.90
C SER D 244 -15.90 5.56 -5.02
N LEU D 245 -14.96 4.76 -5.50
CA LEU D 245 -14.15 5.16 -6.67
C LEU D 245 -15.02 5.33 -7.92
N ARG D 246 -15.98 4.43 -8.08
CA ARG D 246 -16.90 4.47 -9.22
C ARG D 246 -17.81 5.70 -9.17
N VAL D 247 -18.37 5.98 -8.00
CA VAL D 247 -19.22 7.15 -7.81
C VAL D 247 -18.43 8.44 -8.14
N PHE D 248 -17.23 8.57 -7.59
CA PHE D 248 -16.35 9.69 -7.91
C PHE D 248 -16.15 9.81 -9.43
N ALA D 249 -15.82 8.69 -10.08
CA ALA D 249 -15.53 8.69 -11.51
C ALA D 249 -16.76 9.00 -12.37
N SER D 250 -17.96 8.69 -11.86
CA SER D 250 -19.20 8.90 -12.58
C SER D 250 -19.53 10.39 -12.80
N ALA D 251 -18.97 11.26 -11.97
CA ALA D 251 -19.22 12.70 -12.08
C ALA D 251 -18.84 13.24 -13.46
N PHE D 252 -17.75 12.73 -14.02
CA PHE D 252 -17.19 13.27 -15.25
C PHE D 252 -18.07 12.99 -16.48
N GLU D 253 -18.95 12.01 -16.38
CA GLU D 253 -19.90 11.69 -17.46
C GLU D 253 -21.24 12.40 -17.25
N GLY D 254 -21.37 13.16 -16.16
CA GLY D 254 -22.65 13.74 -15.78
C GLY D 254 -22.93 15.09 -16.42
N ALA D 255 -24.22 15.40 -16.53
CA ALA D 255 -24.68 16.67 -17.08
C ALA D 255 -24.17 17.88 -16.30
N ASP D 256 -24.06 17.77 -14.97
CA ASP D 256 -23.64 18.91 -14.17
C ASP D 256 -22.17 19.29 -14.43
N PHE D 257 -21.29 18.29 -14.57
CA PHE D 257 -19.90 18.57 -14.92
C PHE D 257 -19.79 19.27 -16.27
N ARG D 258 -20.59 18.84 -17.25
CA ARG D 258 -20.58 19.49 -18.56
C ARG D 258 -21.07 20.93 -18.48
N GLU D 259 -22.07 21.18 -17.63
CA GLU D 259 -22.57 22.54 -17.40
C GLU D 259 -21.53 23.40 -16.70
N GLY D 260 -20.88 22.82 -15.68
CA GLY D 260 -19.82 23.52 -14.94
C GLY D 260 -18.67 23.96 -15.84
N THR D 261 -18.18 23.03 -16.66
CA THR D 261 -17.06 23.33 -17.57
C THR D 261 -17.51 24.20 -18.74
N GLY D 262 -18.72 23.95 -19.24
CA GLY D 262 -19.29 24.76 -20.32
C GLY D 262 -19.52 26.20 -19.91
N ALA D 263 -20.05 26.40 -18.70
CA ALA D 263 -20.28 27.73 -18.16
C ALA D 263 -18.97 28.48 -17.98
N PHE D 264 -17.94 27.79 -17.52
CA PHE D 264 -16.65 28.41 -17.29
C PHE D 264 -16.03 28.91 -18.59
N LEU D 265 -16.11 28.11 -19.64
CA LEU D 265 -15.56 28.48 -20.94
C LEU D 265 -16.34 29.63 -21.60
N GLU D 266 -17.64 29.71 -21.30
CA GLU D 266 -18.49 30.77 -21.84
C GLU D 266 -18.57 31.98 -20.90
N LYS D 267 -17.78 31.98 -19.82
CA LYS D 267 -17.72 33.10 -18.88
C LYS D 267 -19.10 33.52 -18.37
N ARG D 268 -19.84 32.56 -17.83
CA ARG D 268 -21.15 32.80 -17.23
C ARG D 268 -21.29 31.91 -16.00
N PRO D 269 -22.24 32.22 -15.10
CA PRO D 269 -22.47 31.34 -13.96
C PRO D 269 -23.17 30.05 -14.39
N PRO D 270 -22.75 28.90 -13.81
CA PRO D 270 -23.44 27.65 -14.17
C PRO D 270 -24.86 27.63 -13.63
N VAL D 271 -25.77 26.99 -14.36
CA VAL D 271 -27.13 26.78 -13.89
C VAL D 271 -27.36 25.27 -13.74
N PHE D 272 -27.34 24.79 -12.50
CA PHE D 272 -27.38 23.34 -12.24
C PHE D 272 -28.80 22.80 -12.09
N MSE E 24 -3.42 5.05 52.45
CA MSE E 24 -4.53 6.01 52.15
C MSE E 24 -4.21 7.03 51.07
O MSE E 24 -4.78 8.12 51.07
CB MSE E 24 -4.89 6.74 53.45
N SER E 25 -3.32 6.66 50.15
CA SER E 25 -2.96 7.53 49.02
C SER E 25 -4.12 7.64 48.02
N LEU E 26 -4.90 6.57 47.94
CA LEU E 26 -6.08 6.51 47.09
C LEU E 26 -7.21 5.94 47.94
N ARG E 27 -8.29 6.69 48.09
CA ARG E 27 -9.39 6.26 48.97
C ARG E 27 -10.77 6.68 48.47
N LEU E 28 -11.78 5.97 48.99
CA LEU E 28 -13.16 6.15 48.57
C LEU E 28 -14.02 6.67 49.72
N GLU E 29 -14.78 7.74 49.47
CA GLU E 29 -15.81 8.20 50.39
C GLU E 29 -17.16 7.92 49.77
N ARG E 30 -18.09 7.38 50.56
CA ARG E 30 -19.47 7.15 50.10
C ARG E 30 -20.44 7.96 50.96
N ASP E 31 -21.06 8.96 50.35
CA ASP E 31 -22.00 9.85 51.04
C ASP E 31 -23.37 9.76 50.36
N GLY E 32 -23.99 8.59 50.44
CA GLY E 32 -25.31 8.35 49.85
C GLY E 32 -25.27 8.29 48.34
N ALA E 33 -25.92 9.26 47.68
CA ALA E 33 -26.00 9.32 46.23
C ALA E 33 -24.66 9.65 45.56
N VAL E 34 -23.74 10.24 46.31
CA VAL E 34 -22.44 10.65 45.79
C VAL E 34 -21.30 9.86 46.43
N ALA E 35 -20.40 9.35 45.61
CA ALA E 35 -19.15 8.78 46.08
C ALA E 35 -17.99 9.58 45.51
N ARG E 36 -16.89 9.63 46.25
CA ARG E 36 -15.71 10.37 45.81
C ARG E 36 -14.47 9.49 45.86
N LEU E 37 -13.81 9.35 44.72
CA LEU E 37 -12.51 8.69 44.64
C LEU E 37 -11.46 9.78 44.81
N LEU E 38 -10.78 9.77 45.95
CA LEU E 38 -9.86 10.83 46.32
C LEU E 38 -8.39 10.41 46.17
N ILE E 39 -7.64 11.22 45.42
CA ILE E 39 -6.20 11.03 45.27
C ILE E 39 -5.54 11.91 46.32
N ASP E 40 -4.80 11.28 47.23
CA ASP E 40 -4.33 11.95 48.45
C ASP E 40 -2.83 11.71 48.65
N ARG E 41 -2.02 12.39 47.85
CA ARG E 41 -0.57 12.26 47.92
C ARG E 41 0.09 13.57 47.50
N ALA E 42 -0.23 14.63 48.25
CA ALA E 42 0.25 15.98 47.97
C ALA E 42 1.77 16.09 47.92
N ASP E 43 2.45 15.26 48.71
CA ASP E 43 3.92 15.22 48.75
C ASP E 43 4.55 14.99 47.38
N ARG E 44 3.92 14.14 46.57
CA ARG E 44 4.41 13.83 45.23
C ARG E 44 3.48 14.37 44.13
N ARG E 45 2.79 15.47 44.43
CA ARG E 45 1.84 16.08 43.50
C ARG E 45 0.90 15.02 42.88
N ASN E 46 0.38 14.16 43.75
CA ASN E 46 -0.59 13.11 43.39
C ASN E 46 -0.12 12.12 42.31
N ALA E 47 1.19 11.93 42.22
CA ALA E 47 1.75 10.95 41.30
C ALA E 47 1.31 9.53 41.71
N PHE E 48 1.05 8.69 40.72
CA PHE E 48 0.57 7.33 40.96
C PHE E 48 1.72 6.33 41.00
N SER E 49 1.66 5.43 41.98
CA SER E 49 2.57 4.30 42.09
C SER E 49 1.81 3.03 41.73
N LEU E 50 2.53 1.93 41.59
CA LEU E 50 1.93 0.66 41.17
C LEU E 50 0.79 0.22 42.08
N ASP E 51 0.99 0.32 43.39
CA ASP E 51 -0.03 -0.10 44.35
C ASP E 51 -1.31 0.76 44.28
N MSE E 52 -1.16 2.03 43.91
CA MSE E 52 -2.33 2.91 43.72
C MSE E 52 -3.10 2.46 42.52
O MSE E 52 -4.32 2.34 42.58
CB MSE E 52 -1.91 4.38 43.61
CG MSE E 52 -1.40 4.92 44.96
SE MSE E 52 -0.48 6.64 44.78
CE MSE E 52 -2.03 7.78 44.34
N TRP E 53 -2.41 2.18 41.41
CA TRP E 53 -3.07 1.62 40.21
C TRP E 53 -3.79 0.31 40.52
N GLN E 54 -3.12 -0.57 41.27
CA GLN E 54 -3.70 -1.85 41.66
C GLN E 54 -4.89 -1.69 42.61
N ARG E 55 -4.83 -0.68 43.47
CA ARG E 55 -5.91 -0.37 44.41
C ARG E 55 -7.19 0.15 43.73
N LEU E 56 -7.03 0.86 42.61
CA LEU E 56 -8.16 1.59 42.01
C LEU E 56 -9.39 0.71 41.67
N PRO E 57 -9.21 -0.39 40.91
CA PRO E 57 -10.37 -1.22 40.58
C PRO E 57 -11.06 -1.87 41.79
N GLU E 58 -10.31 -2.09 42.86
CA GLU E 58 -10.89 -2.59 44.12
C GLU E 58 -11.84 -1.55 44.72
N LEU E 59 -11.45 -0.28 44.67
CA LEU E 59 -12.30 0.82 45.14
C LEU E 59 -13.54 0.97 44.26
N LEU E 60 -13.38 0.79 42.95
CA LEU E 60 -14.49 0.83 42.01
C LEU E 60 -15.49 -0.30 42.26
N ALA E 61 -14.98 -1.48 42.59
CA ALA E 61 -15.85 -2.62 42.93
C ALA E 61 -16.70 -2.30 44.16
N GLU E 62 -16.08 -1.69 45.17
CA GLU E 62 -16.77 -1.27 46.39
C GLU E 62 -17.86 -0.24 46.09
N ALA E 63 -17.51 0.76 45.28
CA ALA E 63 -18.46 1.81 44.89
C ALA E 63 -19.64 1.25 44.11
N SER E 64 -19.35 0.36 43.16
CA SER E 64 -20.38 -0.20 42.28
C SER E 64 -21.41 -1.09 43.01
N GLY E 65 -20.99 -1.72 44.10
CA GLY E 65 -21.89 -2.57 44.90
C GLY E 65 -22.93 -1.82 45.73
N ASP E 66 -22.80 -0.50 45.83
CA ASP E 66 -23.75 0.32 46.58
C ASP E 66 -24.90 0.77 45.68
N ASP E 67 -26.09 0.21 45.90
CA ASP E 67 -27.26 0.51 45.08
C ASP E 67 -27.82 1.93 45.28
N ALA E 68 -27.40 2.60 46.36
CA ALA E 68 -27.81 3.99 46.61
C ALA E 68 -27.03 4.98 45.73
N LEU E 69 -25.90 4.55 45.19
CA LEU E 69 -25.00 5.46 44.48
C LEU E 69 -25.59 5.97 43.16
N ARG E 70 -25.33 7.23 42.87
CA ARG E 70 -25.84 7.88 41.66
C ARG E 70 -24.72 8.47 40.78
N VAL E 71 -23.63 8.92 41.39
CA VAL E 71 -22.53 9.53 40.66
C VAL E 71 -21.22 9.37 41.41
N LEU E 72 -20.14 9.14 40.68
CA LEU E 72 -18.81 9.02 41.25
C LEU E 72 -17.97 10.20 40.79
N VAL E 73 -17.31 10.85 41.76
CA VAL E 73 -16.45 12.00 41.48
C VAL E 73 -15.00 11.62 41.73
N VAL E 74 -14.13 11.91 40.75
CA VAL E 74 -12.70 11.66 40.88
C VAL E 74 -12.01 13.00 41.04
N LYS E 75 -11.26 13.16 42.13
CA LYS E 75 -10.60 14.43 42.41
C LYS E 75 -9.44 14.30 43.38
N SER E 76 -8.67 15.36 43.49
CA SER E 76 -7.63 15.46 44.51
C SER E 76 -8.29 15.68 45.86
N ALA E 77 -7.78 15.01 46.88
CA ALA E 77 -8.25 15.21 48.25
C ALA E 77 -7.93 16.61 48.77
N ASN E 78 -6.83 17.19 48.29
CA ASN E 78 -6.31 18.47 48.81
C ASN E 78 -6.27 19.60 47.78
N GLY E 79 -7.14 19.53 46.77
CA GLY E 79 -7.07 20.46 45.65
C GLY E 79 -5.72 20.37 44.95
N GLY E 80 -5.26 21.50 44.40
CA GLY E 80 -3.96 21.54 43.73
C GLY E 80 -3.90 20.59 42.55
N ALA E 81 -2.76 19.94 42.37
CA ALA E 81 -2.54 19.05 41.24
C ALA E 81 -3.47 17.85 41.29
N PHE E 82 -4.11 17.55 40.16
CA PHE E 82 -5.00 16.40 40.04
C PHE E 82 -4.15 15.14 40.11
N CYS E 83 -3.16 15.07 39.23
CA CYS E 83 -2.19 13.98 39.23
C CYS E 83 -1.06 14.33 38.27
N ALA E 84 0.15 14.46 38.81
CA ALA E 84 1.33 14.79 38.01
C ALA E 84 1.87 13.60 37.22
N GLY E 85 1.18 12.47 37.26
CA GLY E 85 1.51 11.32 36.43
C GLY E 85 2.27 10.23 37.16
N ALA E 86 3.37 9.78 36.57
CA ALA E 86 4.12 8.63 37.07
C ALA E 86 5.05 9.01 38.22
N ASP E 87 5.13 8.14 39.23
CA ASP E 87 6.06 8.31 40.33
C ASP E 87 7.48 8.22 39.77
N ILE E 88 8.19 9.35 39.76
CA ILE E 88 9.49 9.43 39.09
C ILE E 88 10.57 8.55 39.74
N ALA E 89 10.59 8.51 41.07
CA ALA E 89 11.53 7.67 41.80
C ALA E 89 11.27 6.21 41.46
N GLU E 90 10.00 5.82 41.48
CA GLU E 90 9.57 4.48 41.11
C GLU E 90 9.99 4.13 39.67
N LEU E 91 9.80 5.07 38.75
CA LEU E 91 10.15 4.86 37.35
C LEU E 91 11.64 4.60 37.17
N LEU E 92 12.46 5.48 37.77
CA LEU E 92 13.91 5.38 37.62
C LEU E 92 14.47 4.12 38.28
N ALA E 93 14.02 3.84 39.50
CA ALA E 93 14.44 2.64 40.24
C ALA E 93 14.17 1.35 39.48
N ASN E 94 13.06 1.31 38.74
CA ASN E 94 12.67 0.10 38.01
C ASN E 94 12.93 0.17 36.50
N LYS E 95 13.77 1.10 36.07
CA LYS E 95 14.02 1.32 34.63
C LYS E 95 14.60 0.11 33.89
N ASP E 96 15.22 -0.83 34.61
CA ASP E 96 15.74 -2.07 34.03
C ASP E 96 14.95 -3.31 34.45
N ASP E 97 13.80 -3.10 35.10
CA ASP E 97 13.03 -4.19 35.71
C ASP E 97 11.90 -4.61 34.80
N ALA E 98 12.11 -5.70 34.06
CA ALA E 98 11.13 -6.24 33.12
C ALA E 98 9.81 -6.60 33.80
N ALA E 99 9.90 -7.22 34.97
CA ALA E 99 8.72 -7.67 35.71
C ALA E 99 7.86 -6.50 36.17
N PHE E 100 8.50 -5.43 36.64
CA PHE E 100 7.77 -4.23 37.05
C PHE E 100 7.03 -3.60 35.88
N HIS E 101 7.69 -3.49 34.73
CA HIS E 101 7.09 -2.92 33.53
C HIS E 101 5.85 -3.71 33.07
N ALA E 102 5.93 -5.02 33.13
CA ALA E 102 4.79 -5.88 32.79
C ALA E 102 3.63 -5.69 33.78
N ALA E 103 3.97 -5.66 35.07
CA ALA E 103 2.98 -5.46 36.13
C ALA E 103 2.35 -4.08 36.04
N ASN E 104 3.18 -3.07 35.80
CA ASN E 104 2.71 -1.69 35.69
C ASN E 104 1.77 -1.52 34.49
N GLN E 105 2.17 -2.08 33.35
CA GLN E 105 1.35 -2.01 32.13
C GLN E 105 -0.03 -2.61 32.36
N GLN E 106 -0.06 -3.80 32.97
CA GLN E 106 -1.30 -4.50 33.28
C GLN E 106 -2.20 -3.71 34.24
N ALA E 107 -1.61 -3.18 35.31
CA ALA E 107 -2.39 -2.48 36.34
C ALA E 107 -3.00 -1.19 35.82
N ILE E 108 -2.23 -0.43 35.05
CA ILE E 108 -2.71 0.81 34.45
C ILE E 108 -3.86 0.54 33.47
N ASN E 109 -3.64 -0.41 32.56
CA ASN E 109 -4.66 -0.76 31.56
C ASN E 109 -5.96 -1.24 32.20
N ARG E 110 -5.86 -2.05 33.25
CA ARG E 110 -7.05 -2.53 33.97
C ARG E 110 -7.81 -1.37 34.63
N ALA E 111 -7.08 -0.50 35.32
CA ALA E 111 -7.68 0.64 36.02
C ALA E 111 -8.42 1.57 35.06
N GLN E 112 -7.76 1.89 33.94
CA GLN E 112 -8.33 2.75 32.90
C GLN E 112 -9.57 2.13 32.28
N TYR E 113 -9.47 0.84 31.93
CA TYR E 113 -10.57 0.11 31.30
C TYR E 113 -11.81 0.11 32.19
N GLU E 114 -11.62 -0.20 33.46
CA GLU E 114 -12.74 -0.30 34.39
C GLU E 114 -13.33 1.05 34.78
N LEU E 115 -12.49 2.06 34.96
CA LEU E 115 -12.98 3.40 35.27
C LEU E 115 -13.86 3.92 34.14
N ALA E 116 -13.41 3.73 32.90
CA ALA E 116 -14.14 4.19 31.72
C ALA E 116 -15.50 3.50 31.56
N ARG E 117 -15.62 2.29 32.10
CA ARG E 117 -16.87 1.50 31.98
C ARG E 117 -17.61 1.35 33.31
N PHE E 118 -17.33 2.21 34.28
CA PHE E 118 -18.08 2.27 35.53
C PHE E 118 -19.58 2.43 35.20
N ARG E 119 -20.44 1.71 35.91
CA ARG E 119 -21.86 1.65 35.54
C ARG E 119 -22.60 2.99 35.65
N LEU E 120 -22.20 3.83 36.60
CA LEU E 120 -22.85 5.15 36.82
C LEU E 120 -22.04 6.32 36.24
N PRO E 121 -22.68 7.51 36.14
CA PRO E 121 -21.97 8.72 35.73
C PRO E 121 -20.71 9.00 36.55
N THR E 122 -19.63 9.38 35.87
CA THR E 122 -18.37 9.74 36.52
C THR E 122 -17.95 11.15 36.11
N VAL E 123 -17.41 11.91 37.08
CA VAL E 123 -16.99 13.29 36.86
C VAL E 123 -15.59 13.49 37.44
N ALA E 124 -14.69 14.04 36.63
CA ALA E 124 -13.37 14.42 37.10
C ALA E 124 -13.33 15.92 37.33
N MSE E 125 -12.93 16.32 38.53
CA MSE E 125 -12.81 17.74 38.89
C MSE E 125 -11.33 18.01 38.92
O MSE E 125 -10.62 17.48 39.76
CB MSE E 125 -13.46 17.98 40.25
CG MSE E 125 -13.17 19.36 40.85
SE MSE E 125 -14.20 20.78 39.96
CE MSE E 125 -12.67 21.87 39.38
N VAL E 126 -10.87 18.86 37.99
CA VAL E 126 -9.43 19.12 37.81
C VAL E 126 -9.11 20.57 38.23
N GLU E 127 -8.26 20.70 39.24
CA GLU E 127 -7.93 21.99 39.84
C GLU E 127 -6.46 22.37 39.68
N GLY E 128 -5.68 21.53 39.00
CA GLY E 128 -4.25 21.74 38.85
C GLY E 128 -3.69 20.88 37.75
N ASP E 129 -2.39 20.59 37.85
CA ASP E 129 -1.71 19.82 36.81
C ASP E 129 -2.31 18.42 36.67
N CYS E 130 -2.54 18.03 35.42
CA CYS E 130 -3.12 16.74 35.08
C CYS E 130 -2.29 16.20 33.94
N ILE E 131 -1.28 15.40 34.29
CA ILE E 131 -0.20 15.03 33.37
C ILE E 131 -0.06 13.52 33.18
N GLY E 132 0.00 13.08 31.92
CA GLY E 132 0.31 11.68 31.59
C GLY E 132 -0.69 10.68 32.12
N GLY E 133 -0.29 9.96 33.18
CA GLY E 133 -1.16 8.99 33.83
C GLY E 133 -2.38 9.63 34.43
N GLY E 134 -2.20 10.83 34.99
CA GLY E 134 -3.30 11.62 35.53
C GLY E 134 -4.31 12.01 34.48
N CYS E 135 -3.81 12.35 33.29
CA CYS E 135 -4.67 12.68 32.16
C CYS E 135 -5.47 11.47 31.71
N GLY E 136 -4.83 10.30 31.73
CA GLY E 136 -5.51 9.04 31.47
C GLY E 136 -6.73 8.84 32.36
N ILE E 137 -6.55 9.07 33.66
CA ILE E 137 -7.64 8.95 34.62
C ILE E 137 -8.75 9.94 34.28
N ALA E 138 -8.38 11.19 34.05
CA ALA E 138 -9.36 12.23 33.72
C ALA E 138 -10.12 11.87 32.44
N LEU E 139 -9.40 11.34 31.44
CA LEU E 139 -9.99 10.93 30.16
C LEU E 139 -10.98 9.76 30.28
N ALA E 140 -10.77 8.90 31.27
CA ALA E 140 -11.61 7.73 31.49
C ALA E 140 -12.93 8.08 32.19
N CYS E 141 -13.04 9.27 32.77
CA CYS E 141 -14.31 9.73 33.33
C CYS E 141 -15.25 10.16 32.21
N ASP E 142 -16.56 10.25 32.52
CA ASP E 142 -17.56 10.61 31.53
C ASP E 142 -17.46 12.08 31.11
N MSE E 143 -17.08 12.92 32.07
CA MSE E 143 -16.93 14.35 31.79
C MSE E 143 -15.96 14.98 32.76
O MSE E 143 -15.70 14.45 33.84
CB MSE E 143 -18.29 15.06 31.84
CG MSE E 143 -19.01 14.91 33.18
SE MSE E 143 -20.93 15.32 32.93
CE MSE E 143 -21.46 13.59 32.14
N ARG E 144 -15.40 16.11 32.36
CA ARG E 144 -14.40 16.80 33.14
C ARG E 144 -14.81 18.25 33.38
N ILE E 145 -14.59 18.70 34.61
CA ILE E 145 -14.70 20.11 34.96
C ILE E 145 -13.29 20.60 35.28
N ALA E 146 -12.93 21.76 34.73
CA ALA E 146 -11.61 22.34 34.98
C ALA E 146 -11.73 23.72 35.63
N ALA E 147 -11.00 23.91 36.72
CA ALA E 147 -10.81 25.22 37.32
C ALA E 147 -9.72 25.98 36.56
N PRO E 148 -9.63 27.31 36.76
CA PRO E 148 -8.69 28.13 35.97
C PRO E 148 -7.23 27.68 35.98
N ALA E 149 -6.76 27.08 37.08
CA ALA E 149 -5.35 26.65 37.20
C ALA E 149 -5.08 25.25 36.64
N ALA E 150 -6.10 24.57 36.14
CA ALA E 150 -5.91 23.27 35.53
C ALA E 150 -4.98 23.35 34.32
N ARG E 151 -4.05 22.41 34.22
CA ARG E 151 -3.19 22.27 33.06
C ARG E 151 -3.12 20.80 32.68
N PHE E 152 -3.08 20.53 31.38
CA PHE E 152 -3.16 19.17 30.87
C PHE E 152 -2.00 18.88 29.94
N GLY E 153 -1.49 17.65 30.01
CA GLY E 153 -0.42 17.23 29.10
C GLY E 153 -0.22 15.73 29.08
N ILE E 154 0.22 15.22 27.95
CA ILE E 154 0.52 13.80 27.78
C ILE E 154 1.95 13.72 27.27
N THR E 155 2.86 13.24 28.13
CA THR E 155 4.30 13.46 27.96
C THR E 155 5.18 12.23 27.64
N PRO E 156 4.61 11.10 27.20
CA PRO E 156 5.50 9.94 27.00
C PRO E 156 6.60 10.16 25.95
N ALA E 157 6.37 11.05 24.98
CA ALA E 157 7.37 11.36 23.95
C ALA E 157 8.64 12.03 24.51
N LYS E 158 8.54 12.60 25.70
CA LYS E 158 9.70 13.17 26.40
C LYS E 158 10.61 12.10 27.04
N LEU E 159 10.13 10.86 27.11
CA LEU E 159 10.90 9.75 27.68
C LEU E 159 11.10 8.56 26.76
N GLY E 160 10.70 8.67 25.50
CA GLY E 160 10.85 7.57 24.55
C GLY E 160 9.84 6.46 24.76
N LEU E 161 8.70 6.80 25.35
CA LEU E 161 7.64 5.85 25.62
C LEU E 161 6.44 6.10 24.71
N VAL E 162 5.47 5.19 24.79
CA VAL E 162 4.26 5.23 23.98
C VAL E 162 3.08 5.42 24.93
N TYR E 163 1.95 5.85 24.38
CA TYR E 163 0.71 5.98 25.17
C TYR E 163 -0.18 4.77 24.81
N PRO E 164 -0.82 4.14 25.81
CA PRO E 164 -1.63 2.95 25.48
C PRO E 164 -2.72 3.24 24.45
N LEU E 165 -2.98 2.29 23.55
CA LEU E 165 -3.95 2.51 22.48
C LEU E 165 -5.35 2.81 23.03
N HIS E 166 -5.70 2.18 24.13
CA HIS E 166 -6.98 2.43 24.79
C HIS E 166 -7.13 3.91 25.16
N ASP E 167 -6.06 4.50 25.66
CA ASP E 167 -6.09 5.90 26.08
C ASP E 167 -5.93 6.86 24.89
N VAL E 168 -5.22 6.43 23.85
CA VAL E 168 -5.20 7.16 22.58
C VAL E 168 -6.63 7.30 22.05
N LYS E 169 -7.40 6.22 22.12
CA LYS E 169 -8.79 6.26 21.69
C LYS E 169 -9.66 7.20 22.53
N LEU E 170 -9.48 7.18 23.85
CA LEU E 170 -10.21 8.11 24.74
C LEU E 170 -9.93 9.58 24.37
N LEU E 171 -8.68 9.87 24.00
CA LEU E 171 -8.30 11.22 23.63
C LEU E 171 -8.88 11.61 22.28
N VAL E 172 -8.68 10.76 21.28
CA VAL E 172 -9.17 11.03 19.92
C VAL E 172 -10.71 11.19 19.91
N ASP E 173 -11.42 10.40 20.73
CA ASP E 173 -12.89 10.49 20.87
C ASP E 173 -13.34 11.91 21.26
N LEU E 174 -12.58 12.55 22.13
CA LEU E 174 -12.89 13.90 22.62
C LEU E 174 -12.39 15.04 21.73
N VAL E 175 -11.14 14.98 21.28
CA VAL E 175 -10.51 16.15 20.65
C VAL E 175 -10.17 15.98 19.16
N GLY E 176 -10.38 14.79 18.62
CA GLY E 176 -10.02 14.51 17.23
C GLY E 176 -8.53 14.22 17.06
N PRO E 177 -8.15 13.71 15.89
CA PRO E 177 -6.76 13.27 15.66
C PRO E 177 -5.73 14.42 15.56
N GLY E 178 -6.16 15.60 15.13
CA GLY E 178 -5.25 16.75 15.05
C GLY E 178 -4.75 17.21 16.41
N GLN E 179 -5.67 17.51 17.30
CA GLN E 179 -5.32 17.93 18.67
C GLN E 179 -4.67 16.80 19.44
N ALA E 180 -5.11 15.56 19.19
CA ALA E 180 -4.52 14.40 19.84
C ALA E 180 -3.03 14.30 19.53
N ARG E 181 -2.68 14.43 18.24
CA ARG E 181 -1.28 14.36 17.83
C ARG E 181 -0.47 15.58 18.30
N ARG E 182 -1.08 16.76 18.25
CA ARG E 182 -0.45 17.98 18.79
C ARG E 182 0.02 17.75 20.23
N LEU E 183 -0.87 17.22 21.06
CA LEU E 183 -0.58 17.00 22.47
C LEU E 183 0.43 15.87 22.69
N MSE E 184 0.23 14.74 22.02
CA MSE E 184 1.06 13.56 22.25
C MSE E 184 2.41 13.63 21.59
O MSE E 184 3.37 13.05 22.12
CB MSE E 184 0.31 12.32 21.80
CG MSE E 184 -0.91 12.14 22.70
SE MSE E 184 -1.65 10.35 22.41
CE MSE E 184 -2.39 10.64 20.61
N PHE E 185 2.52 14.29 20.46
CA PHE E 185 3.82 14.47 19.80
C PHE E 185 4.74 15.44 20.54
N THR E 186 4.17 16.52 21.09
CA THR E 186 4.98 17.56 21.72
C THR E 186 5.20 17.33 23.21
N GLY E 187 4.21 16.71 23.87
CA GLY E 187 4.21 16.62 25.32
C GLY E 187 4.08 17.98 25.98
N GLY E 188 3.62 18.99 25.22
CA GLY E 188 3.48 20.35 25.74
C GLY E 188 2.20 20.49 26.51
N LEU E 189 2.21 21.36 27.52
CA LEU E 189 1.03 21.55 28.36
C LEU E 189 0.09 22.57 27.75
N ILE E 190 -1.21 22.40 28.02
CA ILE E 190 -2.20 23.42 27.67
C ILE E 190 -2.99 23.84 28.90
N ASP E 191 -3.47 25.07 28.91
CA ASP E 191 -4.23 25.60 30.05
C ASP E 191 -5.71 25.20 29.99
N ALA E 192 -6.46 25.53 31.04
CA ALA E 192 -7.85 25.12 31.15
C ALA E 192 -8.73 25.70 30.04
N ASN E 193 -8.49 26.94 29.67
CA ASN E 193 -9.23 27.58 28.58
C ASN E 193 -9.03 26.88 27.23
N GLU E 194 -7.79 26.51 26.92
CA GLU E 194 -7.51 25.77 25.68
C GLU E 194 -8.09 24.34 25.74
N ALA E 195 -8.00 23.70 26.90
CA ALA E 195 -8.58 22.35 27.06
C ALA E 195 -10.09 22.36 26.82
N HIS E 196 -10.74 23.40 27.33
CA HIS E 196 -12.18 23.63 27.13
C HIS E 196 -12.48 23.89 25.66
N ARG E 197 -11.66 24.72 25.02
CA ARG E 197 -11.85 25.07 23.60
C ARG E 197 -11.79 23.85 22.68
N ILE E 198 -10.84 22.96 22.93
CA ILE E 198 -10.63 21.80 22.04
C ILE E 198 -11.49 20.59 22.41
N GLY E 199 -12.24 20.68 23.50
CA GLY E 199 -13.15 19.61 23.93
C GLY E 199 -12.52 18.55 24.82
N LEU E 200 -11.36 18.84 25.40
CA LEU E 200 -10.74 17.93 26.36
C LEU E 200 -11.51 17.96 27.69
N VAL E 201 -12.01 19.15 28.05
CA VAL E 201 -12.90 19.28 29.21
C VAL E 201 -14.23 19.88 28.75
N GLU E 202 -15.31 19.45 29.39
CA GLU E 202 -16.66 19.84 28.97
C GLU E 202 -17.10 21.14 29.62
N LEU E 203 -16.61 21.40 30.82
CA LEU E 203 -17.08 22.51 31.63
C LEU E 203 -15.93 23.21 32.32
N LEU E 204 -16.05 24.53 32.46
CA LEU E 204 -15.16 25.33 33.29
C LEU E 204 -15.90 25.69 34.57
N GLY E 205 -15.21 25.56 35.71
CA GLY E 205 -15.84 25.86 36.99
C GLY E 205 -14.91 25.56 38.15
N GLU E 206 -15.23 26.14 39.30
CA GLU E 206 -14.43 25.97 40.50
C GLU E 206 -14.88 24.75 41.30
N SER E 207 -16.11 24.29 41.06
CA SER E 207 -16.71 23.24 41.87
C SER E 207 -17.58 22.29 41.04
N GLU E 208 -17.59 21.02 41.44
CA GLU E 208 -18.45 20.02 40.81
C GLU E 208 -19.88 20.00 41.40
N ASP E 209 -20.12 20.75 42.47
CA ASP E 209 -21.36 20.64 43.25
C ASP E 209 -22.64 20.76 42.44
N ALA E 210 -22.70 21.76 41.56
CA ALA E 210 -23.92 22.01 40.78
C ALA E 210 -24.22 20.86 39.82
N LEU E 211 -23.21 20.43 39.06
CA LEU E 211 -23.38 19.31 38.13
C LEU E 211 -23.75 18.01 38.87
N VAL E 212 -23.06 17.74 39.96
CA VAL E 212 -23.30 16.53 40.75
C VAL E 212 -24.73 16.48 41.28
N GLY E 213 -25.25 17.64 41.73
CA GLY E 213 -26.62 17.75 42.18
C GLY E 213 -27.64 17.39 41.11
N GLN E 214 -27.38 17.85 39.89
CA GLN E 214 -28.24 17.53 38.74
C GLN E 214 -28.18 16.03 38.42
N LEU E 215 -26.95 15.49 38.38
CA LEU E 215 -26.75 14.08 38.09
C LEU E 215 -27.36 13.14 39.13
N ALA E 216 -27.40 13.59 40.38
CA ALA E 216 -27.92 12.76 41.48
C ALA E 216 -29.44 12.67 41.53
N THR E 217 -30.14 13.58 40.86
CA THR E 217 -31.61 13.66 40.94
C THR E 217 -32.38 13.13 39.71
N VAL E 218 -31.67 12.74 38.66
CA VAL E 218 -32.31 12.11 37.51
C VAL E 218 -32.41 10.60 37.70
N SER E 219 -33.13 9.93 36.81
CA SER E 219 -33.27 8.47 36.87
C SER E 219 -31.93 7.75 36.66
N SER E 220 -31.57 6.90 37.62
CA SER E 220 -30.36 6.07 37.52
C SER E 220 -30.56 4.89 36.56
N PHE E 221 -31.81 4.51 36.32
CA PHE E 221 -32.10 3.57 35.23
C PHE E 221 -31.69 4.21 33.89
N SER E 222 -32.10 5.46 33.70
CA SER E 222 -31.78 6.18 32.46
C SER E 222 -30.28 6.39 32.25
N THR E 223 -29.58 6.88 33.28
CA THR E 223 -28.16 7.20 33.13
C THR E 223 -27.32 5.96 32.82
N GLN E 224 -27.59 4.87 33.51
CA GLN E 224 -26.85 3.63 33.27
C GLN E 224 -27.11 3.06 31.89
N ALA E 225 -28.36 3.10 31.44
CA ALA E 225 -28.72 2.60 30.11
C ALA E 225 -28.13 3.46 29.00
N ILE E 226 -28.26 4.77 29.13
CA ILE E 226 -27.70 5.71 28.17
C ILE E 226 -26.17 5.60 28.12
N LYS E 227 -25.53 5.49 29.29
CA LYS E 227 -24.08 5.32 29.33
C LYS E 227 -23.65 4.11 28.51
N SER E 228 -24.38 3.01 28.64
CA SER E 228 -24.09 1.80 27.88
C SER E 228 -24.28 2.01 26.38
N PHE E 229 -25.34 2.70 26.01
CA PHE E 229 -25.56 3.08 24.60
C PHE E 229 -24.39 3.91 24.07
N VAL E 230 -23.92 4.87 24.85
CA VAL E 230 -22.78 5.70 24.40
C VAL E 230 -21.55 4.81 24.17
N ARG E 231 -21.31 3.87 25.08
CA ARG E 231 -20.20 2.94 24.95
C ARG E 231 -20.33 2.07 23.69
N ARG E 232 -21.53 1.56 23.43
CA ARG E 232 -21.75 0.78 22.20
C ARG E 232 -21.39 1.59 20.95
N VAL E 233 -21.79 2.86 20.92
CA VAL E 233 -21.48 3.75 19.79
C VAL E 233 -19.97 3.98 19.66
N LEU E 234 -19.30 4.24 20.78
CA LEU E 234 -17.84 4.37 20.78
C LEU E 234 -17.13 3.08 20.35
N ASP E 235 -17.75 1.92 20.60
CA ASP E 235 -17.22 0.63 20.16
C ASP E 235 -17.61 0.26 18.73
N GLY E 236 -18.31 1.16 18.03
CA GLY E 236 -18.54 1.00 16.59
C GLY E 236 -19.93 0.54 16.16
N GLN E 237 -20.88 0.49 17.10
CA GLN E 237 -22.26 0.18 16.77
C GLN E 237 -22.90 1.35 16.03
N VAL E 238 -23.47 1.08 14.86
CA VAL E 238 -24.00 2.15 14.00
C VAL E 238 -25.53 2.25 13.96
N ALA E 239 -26.23 1.14 14.16
CA ALA E 239 -27.69 1.14 14.07
C ALA E 239 -28.29 0.52 15.32
N ASP E 240 -29.55 0.86 15.61
CA ASP E 240 -30.32 0.14 16.62
C ASP E 240 -30.38 -1.33 16.20
N ASP E 241 -30.28 -2.24 17.16
CA ASP E 241 -30.48 -3.67 16.91
C ASP E 241 -31.52 -4.21 17.89
N ALA E 242 -31.79 -5.51 17.84
CA ALA E 242 -32.81 -6.10 18.70
C ALA E 242 -32.61 -5.73 20.17
N ASP E 243 -31.35 -5.76 20.63
CA ASP E 243 -31.04 -5.47 22.02
C ASP E 243 -31.30 -4.01 22.42
N SER E 244 -30.82 -3.07 21.62
CA SER E 244 -31.03 -1.65 21.94
C SER E 244 -32.52 -1.28 21.87
N LEU E 245 -33.24 -1.89 20.95
CA LEU E 245 -34.69 -1.70 20.87
C LEU E 245 -35.39 -2.26 22.13
N ARG E 246 -34.88 -3.37 22.64
CA ARG E 246 -35.41 -3.98 23.86
C ARG E 246 -35.16 -3.10 25.07
N VAL E 247 -33.91 -2.62 25.22
CA VAL E 247 -33.56 -1.76 26.33
C VAL E 247 -34.46 -0.53 26.35
N PHE E 248 -34.62 0.11 25.20
CA PHE E 248 -35.53 1.24 25.08
C PHE E 248 -36.95 0.89 25.54
N ALA E 249 -37.47 -0.20 25.00
CA ALA E 249 -38.84 -0.64 25.34
C ALA E 249 -38.98 -1.00 26.82
N SER E 250 -37.94 -1.58 27.42
CA SER E 250 -37.97 -2.01 28.83
C SER E 250 -38.14 -0.86 29.82
N ALA E 251 -37.84 0.36 29.40
CA ALA E 251 -38.00 1.55 30.25
C ALA E 251 -39.45 1.74 30.72
N PHE E 252 -40.40 1.46 29.84
CA PHE E 252 -41.81 1.65 30.14
C PHE E 252 -42.35 0.66 31.18
N GLU E 253 -41.63 -0.45 31.38
CA GLU E 253 -41.97 -1.45 32.41
C GLU E 253 -41.35 -1.09 33.77
N GLY E 254 -40.49 -0.08 33.80
CA GLY E 254 -39.66 0.19 34.97
C GLY E 254 -40.26 1.13 36.00
N ALA E 255 -39.78 0.99 37.24
CA ALA E 255 -40.27 1.78 38.37
C ALA E 255 -40.04 3.28 38.18
N ASP E 256 -38.91 3.65 37.57
CA ASP E 256 -38.59 5.06 37.36
C ASP E 256 -39.59 5.75 36.44
N PHE E 257 -39.96 5.10 35.34
CA PHE E 257 -41.02 5.63 34.47
C PHE E 257 -42.36 5.76 35.21
N ARG E 258 -42.70 4.77 36.03
CA ARG E 258 -43.91 4.83 36.84
C ARG E 258 -43.84 5.99 37.85
N GLU E 259 -42.67 6.17 38.46
CA GLU E 259 -42.45 7.30 39.37
C GLU E 259 -42.52 8.64 38.63
N GLY E 260 -41.92 8.70 37.44
CA GLY E 260 -41.91 9.93 36.64
C GLY E 260 -43.31 10.37 36.22
N THR E 261 -44.10 9.42 35.72
CA THR E 261 -45.47 9.70 35.28
C THR E 261 -46.42 9.95 36.46
N GLY E 262 -46.22 9.20 37.55
CA GLY E 262 -47.02 9.37 38.76
C GLY E 262 -46.78 10.72 39.42
N ALA E 263 -45.51 11.11 39.51
CA ALA E 263 -45.13 12.41 40.08
C ALA E 263 -45.69 13.58 39.25
N PHE E 264 -45.72 13.42 37.93
CA PHE E 264 -46.25 14.45 37.04
C PHE E 264 -47.77 14.62 37.21
N LEU E 265 -48.48 13.52 37.39
CA LEU E 265 -49.93 13.55 37.62
C LEU E 265 -50.27 14.13 38.99
N GLU E 266 -49.46 13.84 39.99
CA GLU E 266 -49.64 14.38 41.36
C GLU E 266 -49.02 15.76 41.55
N LYS E 267 -48.45 16.33 40.49
CA LYS E 267 -47.88 17.68 40.49
C LYS E 267 -46.81 17.87 41.57
N ARG E 268 -45.92 16.88 41.66
CA ARG E 268 -44.80 16.92 42.60
C ARG E 268 -43.51 16.55 41.87
N PRO E 269 -42.34 16.87 42.46
CA PRO E 269 -41.09 16.48 41.83
C PRO E 269 -40.82 14.98 41.94
N PRO E 270 -40.38 14.33 40.85
CA PRO E 270 -40.07 12.91 40.93
C PRO E 270 -38.90 12.61 41.85
N VAL E 271 -39.01 11.53 42.62
CA VAL E 271 -37.97 11.09 43.54
C VAL E 271 -37.42 9.76 43.04
N PHE E 272 -36.30 9.84 42.31
CA PHE E 272 -35.61 8.65 41.82
C PHE E 272 -34.56 8.21 42.83
N SER F 23 11.44 19.70 -12.91
CA SER F 23 10.50 20.79 -12.53
C SER F 23 10.64 21.14 -11.05
N MSE F 24 10.65 22.43 -10.75
CA MSE F 24 10.84 22.93 -9.39
C MSE F 24 9.53 23.40 -8.74
O MSE F 24 9.57 24.11 -7.74
CB MSE F 24 11.85 24.08 -9.40
N SER F 25 8.39 22.99 -9.29
CA SER F 25 7.09 23.42 -8.77
C SER F 25 6.72 22.71 -7.46
N LEU F 26 7.31 21.55 -7.24
CA LEU F 26 7.20 20.86 -5.96
C LEU F 26 8.59 20.39 -5.57
N ARG F 27 9.11 20.87 -4.44
CA ARG F 27 10.49 20.59 -4.03
C ARG F 27 10.57 20.12 -2.59
N LEU F 28 11.55 19.27 -2.31
CA LEU F 28 11.88 18.88 -0.95
C LEU F 28 13.21 19.53 -0.54
N GLU F 29 13.19 20.21 0.61
CA GLU F 29 14.41 20.78 1.20
C GLU F 29 14.64 20.10 2.53
N ARG F 30 15.79 19.43 2.67
CA ARG F 30 16.12 18.72 3.91
C ARG F 30 17.16 19.49 4.70
N ASP F 31 16.85 19.74 5.98
CA ASP F 31 17.66 20.58 6.85
C ASP F 31 17.82 19.88 8.20
N GLY F 32 18.54 18.76 8.19
CA GLY F 32 18.78 17.98 9.41
C GLY F 32 17.54 17.27 9.91
N ALA F 33 17.08 17.66 11.09
CA ALA F 33 15.88 17.08 11.70
C ALA F 33 14.58 17.53 11.03
N VAL F 34 14.62 18.62 10.27
CA VAL F 34 13.43 19.18 9.63
C VAL F 34 13.53 19.06 8.12
N ALA F 35 12.44 18.65 7.50
CA ALA F 35 12.31 18.66 6.03
C ALA F 35 11.13 19.53 5.65
N ARG F 36 11.26 20.23 4.53
CA ARG F 36 10.20 21.09 4.03
C ARG F 36 9.80 20.65 2.63
N LEU F 37 8.52 20.30 2.48
CA LEU F 37 7.94 20.04 1.17
C LEU F 37 7.32 21.34 0.69
N LEU F 38 7.94 21.96 -0.31
CA LEU F 38 7.58 23.30 -0.75
C LEU F 38 6.78 23.30 -2.05
N ILE F 39 5.63 23.98 -2.03
CA ILE F 39 4.81 24.16 -3.22
C ILE F 39 5.19 25.51 -3.79
N ASP F 40 5.65 25.51 -5.05
CA ASP F 40 6.30 26.67 -5.64
C ASP F 40 5.80 26.87 -7.08
N ARG F 41 4.58 27.41 -7.19
CA ARG F 41 3.97 27.66 -8.49
C ARG F 41 3.08 28.91 -8.37
N ALA F 42 3.73 30.03 -8.07
CA ALA F 42 3.04 31.29 -7.74
C ALA F 42 2.13 31.81 -8.85
N ASP F 43 2.52 31.59 -10.11
CA ASP F 43 1.72 32.07 -11.25
C ASP F 43 0.36 31.38 -11.42
N ARG F 44 0.17 30.25 -10.73
CA ARG F 44 -1.12 29.54 -10.74
C ARG F 44 -1.66 29.35 -9.32
N ARG F 45 -1.25 30.24 -8.41
CA ARG F 45 -1.67 30.17 -7.00
C ARG F 45 -1.47 28.76 -6.41
N ASN F 46 -0.33 28.17 -6.74
CA ASN F 46 0.08 26.84 -6.26
C ASN F 46 -0.86 25.69 -6.63
N ALA F 47 -1.58 25.85 -7.74
CA ALA F 47 -2.48 24.80 -8.23
C ALA F 47 -1.65 23.58 -8.64
N PHE F 48 -2.22 22.39 -8.41
CA PHE F 48 -1.54 21.12 -8.70
C PHE F 48 -1.93 20.58 -10.06
N SER F 49 -0.93 20.11 -10.81
CA SER F 49 -1.11 19.36 -12.04
C SER F 49 -0.82 17.88 -11.78
N LEU F 50 -1.10 17.03 -12.77
CA LEU F 50 -0.88 15.59 -12.64
C LEU F 50 0.59 15.26 -12.36
N ASP F 51 1.51 15.95 -13.04
CA ASP F 51 2.95 15.75 -12.81
C ASP F 51 3.33 16.02 -11.36
N MSE F 52 2.73 17.05 -10.75
CA MSE F 52 2.98 17.36 -9.34
C MSE F 52 2.46 16.26 -8.44
O MSE F 52 3.13 15.87 -7.49
CB MSE F 52 2.40 18.74 -8.97
CG MSE F 52 3.23 19.84 -9.62
SE MSE F 52 2.28 21.58 -9.64
CE MSE F 52 2.29 21.90 -7.69
N TRP F 53 1.26 15.74 -8.74
CA TRP F 53 0.71 14.62 -7.96
C TRP F 53 1.60 13.36 -8.05
N GLN F 54 2.15 13.07 -9.22
CA GLN F 54 3.09 11.94 -9.35
C GLN F 54 4.40 12.17 -8.59
N ARG F 55 4.83 13.43 -8.54
CA ARG F 55 6.08 13.80 -7.89
C ARG F 55 6.01 13.66 -6.37
N LEU F 56 4.83 13.86 -5.78
CA LEU F 56 4.70 13.95 -4.32
C LEU F 56 5.15 12.68 -3.58
N PRO F 57 4.68 11.49 -4.01
CA PRO F 57 5.13 10.25 -3.36
C PRO F 57 6.64 9.98 -3.49
N GLU F 58 7.25 10.42 -4.58
CA GLU F 58 8.69 10.28 -4.76
C GLU F 58 9.44 11.13 -3.73
N LEU F 59 8.95 12.34 -3.49
CA LEU F 59 9.54 13.23 -2.49
C LEU F 59 9.34 12.72 -1.07
N LEU F 60 8.17 12.14 -0.80
CA LEU F 60 7.92 11.52 0.49
C LEU F 60 8.87 10.34 0.73
N ALA F 61 9.12 9.55 -0.31
CA ALA F 61 10.03 8.41 -0.18
C ALA F 61 11.45 8.88 0.09
N GLU F 62 11.85 9.98 -0.55
CA GLU F 62 13.16 10.60 -0.31
C GLU F 62 13.29 11.11 1.13
N ALA F 63 12.26 11.81 1.60
CA ALA F 63 12.23 12.30 2.98
C ALA F 63 12.27 11.14 3.97
N SER F 64 11.43 10.13 3.72
CA SER F 64 11.28 9.01 4.64
C SER F 64 12.55 8.17 4.81
N GLY F 65 13.38 8.12 3.78
CA GLY F 65 14.66 7.40 3.83
C GLY F 65 15.73 8.03 4.70
N ASP F 66 15.56 9.31 5.04
CA ASP F 66 16.53 10.04 5.88
C ASP F 66 16.32 9.78 7.37
N ASP F 67 17.29 9.07 7.97
CA ASP F 67 17.23 8.68 9.38
C ASP F 67 17.32 9.86 10.37
N ALA F 68 17.92 10.96 9.94
CA ALA F 68 18.03 12.16 10.78
C ALA F 68 16.69 12.92 10.92
N LEU F 69 15.78 12.68 10.00
CA LEU F 69 14.52 13.44 9.95
C LEU F 69 13.64 13.21 11.18
N ARG F 70 13.00 14.28 11.65
CA ARG F 70 12.08 14.22 12.78
C ARG F 70 10.69 14.80 12.47
N VAL F 71 10.60 15.71 11.52
CA VAL F 71 9.32 16.36 11.19
C VAL F 71 9.34 16.86 9.75
N LEU F 72 8.21 16.72 9.08
CA LEU F 72 8.03 17.21 7.72
C LEU F 72 7.04 18.37 7.72
N VAL F 73 7.42 19.49 7.13
CA VAL F 73 6.57 20.66 7.04
C VAL F 73 6.15 20.83 5.59
N VAL F 74 4.83 20.98 5.37
CA VAL F 74 4.30 21.27 4.05
C VAL F 74 3.86 22.73 4.02
N LYS F 75 4.37 23.48 3.05
CA LYS F 75 4.08 24.90 2.98
C LYS F 75 4.34 25.46 1.59
N SER F 76 3.86 26.68 1.37
CA SER F 76 4.18 27.42 0.17
C SER F 76 5.62 27.90 0.27
N ALA F 77 6.31 27.90 -0.87
CA ALA F 77 7.67 28.43 -0.93
C ALA F 77 7.67 29.92 -0.63
N ASN F 78 6.70 30.64 -1.21
CA ASN F 78 6.68 32.10 -1.27
C ASN F 78 5.62 32.77 -0.38
N GLY F 79 5.14 32.07 0.64
CA GLY F 79 3.96 32.53 1.37
C GLY F 79 2.77 32.60 0.43
N GLY F 80 1.81 33.47 0.73
CA GLY F 80 0.61 33.60 -0.09
C GLY F 80 -0.19 32.30 -0.08
N ALA F 81 -0.84 32.00 -1.20
CA ALA F 81 -1.73 30.85 -1.32
C ALA F 81 -0.99 29.54 -1.04
N PHE F 82 -1.63 28.67 -0.26
CA PHE F 82 -1.09 27.35 0.04
C PHE F 82 -1.25 26.51 -1.22
N CYS F 83 -2.49 26.41 -1.69
CA CYS F 83 -2.81 25.67 -2.90
C CYS F 83 -4.25 25.97 -3.29
N ALA F 84 -4.43 26.54 -4.48
CA ALA F 84 -5.75 26.95 -4.96
C ALA F 84 -6.56 25.80 -5.57
N GLY F 85 -6.03 24.56 -5.49
CA GLY F 85 -6.75 23.38 -5.95
C GLY F 85 -6.20 22.83 -7.26
N ALA F 86 -7.10 22.50 -8.18
CA ALA F 86 -6.71 21.87 -9.44
C ALA F 86 -6.33 22.92 -10.49
N ASP F 87 -5.33 22.57 -11.29
CA ASP F 87 -4.92 23.36 -12.45
C ASP F 87 -6.10 23.45 -13.42
N ILE F 88 -6.72 24.64 -13.50
CA ILE F 88 -7.94 24.81 -14.29
C ILE F 88 -7.72 24.57 -15.79
N ALA F 89 -6.60 25.03 -16.32
CA ALA F 89 -6.27 24.82 -17.73
C ALA F 89 -6.20 23.33 -18.05
N GLU F 90 -5.58 22.57 -17.15
CA GLU F 90 -5.48 21.11 -17.30
C GLU F 90 -6.87 20.47 -17.23
N LEU F 91 -7.70 20.94 -16.28
CA LEU F 91 -9.04 20.39 -16.10
C LEU F 91 -9.90 20.58 -17.36
N LEU F 92 -9.91 21.80 -17.89
CA LEU F 92 -10.70 22.11 -19.07
C LEU F 92 -10.19 21.39 -20.32
N ALA F 93 -8.88 21.34 -20.49
CA ALA F 93 -8.26 20.66 -21.63
C ALA F 93 -8.55 19.17 -21.65
N ASN F 94 -8.70 18.57 -20.48
CA ASN F 94 -8.93 17.13 -20.35
C ASN F 94 -10.36 16.76 -20.00
N LYS F 95 -11.30 17.70 -20.12
CA LYS F 95 -12.67 17.48 -19.65
C LYS F 95 -13.43 16.34 -20.33
N ASP F 96 -13.03 15.97 -21.55
CA ASP F 96 -13.63 14.84 -22.26
C ASP F 96 -12.69 13.63 -22.35
N ASP F 97 -11.66 13.60 -21.51
CA ASP F 97 -10.60 12.58 -21.60
C ASP F 97 -10.72 11.62 -20.41
N ALA F 98 -11.44 10.52 -20.63
CA ALA F 98 -11.70 9.54 -19.57
C ALA F 98 -10.43 8.87 -19.05
N ALA F 99 -9.47 8.63 -19.94
CA ALA F 99 -8.21 8.01 -19.56
C ALA F 99 -7.42 8.94 -18.63
N PHE F 100 -7.42 10.24 -18.94
CA PHE F 100 -6.79 11.22 -18.05
C PHE F 100 -7.45 11.22 -16.68
N HIS F 101 -8.78 11.22 -16.65
CA HIS F 101 -9.52 11.24 -15.39
C HIS F 101 -9.19 10.04 -14.51
N ALA F 102 -9.10 8.86 -15.13
CA ALA F 102 -8.74 7.64 -14.40
C ALA F 102 -7.34 7.74 -13.80
N ALA F 103 -6.38 8.19 -14.59
CA ALA F 103 -5.00 8.34 -14.12
C ALA F 103 -4.87 9.42 -13.05
N ASN F 104 -5.58 10.53 -13.25
CA ASN F 104 -5.56 11.63 -12.30
C ASN F 104 -6.18 11.23 -10.94
N GLN F 105 -7.28 10.48 -10.99
CA GLN F 105 -7.93 9.98 -9.78
C GLN F 105 -6.97 9.11 -8.96
N GLN F 106 -6.30 8.19 -9.64
CA GLN F 106 -5.34 7.30 -8.98
C GLN F 106 -4.17 8.06 -8.35
N ALA F 107 -3.62 9.03 -9.08
CA ALA F 107 -2.44 9.77 -8.61
C ALA F 107 -2.77 10.61 -7.39
N ILE F 108 -3.90 11.31 -7.44
CA ILE F 108 -4.34 12.13 -6.30
C ILE F 108 -4.58 11.25 -5.08
N ASN F 109 -5.32 10.16 -5.26
CA ASN F 109 -5.65 9.28 -4.14
C ASN F 109 -4.39 8.66 -3.50
N ARG F 110 -3.42 8.27 -4.33
CA ARG F 110 -2.16 7.74 -3.81
C ARG F 110 -1.41 8.81 -3.00
N ALA F 111 -1.32 10.02 -3.52
CA ALA F 111 -0.58 11.10 -2.86
C ALA F 111 -1.16 11.40 -1.48
N GLN F 112 -2.49 11.54 -1.44
CA GLN F 112 -3.22 11.78 -0.20
C GLN F 112 -3.03 10.66 0.82
N TYR F 113 -3.20 9.43 0.35
CA TYR F 113 -3.08 8.25 1.20
C TYR F 113 -1.69 8.19 1.83
N GLU F 114 -0.66 8.40 1.03
CA GLU F 114 0.72 8.32 1.51
C GLU F 114 1.11 9.49 2.42
N LEU F 115 0.68 10.70 2.07
CA LEU F 115 0.96 11.85 2.93
C LEU F 115 0.34 11.64 4.31
N ALA F 116 -0.90 11.17 4.34
CA ALA F 116 -1.61 10.97 5.61
C ALA F 116 -0.96 9.89 6.49
N ARG F 117 -0.18 9.00 5.87
CA ARG F 117 0.49 7.91 6.59
C ARG F 117 2.02 8.03 6.61
N PHE F 118 2.54 9.23 6.34
CA PHE F 118 3.97 9.48 6.48
C PHE F 118 4.43 9.07 7.89
N ARG F 119 5.56 8.38 7.98
CA ARG F 119 5.97 7.78 9.25
C ARG F 119 6.19 8.79 10.38
N LEU F 120 6.62 10.00 10.04
CA LEU F 120 6.95 11.03 11.03
C LEU F 120 5.87 12.12 11.10
N PRO F 121 5.86 12.90 12.20
CA PRO F 121 4.95 14.05 12.30
C PRO F 121 5.00 14.98 11.10
N THR F 122 3.82 15.44 10.65
CA THR F 122 3.72 16.37 9.54
C THR F 122 2.87 17.57 9.96
N VAL F 123 3.29 18.74 9.51
CA VAL F 123 2.62 19.99 9.84
C VAL F 123 2.37 20.76 8.54
N ALA F 124 1.14 21.23 8.34
CA ALA F 124 0.85 22.15 7.24
C ALA F 124 0.82 23.58 7.77
N MSE F 125 1.63 24.45 7.17
CA MSE F 125 1.62 25.88 7.49
C MSE F 125 0.86 26.58 6.40
O MSE F 125 1.34 26.68 5.26
CB MSE F 125 3.07 26.38 7.60
CG MSE F 125 3.19 27.89 7.75
SE MSE F 125 2.72 28.52 9.57
CE MSE F 125 1.17 29.64 9.07
N VAL F 126 -0.33 27.08 6.72
CA VAL F 126 -1.23 27.67 5.73
C VAL F 126 -1.30 29.19 5.91
N GLU F 127 -0.86 29.92 4.88
CA GLU F 127 -0.72 31.37 4.94
C GLU F 127 -1.62 32.12 3.95
N GLY F 128 -2.47 31.38 3.24
CA GLY F 128 -3.37 31.99 2.27
C GLY F 128 -4.40 30.97 1.81
N ASP F 129 -4.92 31.15 0.60
CA ASP F 129 -5.97 30.27 0.08
C ASP F 129 -5.55 28.80 0.04
N CYS F 130 -6.47 27.96 0.53
CA CYS F 130 -6.29 26.53 0.63
C CYS F 130 -7.62 25.90 0.18
N ILE F 131 -7.71 25.61 -1.12
CA ILE F 131 -8.97 25.28 -1.78
C ILE F 131 -8.94 23.90 -2.44
N GLY F 132 -9.99 23.13 -2.22
CA GLY F 132 -10.21 21.86 -2.93
C GLY F 132 -9.15 20.81 -2.68
N GLY F 133 -8.38 20.49 -3.72
CA GLY F 133 -7.24 19.59 -3.61
C GLY F 133 -6.17 20.10 -2.64
N GLY F 134 -6.05 21.42 -2.54
CA GLY F 134 -5.16 22.05 -1.58
C GLY F 134 -5.57 21.77 -0.15
N CYS F 135 -6.88 21.84 0.09
CA CYS F 135 -7.44 21.50 1.38
C CYS F 135 -7.15 20.03 1.69
N GLY F 136 -7.26 19.19 0.67
CA GLY F 136 -6.92 17.77 0.77
C GLY F 136 -5.50 17.56 1.29
N ILE F 137 -4.54 18.27 0.72
CA ILE F 137 -3.14 18.17 1.16
C ILE F 137 -3.03 18.59 2.63
N ALA F 138 -3.64 19.72 2.98
CA ALA F 138 -3.59 20.21 4.35
C ALA F 138 -4.26 19.22 5.32
N LEU F 139 -5.39 18.65 4.90
CA LEU F 139 -6.10 17.64 5.69
C LEU F 139 -5.29 16.37 5.92
N ALA F 140 -4.41 16.02 4.97
CA ALA F 140 -3.59 14.83 5.09
C ALA F 140 -2.39 14.99 6.04
N CYS F 141 -2.08 16.22 6.45
CA CYS F 141 -1.05 16.44 7.47
C CYS F 141 -1.59 16.16 8.87
N ASP F 142 -0.69 15.90 9.82
CA ASP F 142 -1.09 15.57 11.19
C ASP F 142 -1.74 16.76 11.90
N MSE F 143 -1.26 17.96 11.59
CA MSE F 143 -1.82 19.18 12.17
C MSE F 143 -1.60 20.33 11.23
O MSE F 143 -0.73 20.28 10.34
CB MSE F 143 -1.23 19.43 13.55
CG MSE F 143 0.29 19.58 13.57
SE MSE F 143 0.97 19.17 15.37
CE MSE F 143 1.06 17.21 15.20
N ARG F 144 -2.40 21.38 11.41
CA ARG F 144 -2.36 22.57 10.59
C ARG F 144 -2.19 23.81 11.47
N ILE F 145 -1.34 24.73 11.01
CA ILE F 145 -1.23 26.09 11.56
C ILE F 145 -1.72 27.05 10.50
N ALA F 146 -2.58 27.99 10.89
CA ALA F 146 -3.11 28.98 9.95
C ALA F 146 -2.73 30.40 10.37
N ALA F 147 -2.19 31.16 9.42
CA ALA F 147 -1.97 32.59 9.58
C ALA F 147 -3.26 33.34 9.26
N PRO F 148 -3.35 34.62 9.67
CA PRO F 148 -4.60 35.37 9.53
C PRO F 148 -5.22 35.42 8.13
N ALA F 149 -4.38 35.35 7.08
CA ALA F 149 -4.88 35.38 5.70
C ALA F 149 -5.32 34.02 5.16
N ALA F 150 -5.14 32.94 5.92
CA ALA F 150 -5.56 31.62 5.45
C ALA F 150 -7.07 31.60 5.18
N ARG F 151 -7.45 31.01 4.06
CA ARG F 151 -8.87 30.75 3.77
C ARG F 151 -9.01 29.31 3.30
N PHE F 152 -10.11 28.67 3.68
CA PHE F 152 -10.32 27.26 3.38
C PHE F 152 -11.65 27.04 2.66
N GLY F 153 -11.64 26.12 1.71
CA GLY F 153 -12.85 25.78 0.97
C GLY F 153 -12.69 24.47 0.22
N ILE F 154 -13.80 23.75 0.10
CA ILE F 154 -13.85 22.52 -0.68
C ILE F 154 -14.97 22.69 -1.68
N THR F 155 -14.62 22.79 -2.95
CA THR F 155 -15.52 23.36 -3.96
C THR F 155 -16.00 22.44 -5.11
N PRO F 156 -15.94 21.10 -4.96
CA PRO F 156 -16.39 20.27 -6.08
C PRO F 156 -17.85 20.48 -6.49
N ALA F 157 -18.71 20.85 -5.53
CA ALA F 157 -20.13 21.09 -5.83
C ALA F 157 -20.35 22.24 -6.80
N LYS F 158 -19.36 23.13 -6.93
CA LYS F 158 -19.44 24.23 -7.88
C LYS F 158 -19.19 23.78 -9.33
N LEU F 159 -18.65 22.58 -9.51
CA LEU F 159 -18.37 22.03 -10.84
C LEU F 159 -19.06 20.69 -11.14
N GLY F 160 -19.96 20.25 -10.28
CA GLY F 160 -20.64 18.97 -10.49
C GLY F 160 -19.77 17.75 -10.20
N LEU F 161 -18.75 17.92 -9.37
CA LEU F 161 -17.86 16.83 -9.01
C LEU F 161 -18.10 16.32 -7.60
N VAL F 162 -17.43 15.22 -7.26
CA VAL F 162 -17.48 14.60 -5.95
C VAL F 162 -16.13 14.80 -5.27
N TYR F 163 -16.10 14.67 -3.96
CA TYR F 163 -14.84 14.66 -3.20
C TYR F 163 -14.52 13.20 -2.86
N PRO F 164 -13.23 12.80 -2.93
CA PRO F 164 -12.95 11.38 -2.63
C PRO F 164 -13.31 10.98 -1.20
N LEU F 165 -13.78 9.76 -1.00
CA LEU F 165 -14.24 9.34 0.33
C LEU F 165 -13.12 9.39 1.38
N HIS F 166 -11.90 9.07 0.97
CA HIS F 166 -10.75 9.17 1.85
C HIS F 166 -10.62 10.58 2.45
N ASP F 167 -10.82 11.59 1.62
CA ASP F 167 -10.69 12.97 2.04
C ASP F 167 -11.94 13.48 2.79
N VAL F 168 -13.11 12.93 2.45
CA VAL F 168 -14.32 13.14 3.26
C VAL F 168 -14.07 12.67 4.70
N LYS F 169 -13.46 11.49 4.84
CA LYS F 169 -13.16 10.96 6.17
C LYS F 169 -12.16 11.85 6.93
N LEU F 170 -11.10 12.29 6.25
CA LEU F 170 -10.14 13.21 6.85
C LEU F 170 -10.81 14.47 7.38
N LEU F 171 -11.77 15.00 6.62
CA LEU F 171 -12.48 16.21 7.04
C LEU F 171 -13.44 15.93 8.20
N VAL F 172 -14.25 14.88 8.06
CA VAL F 172 -15.22 14.51 9.11
C VAL F 172 -14.50 14.19 10.43
N ASP F 173 -13.34 13.52 10.36
CA ASP F 173 -12.49 13.24 11.55
C ASP F 173 -12.18 14.50 12.37
N LEU F 174 -12.01 15.64 11.70
CA LEU F 174 -11.61 16.89 12.36
C LEU F 174 -12.76 17.79 12.80
N VAL F 175 -13.76 17.95 11.93
CA VAL F 175 -14.81 18.93 12.15
C VAL F 175 -16.21 18.33 12.34
N GLY F 176 -16.35 17.02 12.22
CA GLY F 176 -17.64 16.37 12.32
C GLY F 176 -18.49 16.51 11.08
N PRO F 177 -19.61 15.76 11.01
CA PRO F 177 -20.42 15.69 9.80
C PRO F 177 -21.22 16.96 9.48
N GLY F 178 -21.59 17.72 10.49
CA GLY F 178 -22.35 18.96 10.26
C GLY F 178 -21.53 20.02 9.53
N GLN F 179 -20.36 20.32 10.07
CA GLN F 179 -19.43 21.25 9.41
C GLN F 179 -18.90 20.70 8.08
N ALA F 180 -18.70 19.38 8.00
CA ALA F 180 -18.21 18.78 6.75
C ALA F 180 -19.23 19.03 5.63
N ARG F 181 -20.50 18.79 5.91
CA ARG F 181 -21.54 19.01 4.91
C ARG F 181 -21.75 20.51 4.60
N ARG F 182 -21.69 21.36 5.62
CA ARG F 182 -21.75 22.81 5.42
C ARG F 182 -20.71 23.25 4.39
N LEU F 183 -19.47 22.83 4.58
CA LEU F 183 -18.38 23.22 3.69
C LEU F 183 -18.53 22.60 2.30
N MSE F 184 -18.76 21.29 2.24
CA MSE F 184 -18.77 20.58 0.97
C MSE F 184 -20.01 20.82 0.16
O MSE F 184 -19.95 20.80 -1.06
CB MSE F 184 -18.56 19.09 1.22
CG MSE F 184 -17.15 18.89 1.73
SE MSE F 184 -16.74 16.98 1.71
CE MSE F 184 -18.04 16.43 3.08
N PHE F 185 -21.15 21.08 0.81
CA PHE F 185 -22.39 21.34 0.08
C PHE F 185 -22.38 22.74 -0.54
N THR F 186 -21.83 23.72 0.17
CA THR F 186 -21.89 25.11 -0.31
C THR F 186 -20.70 25.47 -1.20
N GLY F 187 -19.56 24.82 -0.98
CA GLY F 187 -18.31 25.27 -1.57
C GLY F 187 -17.87 26.65 -1.12
N GLY F 188 -18.43 27.12 0.00
CA GLY F 188 -18.14 28.48 0.47
C GLY F 188 -16.85 28.52 1.26
N LEU F 189 -16.13 29.63 1.19
CA LEU F 189 -14.87 29.75 1.90
C LEU F 189 -15.10 30.18 3.35
N ILE F 190 -14.23 29.73 4.25
CA ILE F 190 -14.20 30.23 5.64
C ILE F 190 -12.83 30.79 5.97
N ASP F 191 -12.78 31.77 6.87
CA ASP F 191 -11.52 32.42 7.24
C ASP F 191 -10.78 31.62 8.32
N ALA F 192 -9.56 32.07 8.65
CA ALA F 192 -8.70 31.34 9.58
C ALA F 192 -9.31 31.17 10.97
N ASN F 193 -9.96 32.21 11.48
CA ASN F 193 -10.60 32.14 12.80
C ASN F 193 -11.73 31.11 12.85
N GLU F 194 -12.54 31.04 11.79
CA GLU F 194 -13.61 30.04 11.73
C GLU F 194 -13.03 28.62 11.57
N ALA F 195 -11.98 28.48 10.76
CA ALA F 195 -11.32 27.19 10.60
C ALA F 195 -10.81 26.67 11.95
N HIS F 196 -10.23 27.58 12.73
CA HIS F 196 -9.74 27.26 14.07
C HIS F 196 -10.88 26.94 15.03
N ARG F 197 -11.96 27.70 14.94
CA ARG F 197 -13.11 27.47 15.81
C ARG F 197 -13.72 26.07 15.58
N ILE F 198 -13.86 25.64 14.33
CA ILE F 198 -14.52 24.37 14.03
C ILE F 198 -13.58 23.15 14.11
N GLY F 199 -12.28 23.38 14.30
CA GLY F 199 -11.31 22.30 14.43
C GLY F 199 -10.66 21.88 13.12
N LEU F 200 -10.79 22.69 12.08
CA LEU F 200 -10.14 22.40 10.81
C LEU F 200 -8.63 22.67 10.90
N VAL F 201 -8.25 23.66 11.70
CA VAL F 201 -6.85 23.90 12.02
C VAL F 201 -6.69 23.87 13.54
N GLU F 202 -5.55 23.37 13.99
CA GLU F 202 -5.30 23.16 15.41
C GLU F 202 -4.76 24.42 16.08
N LEU F 203 -4.02 25.24 15.32
CA LEU F 203 -3.28 26.38 15.86
C LEU F 203 -3.38 27.59 14.94
N LEU F 204 -3.35 28.77 15.53
CA LEU F 204 -3.22 30.02 14.80
C LEU F 204 -1.83 30.57 15.05
N GLY F 205 -1.18 31.06 14.01
CA GLY F 205 0.16 31.62 14.15
C GLY F 205 0.76 32.07 12.84
N GLU F 206 1.81 32.88 12.96
CA GLU F 206 2.50 33.44 11.80
C GLU F 206 3.58 32.48 11.28
N SER F 207 4.04 31.59 12.15
CA SER F 207 5.15 30.70 11.81
C SER F 207 5.02 29.35 12.50
N GLU F 208 5.58 28.34 11.87
CA GLU F 208 5.65 26.98 12.43
C GLU F 208 6.90 26.73 13.29
N ASP F 209 7.78 27.72 13.42
CA ASP F 209 9.07 27.52 14.09
C ASP F 209 8.97 26.95 15.50
N ALA F 210 8.08 27.52 16.32
CA ALA F 210 7.93 27.07 17.71
C ALA F 210 7.43 25.63 17.79
N LEU F 211 6.43 25.30 16.98
CA LEU F 211 5.86 23.95 16.99
C LEU F 211 6.89 22.94 16.50
N VAL F 212 7.53 23.25 15.38
CA VAL F 212 8.55 22.39 14.79
C VAL F 212 9.71 22.15 15.76
N GLY F 213 10.11 23.19 16.48
CA GLY F 213 11.14 23.10 17.52
C GLY F 213 10.81 22.08 18.59
N GLN F 214 9.54 22.05 19.02
CA GLN F 214 9.08 21.07 20.01
C GLN F 214 9.04 19.66 19.43
N LEU F 215 8.55 19.53 18.20
CA LEU F 215 8.44 18.22 17.55
C LEU F 215 9.80 17.59 17.27
N ALA F 216 10.78 18.43 16.91
CA ALA F 216 12.10 17.96 16.52
C ALA F 216 12.94 17.43 17.68
N THR F 217 12.58 17.80 18.92
CA THR F 217 13.39 17.46 20.09
C THR F 217 12.84 16.33 20.97
N VAL F 218 11.63 15.84 20.68
CA VAL F 218 11.08 14.69 21.41
C VAL F 218 11.57 13.39 20.77
N SER F 219 11.23 12.27 21.37
CA SER F 219 11.63 10.95 20.87
C SER F 219 10.94 10.61 19.55
N SER F 220 11.73 10.29 18.53
CA SER F 220 11.18 9.86 17.24
C SER F 220 10.66 8.43 17.28
N PHE F 221 11.15 7.63 18.24
CA PHE F 221 10.52 6.33 18.49
C PHE F 221 9.08 6.55 18.95
N SER F 222 8.90 7.47 19.88
CA SER F 222 7.58 7.77 20.43
C SER F 222 6.61 8.33 19.38
N THR F 223 7.06 9.33 18.62
CA THR F 223 6.16 10.00 17.67
C THR F 223 5.69 9.03 16.58
N GLN F 224 6.60 8.19 16.10
CA GLN F 224 6.25 7.23 15.05
C GLN F 224 5.28 6.16 15.56
N ALA F 225 5.52 5.66 16.76
CA ALA F 225 4.65 4.64 17.36
C ALA F 225 3.28 5.22 17.70
N ILE F 226 3.25 6.41 18.30
CA ILE F 226 1.99 7.07 18.64
C ILE F 226 1.20 7.39 17.37
N LYS F 227 1.88 7.85 16.32
CA LYS F 227 1.20 8.18 15.07
C LYS F 227 0.49 6.95 14.50
N SER F 228 1.16 5.79 14.57
CA SER F 228 0.56 4.53 14.15
C SER F 228 -0.65 4.16 14.99
N PHE F 229 -0.58 4.36 16.30
CA PHE F 229 -1.73 4.12 17.19
C PHE F 229 -2.92 5.00 16.80
N VAL F 230 -2.66 6.27 16.53
CA VAL F 230 -3.75 7.16 16.13
C VAL F 230 -4.40 6.65 14.84
N ARG F 231 -3.59 6.24 13.87
CA ARG F 231 -4.10 5.71 12.61
C ARG F 231 -4.93 4.42 12.81
N ARG F 232 -4.48 3.54 13.71
CA ARG F 232 -5.25 2.34 14.05
C ARG F 232 -6.63 2.72 14.61
N VAL F 233 -6.66 3.70 15.50
CA VAL F 233 -7.93 4.19 16.04
C VAL F 233 -8.82 4.79 14.95
N LEU F 234 -8.24 5.59 14.05
CA LEU F 234 -9.02 6.18 12.96
C LEU F 234 -9.54 5.11 11.99
N ASP F 235 -8.83 3.99 11.88
CA ASP F 235 -9.26 2.87 11.04
C ASP F 235 -10.21 1.90 11.75
N GLY F 236 -10.60 2.21 12.98
CA GLY F 236 -11.69 1.51 13.66
C GLY F 236 -11.28 0.57 14.77
N GLN F 237 -10.00 0.56 15.15
CA GLN F 237 -9.54 -0.27 16.27
C GLN F 237 -10.12 0.29 17.56
N VAL F 238 -10.78 -0.55 18.35
CA VAL F 238 -11.47 -0.09 19.56
C VAL F 238 -10.77 -0.45 20.86
N ALA F 239 -9.93 -1.48 20.86
CA ALA F 239 -9.25 -1.92 22.08
C ALA F 239 -7.79 -2.28 21.82
N ASP F 240 -7.01 -2.32 22.88
CA ASP F 240 -5.64 -2.84 22.83
C ASP F 240 -5.68 -4.32 22.47
N ASP F 241 -4.76 -4.75 21.60
CA ASP F 241 -4.59 -6.16 21.26
C ASP F 241 -3.14 -6.55 21.49
N ALA F 242 -2.77 -7.79 21.16
CA ALA F 242 -1.42 -8.28 21.40
C ALA F 242 -0.36 -7.36 20.80
N ASP F 243 -0.58 -6.92 19.57
CA ASP F 243 0.39 -6.07 18.87
C ASP F 243 0.59 -4.74 19.58
N SER F 244 -0.49 -4.03 19.87
CA SER F 244 -0.39 -2.72 20.51
C SER F 244 0.22 -2.82 21.92
N LEU F 245 -0.06 -3.91 22.61
CA LEU F 245 0.55 -4.17 23.92
C LEU F 245 2.05 -4.44 23.79
N ARG F 246 2.46 -5.11 22.71
CA ARG F 246 3.88 -5.36 22.43
C ARG F 246 4.62 -4.08 22.08
N VAL F 247 4.00 -3.24 21.25
CA VAL F 247 4.60 -1.96 20.87
C VAL F 247 4.89 -1.13 22.10
N PHE F 248 3.89 -1.00 22.98
CA PHE F 248 4.04 -0.28 24.24
C PHE F 248 5.21 -0.82 25.06
N ALA F 249 5.25 -2.14 25.23
CA ALA F 249 6.32 -2.79 26.00
C ALA F 249 7.70 -2.64 25.36
N SER F 250 7.74 -2.64 24.02
CA SER F 250 9.01 -2.52 23.29
C SER F 250 9.76 -1.22 23.57
N ALA F 251 9.02 -0.16 23.92
CA ALA F 251 9.62 1.13 24.26
C ALA F 251 10.70 1.03 25.35
N PHE F 252 10.43 0.21 26.37
CA PHE F 252 11.35 0.08 27.51
C PHE F 252 12.66 -0.63 27.16
N GLU F 253 12.71 -1.31 26.02
CA GLU F 253 13.93 -1.93 25.50
C GLU F 253 14.70 -1.00 24.56
N GLY F 254 14.15 0.17 24.28
CA GLY F 254 14.68 1.05 23.25
C GLY F 254 15.74 2.03 23.73
N ALA F 255 16.55 2.51 22.79
CA ALA F 255 17.62 3.45 23.10
C ALA F 255 17.09 4.81 23.58
N ASP F 256 15.94 5.23 23.06
CA ASP F 256 15.36 6.52 23.46
C ASP F 256 14.97 6.53 24.95
N PHE F 257 14.40 5.44 25.42
CA PHE F 257 14.05 5.30 26.85
C PHE F 257 15.30 5.35 27.74
N ARG F 258 16.37 4.69 27.31
CA ARG F 258 17.63 4.71 28.05
C ARG F 258 18.21 6.12 28.09
N GLU F 259 18.13 6.83 26.97
CA GLU F 259 18.57 8.23 26.90
C GLU F 259 17.71 9.13 27.78
N GLY F 260 16.39 8.91 27.77
CA GLY F 260 15.46 9.70 28.58
C GLY F 260 15.73 9.58 30.07
N THR F 261 15.88 8.35 30.54
CA THR F 261 16.16 8.08 31.95
C THR F 261 17.59 8.52 32.34
N GLY F 262 18.57 8.17 31.50
CA GLY F 262 19.96 8.53 31.74
C GLY F 262 20.16 10.03 31.85
N ALA F 263 19.55 10.78 30.94
CA ALA F 263 19.62 12.24 30.96
C ALA F 263 19.01 12.82 32.24
N PHE F 264 17.91 12.23 32.70
CA PHE F 264 17.25 12.69 33.92
C PHE F 264 18.14 12.51 35.15
N LEU F 265 18.76 11.34 35.27
CA LEU F 265 19.68 11.06 36.37
C LEU F 265 20.90 11.98 36.34
N GLU F 266 21.36 12.32 35.14
CA GLU F 266 22.49 13.23 34.95
C GLU F 266 22.09 14.71 34.98
N LYS F 267 20.83 15.00 35.28
CA LYS F 267 20.32 16.37 35.42
C LYS F 267 20.57 17.22 34.17
N ARG F 268 20.27 16.66 33.00
CA ARG F 268 20.49 17.34 31.72
C ARG F 268 19.34 17.07 30.74
N PRO F 269 19.19 17.92 29.71
CA PRO F 269 18.17 17.67 28.69
C PRO F 269 18.50 16.45 27.82
N PRO F 270 17.48 15.62 27.50
CA PRO F 270 17.73 14.44 26.66
C PRO F 270 18.00 14.83 25.21
N VAL F 271 18.84 14.04 24.54
CA VAL F 271 19.15 14.27 23.13
C VAL F 271 18.68 13.05 22.32
N PHE F 272 17.47 13.16 21.78
CA PHE F 272 16.88 12.08 21.00
C PHE F 272 17.31 12.23 19.54
#